data_4TUG
#
_entry.id   4TUG
#
_cell.length_a   91.530
_cell.length_b   185.624
_cell.length_c   106.212
_cell.angle_alpha   90.00
_cell.angle_beta   99.86
_cell.angle_gamma   90.00
#
_symmetry.space_group_name_H-M   'P 1 21 1'
#
loop_
_entity.id
_entity.type
_entity.pdbx_description
1 polymer 'DNA double-strand break repair protein Mre11'
2 polymer "DNA (5'-D(P*GP*CP*AP*CP*GP*TP*AP*GP*GP*AP*CP*AP*GP*C)-3')"
3 polymer "DNA (5'-D(P*CP*TP*GP*TP*CP*CP*TP*AP*CP*GP*TP*GP*CP*CP*A)-3')"
4 non-polymer 'MAGNESIUM ION'
5 water water
#
loop_
_entity_poly.entity_id
_entity_poly.type
_entity_poly.pdbx_seq_one_letter_code
_entity_poly.pdbx_strand_id
1 'polypeptide(L)'
;RGSHMMFVHIADNHLGYRQYNLDDREKDIYDSFKLCIKKILEIKPDVVLHSGDLFNDLRPPVKALRIAMQAFKKLHENNI
KVYIVAGNHEMPRRLGEESPLALLKDYVKILDGKDVINVNGEEIFICGTYYHKKSKREEMLDKLKNFESEAKNYKKKILM
LHQGINPYIPLDYELEHFDLPKFSYYALGHIHKRILERFNDGILAYSGSTEIIYRNEYEDYKKEGKGFYLVDFSGNDLDI
SDIEKIDIECREFVEVNIKDKKSFNEAVNKIERCKNKPVVFGKIKREFKPWFDTLKDKILINKAIIVDDEFIDMPDNVDI
ESLNIKELLVDYANRQG
;
C,A,B,D,E,F
2 'polydeoxyribonucleotide' (DG)(DC)(DA)(DC)(DG)(DT)(DA)(DG)(DG)(DA)(DC)(DA)(DG)(DC) G
3 'polydeoxyribonucleotide' (DC)(DT)(DG)(DT)(DC)(DC)(DT)(DA)(DC)(DG)(DT)(DG)(DC)(DC)(DA) H
#
# COMPACT_ATOMS: atom_id res chain seq x y z
N HIS A 4 -52.53 47.58 -8.89
CA HIS A 4 -53.72 46.90 -8.40
C HIS A 4 -53.45 45.41 -8.25
N MET A 5 -52.52 44.92 -9.06
CA MET A 5 -52.14 43.50 -9.06
C MET A 5 -50.67 43.30 -9.38
N MET A 6 -50.05 42.31 -8.75
CA MET A 6 -48.67 41.92 -9.03
C MET A 6 -48.48 40.47 -8.58
N PHE A 7 -47.55 39.76 -9.22
CA PHE A 7 -47.23 38.41 -8.78
C PHE A 7 -45.79 38.02 -9.12
N VAL A 8 -45.29 37.03 -8.39
CA VAL A 8 -43.89 36.64 -8.43
C VAL A 8 -43.68 35.25 -9.04
N HIS A 9 -42.71 35.15 -9.95
CA HIS A 9 -42.38 33.89 -10.59
C HIS A 9 -41.01 33.49 -10.09
N ILE A 10 -40.95 32.42 -9.33
CA ILE A 10 -39.68 31.93 -8.83
C ILE A 10 -39.66 30.45 -9.12
N ALA A 11 -38.48 29.86 -9.16
CA ALA A 11 -38.37 28.41 -9.31
C ALA A 11 -36.96 27.92 -9.04
N ASP A 12 -36.84 26.60 -9.02
CA ASP A 12 -35.55 25.95 -8.92
C ASP A 12 -34.67 26.49 -7.80
N ASN A 13 -35.11 26.40 -6.56
CA ASN A 13 -34.23 26.79 -5.46
C ASN A 13 -33.28 25.66 -5.11
N HIS A 14 -33.72 24.44 -5.38
CA HIS A 14 -32.93 23.26 -5.10
C HIS A 14 -32.46 23.21 -3.66
N LEU A 15 -33.40 23.40 -2.75
CA LEU A 15 -33.10 23.44 -1.33
C LEU A 15 -32.44 22.16 -0.85
N GLY A 16 -31.26 22.33 -0.23
CA GLY A 16 -30.51 21.23 0.34
C GLY A 16 -29.44 20.65 -0.57
N TYR A 17 -29.21 21.27 -1.72
CA TYR A 17 -28.11 20.86 -2.60
C TYR A 17 -26.78 21.19 -1.94
N ARG A 18 -25.82 20.29 -2.07
CA ARG A 18 -24.58 20.44 -1.33
C ARG A 18 -23.35 20.36 -2.25
N GLN A 19 -23.13 21.41 -3.01
CA GLN A 19 -22.10 21.42 -4.03
C GLN A 19 -20.71 21.21 -3.44
N TYR A 20 -19.91 20.42 -4.13
CA TYR A 20 -18.56 20.07 -3.68
C TYR A 20 -18.52 19.48 -2.28
N ASN A 21 -19.64 18.98 -1.77
CA ASN A 21 -19.71 18.47 -0.41
C ASN A 21 -19.28 19.48 0.65
N LEU A 22 -19.44 20.76 0.34
CA LEU A 22 -19.07 21.84 1.24
C LEU A 22 -20.26 22.30 2.08
N ASP A 23 -20.07 22.37 3.40
CA ASP A 23 -21.10 22.92 4.28
C ASP A 23 -21.49 24.34 3.86
N ASP A 24 -20.49 25.15 3.54
CA ASP A 24 -20.71 26.54 3.17
C ASP A 24 -21.66 26.68 2.00
N ARG A 25 -21.61 25.71 1.10
CA ARG A 25 -22.43 25.74 -0.09
C ARG A 25 -23.88 25.40 0.22
N GLU A 26 -24.09 24.36 1.01
CA GLU A 26 -25.44 23.97 1.42
C GLU A 26 -26.08 25.16 2.11
N LYS A 27 -25.29 25.88 2.89
CA LYS A 27 -25.76 27.12 3.52
C LYS A 27 -26.12 28.15 2.48
N ASP A 28 -25.26 28.30 1.47
CA ASP A 28 -25.47 29.29 0.41
C ASP A 28 -26.83 29.13 -0.26
N ILE A 29 -27.19 27.89 -0.59
CA ILE A 29 -28.51 27.60 -1.16
C ILE A 29 -29.64 28.06 -0.23
N TYR A 30 -29.55 27.68 1.04
CA TYR A 30 -30.55 28.10 2.02
C TYR A 30 -30.65 29.62 2.06
N ASP A 31 -29.52 30.29 2.25
CA ASP A 31 -29.48 31.73 2.43
C ASP A 31 -30.13 32.48 1.25
N SER A 32 -29.71 32.13 0.05
CA SER A 32 -30.22 32.81 -1.15
C SER A 32 -31.72 32.62 -1.27
N PHE A 33 -32.20 31.43 -0.91
CA PHE A 33 -33.64 31.17 -0.84
C PHE A 33 -34.31 32.10 0.14
N LYS A 34 -33.79 32.13 1.36
CA LYS A 34 -34.36 32.96 2.41
C LYS A 34 -34.31 34.43 1.99
N LEU A 35 -33.29 34.77 1.22
CA LEU A 35 -33.15 36.13 0.75
C LEU A 35 -34.30 36.49 -0.18
N CYS A 36 -34.63 35.56 -1.08
CA CYS A 36 -35.77 35.75 -1.97
C CYS A 36 -37.04 35.90 -1.19
N ILE A 37 -37.22 35.04 -0.19
CA ILE A 37 -38.44 35.02 0.62
C ILE A 37 -38.58 36.36 1.32
N LYS A 38 -37.47 36.86 1.85
CA LYS A 38 -37.46 38.15 2.50
C LYS A 38 -37.94 39.22 1.53
N LYS A 39 -37.37 39.21 0.33
CA LYS A 39 -37.74 40.19 -0.68
C LYS A 39 -39.19 40.09 -1.13
N ILE A 40 -39.69 38.87 -1.29
CA ILE A 40 -41.10 38.68 -1.65
C ILE A 40 -42.00 39.18 -0.51
N LEU A 41 -41.55 38.98 0.73
CA LEU A 41 -42.30 39.49 1.86
C LEU A 41 -42.27 41.00 1.89
N GLU A 42 -41.16 41.59 1.44
CA GLU A 42 -41.03 43.04 1.38
C GLU A 42 -41.92 43.60 0.29
N ILE A 43 -42.07 42.83 -0.79
CA ILE A 43 -42.86 43.24 -1.94
C ILE A 43 -44.35 43.05 -1.71
N LYS A 44 -44.69 41.96 -1.03
CA LYS A 44 -46.08 41.58 -0.78
C LYS A 44 -46.90 41.55 -2.08
N PRO A 45 -46.54 40.67 -3.01
CA PRO A 45 -47.35 40.55 -4.23
C PRO A 45 -48.62 39.77 -3.93
N ASP A 46 -49.53 39.68 -4.89
CA ASP A 46 -50.79 38.97 -4.64
C ASP A 46 -50.57 37.46 -4.77
N VAL A 47 -49.75 37.07 -5.73
CA VAL A 47 -49.49 35.66 -5.96
C VAL A 47 -47.99 35.36 -6.08
N VAL A 48 -47.61 34.15 -5.72
CA VAL A 48 -46.27 33.65 -6.01
C VAL A 48 -46.41 32.37 -6.79
N LEU A 49 -45.88 32.38 -8.02
CA LEU A 49 -45.85 31.18 -8.85
C LEU A 49 -44.49 30.52 -8.66
N HIS A 50 -44.50 29.29 -8.19
CA HIS A 50 -43.25 28.56 -8.01
C HIS A 50 -43.27 27.38 -8.94
N SER A 51 -42.33 27.37 -9.88
CA SER A 51 -42.36 26.41 -10.98
C SER A 51 -41.58 25.12 -10.71
N GLY A 52 -41.46 24.74 -9.44
CA GLY A 52 -40.85 23.47 -9.08
C GLY A 52 -39.37 23.46 -8.72
N ASP A 53 -38.90 22.28 -8.33
CA ASP A 53 -37.55 22.10 -7.80
C ASP A 53 -37.32 23.04 -6.61
N LEU A 54 -38.31 23.14 -5.75
CA LEU A 54 -38.13 23.87 -4.51
C LEU A 54 -37.05 23.12 -3.73
N PHE A 55 -37.26 21.81 -3.62
CA PHE A 55 -36.27 20.92 -3.02
C PHE A 55 -35.43 20.27 -4.09
N ASN A 56 -34.17 20.00 -3.76
CA ASN A 56 -33.25 19.35 -4.66
C ASN A 56 -33.36 17.83 -4.60
N ASP A 57 -33.88 17.33 -3.50
CA ASP A 57 -33.95 15.89 -3.33
C ASP A 57 -35.37 15.43 -2.93
N LEU A 58 -35.62 14.14 -3.07
CA LEU A 58 -36.95 13.64 -2.79
C LEU A 58 -37.19 13.50 -1.31
N ARG A 59 -36.11 13.24 -0.59
CA ARG A 59 -36.16 13.15 0.85
C ARG A 59 -35.11 14.12 1.38
N PRO A 60 -35.45 15.40 1.45
CA PRO A 60 -34.44 16.43 1.73
C PRO A 60 -34.09 16.46 3.19
N PRO A 61 -32.91 16.99 3.53
CA PRO A 61 -32.50 17.17 4.92
C PRO A 61 -33.54 17.93 5.74
N VAL A 62 -33.53 17.70 7.04
CA VAL A 62 -34.53 18.28 7.92
C VAL A 62 -34.44 19.80 7.90
N LYS A 63 -33.22 20.32 7.83
CA LYS A 63 -32.98 21.76 7.81
C LYS A 63 -33.68 22.39 6.61
N ALA A 64 -33.63 21.71 5.48
CA ALA A 64 -34.27 22.22 4.27
C ALA A 64 -35.80 22.30 4.42
N LEU A 65 -36.40 21.24 4.93
CA LEU A 65 -37.84 21.20 5.17
C LEU A 65 -38.25 22.24 6.18
N ARG A 66 -37.43 22.38 7.23
CA ARG A 66 -37.67 23.36 8.27
C ARG A 66 -37.73 24.73 7.61
N ILE A 67 -36.73 25.07 6.80
CA ILE A 67 -36.70 26.38 6.14
C ILE A 67 -37.87 26.58 5.16
N ALA A 68 -38.13 25.58 4.32
CA ALA A 68 -39.21 25.68 3.35
C ALA A 68 -40.53 25.91 4.04
N MET A 69 -40.84 25.07 5.03
CA MET A 69 -42.11 25.17 5.73
C MET A 69 -42.19 26.50 6.47
N GLN A 70 -41.06 26.90 7.04
CA GLN A 70 -40.96 28.15 7.78
C GLN A 70 -41.32 29.31 6.87
N ALA A 71 -40.71 29.30 5.68
CA ALA A 71 -40.87 30.34 4.67
C ALA A 71 -42.30 30.48 4.14
N PHE A 72 -42.86 29.37 3.66
CA PHE A 72 -44.18 29.42 3.03
C PHE A 72 -45.31 29.64 4.03
N LYS A 73 -45.09 29.29 5.29
CA LYS A 73 -46.02 29.65 6.34
C LYS A 73 -46.05 31.17 6.43
N LYS A 74 -44.87 31.78 6.49
CA LYS A 74 -44.74 33.23 6.54
C LYS A 74 -45.40 33.93 5.37
N LEU A 75 -45.43 33.27 4.21
CA LEU A 75 -46.07 33.84 3.05
C LEU A 75 -47.59 33.72 3.13
N HIS A 76 -48.04 32.56 3.60
CA HIS A 76 -49.47 32.28 3.65
C HIS A 76 -50.09 33.13 4.74
N GLU A 77 -49.30 33.43 5.76
CA GLU A 77 -49.78 34.28 6.83
C GLU A 77 -49.85 35.74 6.41
N ASN A 78 -49.14 36.09 5.35
CA ASN A 78 -49.21 37.43 4.79
C ASN A 78 -50.16 37.55 3.61
N ASN A 79 -51.15 36.66 3.56
CA ASN A 79 -52.14 36.65 2.49
C ASN A 79 -51.55 36.73 1.09
N ILE A 80 -50.42 36.06 0.92
CA ILE A 80 -49.84 35.92 -0.40
C ILE A 80 -50.15 34.51 -0.86
N LYS A 81 -50.95 34.38 -1.92
CA LYS A 81 -51.27 33.05 -2.40
C LYS A 81 -50.15 32.48 -3.23
N VAL A 82 -49.87 31.20 -3.02
CA VAL A 82 -48.75 30.53 -3.67
C VAL A 82 -49.23 29.30 -4.42
N TYR A 83 -48.84 29.21 -5.68
CA TYR A 83 -49.09 28.03 -6.50
C TYR A 83 -47.77 27.37 -6.81
N ILE A 84 -47.77 26.05 -6.82
CA ILE A 84 -46.57 25.30 -7.15
C ILE A 84 -46.89 24.08 -8.03
N VAL A 85 -45.93 23.72 -8.89
CA VAL A 85 -45.99 22.46 -9.61
C VAL A 85 -44.75 21.67 -9.23
N ALA A 86 -44.89 20.36 -9.08
CA ALA A 86 -43.77 19.55 -8.64
C ALA A 86 -42.74 19.39 -9.75
N GLY A 87 -41.49 19.68 -9.42
CA GLY A 87 -40.38 19.53 -10.35
C GLY A 87 -39.87 18.12 -10.44
N ASN A 88 -38.88 17.90 -11.31
CA ASN A 88 -38.32 16.58 -11.51
C ASN A 88 -37.85 15.97 -10.19
N HIS A 89 -37.21 16.80 -9.37
CA HIS A 89 -36.59 16.34 -8.13
C HIS A 89 -37.63 15.99 -7.07
N GLU A 90 -38.82 16.57 -7.18
CA GLU A 90 -39.87 16.41 -6.17
C GLU A 90 -40.89 15.32 -6.49
N MET A 91 -40.65 14.60 -7.58
CA MET A 91 -41.58 13.58 -8.05
C MET A 91 -41.23 12.21 -7.48
N PRO A 92 -42.15 11.60 -6.74
CA PRO A 92 -41.96 10.27 -6.18
C PRO A 92 -41.70 9.24 -7.26
N ARG A 93 -40.97 8.19 -6.90
CA ARG A 93 -40.57 7.15 -7.82
C ARG A 93 -41.27 5.83 -7.49
N ARG A 94 -41.29 5.47 -6.21
CA ARG A 94 -42.05 4.30 -5.75
C ARG A 94 -43.53 4.61 -5.58
N LEU A 95 -44.39 3.61 -5.77
CA LEU A 95 -45.82 3.80 -5.60
C LEU A 95 -46.20 3.98 -4.15
N GLY A 96 -46.83 5.12 -3.87
CA GLY A 96 -47.26 5.50 -2.53
C GLY A 96 -46.33 6.52 -1.90
N GLU A 97 -45.14 6.66 -2.49
CA GLU A 97 -44.14 7.60 -2.04
C GLU A 97 -44.67 9.02 -2.19
N GLU A 98 -44.37 9.88 -1.21
CA GLU A 98 -44.86 11.26 -1.17
C GLU A 98 -43.82 12.31 -1.54
N SER A 99 -44.27 13.41 -2.13
CA SER A 99 -43.39 14.51 -2.48
C SER A 99 -43.09 15.32 -1.24
N PRO A 100 -41.87 15.87 -1.14
CA PRO A 100 -41.60 16.74 0.01
C PRO A 100 -42.48 18.00 -0.06
N LEU A 101 -42.99 18.32 -1.25
CA LEU A 101 -43.98 19.41 -1.38
C LEU A 101 -45.23 19.19 -0.55
N ALA A 102 -45.55 17.92 -0.28
CA ALA A 102 -46.72 17.59 0.52
C ALA A 102 -46.67 18.23 1.91
N LEU A 103 -45.46 18.48 2.40
CA LEU A 103 -45.32 19.14 3.69
C LEU A 103 -45.78 20.58 3.67
N LEU A 104 -46.02 21.12 2.48
CA LEU A 104 -46.37 22.53 2.37
C LEU A 104 -47.83 22.68 2.08
N LYS A 105 -48.54 21.55 2.11
CA LYS A 105 -49.96 21.45 1.75
C LYS A 105 -50.84 22.57 2.32
N ASP A 106 -50.51 23.03 3.53
CA ASP A 106 -51.35 23.99 4.23
C ASP A 106 -51.02 25.44 3.92
N TYR A 107 -49.93 25.66 3.20
CA TYR A 107 -49.53 27.02 2.87
C TYR A 107 -49.54 27.24 1.38
N VAL A 108 -49.60 26.14 0.63
CA VAL A 108 -49.40 26.20 -0.82
C VAL A 108 -50.37 25.31 -1.59
N LYS A 109 -50.80 25.81 -2.75
CA LYS A 109 -51.65 25.07 -3.68
C LYS A 109 -50.77 24.35 -4.70
N ILE A 110 -50.77 23.01 -4.64
CA ILE A 110 -50.07 22.22 -5.65
C ILE A 110 -50.96 22.03 -6.87
N LEU A 111 -50.47 22.44 -8.04
CA LEU A 111 -51.30 22.47 -9.25
C LEU A 111 -51.25 21.21 -10.08
N ASP A 112 -52.41 20.62 -10.34
CA ASP A 112 -52.48 19.58 -11.34
C ASP A 112 -53.81 19.68 -12.05
N GLY A 113 -54.10 20.91 -12.51
CA GLY A 113 -55.33 21.22 -13.20
C GLY A 113 -55.51 22.72 -13.30
N LYS A 114 -56.76 23.17 -13.34
CA LYS A 114 -57.06 24.59 -13.50
C LYS A 114 -57.38 25.19 -12.15
N ASP A 115 -57.39 26.51 -12.10
CA ASP A 115 -57.91 27.22 -10.95
C ASP A 115 -58.08 28.66 -11.38
N VAL A 116 -59.22 29.25 -11.06
CA VAL A 116 -59.43 30.63 -11.42
C VAL A 116 -59.33 31.46 -10.15
N ILE A 117 -58.35 32.34 -10.08
CA ILE A 117 -58.19 33.13 -8.87
C ILE A 117 -58.70 34.55 -9.03
N ASN A 118 -59.54 34.95 -8.09
CA ASN A 118 -60.06 36.30 -8.07
C ASN A 118 -59.16 37.16 -7.21
N VAL A 119 -58.56 38.16 -7.83
CA VAL A 119 -57.75 39.15 -7.13
C VAL A 119 -58.56 40.43 -7.02
N ASN A 120 -57.93 41.46 -6.48
CA ASN A 120 -58.55 42.78 -6.39
C ASN A 120 -58.26 43.64 -7.62
N GLY A 121 -59.25 43.83 -8.48
CA GLY A 121 -60.57 43.21 -8.29
C GLY A 121 -60.89 42.32 -9.48
N GLU A 122 -59.87 41.68 -10.03
CA GLU A 122 -60.02 40.94 -11.28
C GLU A 122 -60.10 39.44 -11.07
N GLU A 123 -60.45 38.73 -12.14
CA GLU A 123 -60.56 37.28 -12.10
C GLU A 123 -59.63 36.67 -13.14
N ILE A 124 -58.66 35.90 -12.68
CA ILE A 124 -57.58 35.44 -13.54
C ILE A 124 -57.28 33.93 -13.39
N PHE A 125 -57.07 33.27 -14.53
CA PHE A 125 -57.06 31.81 -14.67
C PHE A 125 -55.66 31.24 -14.57
N ILE A 126 -55.50 30.23 -13.73
CA ILE A 126 -54.22 29.52 -13.62
C ILE A 126 -54.42 28.04 -13.88
N CYS A 127 -53.51 27.45 -14.65
CA CYS A 127 -53.48 26.01 -14.80
C CYS A 127 -52.04 25.53 -14.83
N GLY A 128 -51.82 24.29 -14.43
CA GLY A 128 -50.49 23.76 -14.44
C GLY A 128 -50.48 22.28 -14.17
N THR A 129 -49.31 21.68 -14.30
CA THR A 129 -49.16 20.28 -13.96
C THR A 129 -47.71 19.93 -13.62
N TYR A 130 -47.54 18.83 -12.89
CA TYR A 130 -46.24 18.35 -12.46
C TYR A 130 -45.35 17.97 -13.61
N TYR A 131 -44.10 17.64 -13.29
CA TYR A 131 -43.14 17.24 -14.30
C TYR A 131 -43.49 15.91 -14.93
N HIS A 132 -43.74 15.94 -16.24
CA HIS A 132 -43.93 14.72 -17.01
C HIS A 132 -42.69 14.45 -17.84
N LYS A 133 -42.47 13.18 -18.17
CA LYS A 133 -41.31 12.77 -18.92
C LYS A 133 -41.51 13.00 -20.42
N LYS A 134 -40.40 12.98 -21.16
CA LYS A 134 -40.43 12.94 -22.62
C LYS A 134 -41.28 11.75 -23.05
N SER A 135 -41.14 10.64 -22.33
CA SER A 135 -41.90 9.42 -22.59
C SER A 135 -43.41 9.66 -22.63
N LYS A 136 -43.89 10.56 -21.78
CA LYS A 136 -45.32 10.78 -21.61
C LYS A 136 -45.79 12.08 -22.26
N ARG A 137 -45.08 12.55 -23.28
CA ARG A 137 -45.45 13.79 -23.96
C ARG A 137 -46.86 13.74 -24.54
N GLU A 138 -47.23 12.60 -25.11
CA GLU A 138 -48.56 12.38 -25.66
C GLU A 138 -49.61 12.67 -24.59
N GLU A 139 -49.44 12.06 -23.43
CA GLU A 139 -50.28 12.29 -22.25
C GLU A 139 -50.51 13.78 -22.06
N MET A 140 -49.41 14.51 -22.12
CA MET A 140 -49.36 15.94 -21.81
C MET A 140 -50.15 16.80 -22.80
N LEU A 141 -50.10 16.42 -24.07
CA LEU A 141 -50.74 17.20 -25.11
C LEU A 141 -52.24 17.32 -24.86
N ASP A 142 -52.86 16.19 -24.53
CA ASP A 142 -54.27 16.17 -24.15
C ASP A 142 -54.52 17.08 -22.96
N LYS A 143 -53.69 16.95 -21.94
CA LYS A 143 -53.77 17.78 -20.74
C LYS A 143 -53.66 19.25 -21.12
N LEU A 144 -52.68 19.56 -21.97
CA LEU A 144 -52.45 20.95 -22.39
C LEU A 144 -53.61 21.50 -23.18
N LYS A 145 -54.17 20.70 -24.08
CA LYS A 145 -55.30 21.16 -24.89
C LYS A 145 -56.51 21.41 -24.01
N ASN A 146 -56.71 20.59 -22.99
CA ASN A 146 -57.82 20.76 -22.06
C ASN A 146 -57.70 22.05 -21.27
N PHE A 147 -56.46 22.51 -21.12
CA PHE A 147 -56.17 23.76 -20.45
C PHE A 147 -56.57 24.93 -21.35
N GLU A 148 -56.23 24.83 -22.63
CA GLU A 148 -56.56 25.84 -23.63
C GLU A 148 -58.07 25.99 -23.75
N SER A 149 -58.75 24.84 -23.74
CA SER A 149 -60.20 24.77 -23.79
C SER A 149 -60.87 25.60 -22.69
N GLU A 150 -60.47 25.38 -21.44
CA GLU A 150 -61.09 26.04 -20.30
C GLU A 150 -60.60 27.47 -20.14
N ALA A 151 -59.65 27.87 -20.97
CA ALA A 151 -59.05 29.20 -20.90
C ALA A 151 -59.46 30.08 -22.07
N LYS A 152 -60.25 29.51 -22.97
CA LYS A 152 -60.74 30.19 -24.17
C LYS A 152 -61.30 31.57 -23.85
N ASN A 153 -62.18 31.64 -22.86
CA ASN A 153 -62.88 32.86 -22.49
C ASN A 153 -62.23 33.72 -21.41
N TYR A 154 -60.98 33.45 -21.07
CA TYR A 154 -60.33 34.22 -20.01
C TYR A 154 -59.35 35.22 -20.59
N LYS A 155 -59.30 36.40 -20.00
CA LYS A 155 -58.48 37.46 -20.58
C LYS A 155 -57.06 37.26 -20.10
N LYS A 156 -56.93 37.04 -18.80
CA LYS A 156 -55.64 36.87 -18.17
C LYS A 156 -55.45 35.41 -17.77
N LYS A 157 -54.61 34.70 -18.51
CA LYS A 157 -54.48 33.26 -18.31
C LYS A 157 -53.00 32.89 -18.17
N ILE A 158 -52.66 32.24 -17.08
CA ILE A 158 -51.28 31.87 -16.81
C ILE A 158 -51.12 30.35 -16.82
N LEU A 159 -50.07 29.87 -17.48
CA LEU A 159 -49.76 28.45 -17.51
C LEU A 159 -48.48 28.15 -16.73
N MET A 160 -48.54 27.17 -15.83
CA MET A 160 -47.37 26.77 -15.03
C MET A 160 -46.87 25.37 -15.42
N LEU A 161 -45.59 25.27 -15.76
CA LEU A 161 -45.03 23.99 -16.16
C LEU A 161 -43.59 23.82 -15.68
N HIS A 162 -43.14 22.57 -15.48
CA HIS A 162 -41.74 22.34 -15.14
C HIS A 162 -41.11 21.42 -16.17
N GLN A 163 -40.85 21.95 -17.36
CA GLN A 163 -40.29 21.15 -18.43
C GLN A 163 -39.30 22.01 -19.19
N GLY A 164 -38.56 21.37 -20.10
CA GLY A 164 -37.69 22.06 -21.04
C GLY A 164 -38.36 22.15 -22.39
N ILE A 165 -38.34 23.33 -23.00
CA ILE A 165 -38.95 23.52 -24.32
C ILE A 165 -37.86 23.59 -25.42
N ASN A 166 -38.11 22.93 -26.55
CA ASN A 166 -37.07 22.57 -27.54
C ASN A 166 -36.03 23.61 -28.01
N PRO A 167 -36.46 24.84 -28.34
CA PRO A 167 -35.44 25.83 -28.68
C PRO A 167 -34.57 26.20 -27.47
N TYR A 168 -35.19 26.37 -26.31
CA TYR A 168 -34.51 26.82 -25.09
C TYR A 168 -33.56 25.80 -24.44
N ILE A 169 -33.60 24.57 -24.93
CA ILE A 169 -32.80 23.49 -24.36
C ILE A 169 -32.57 22.38 -25.39
N PRO A 170 -31.40 22.38 -26.02
CA PRO A 170 -30.96 21.47 -27.10
C PRO A 170 -31.47 20.04 -26.98
N LEU A 171 -30.78 19.23 -26.19
CA LEU A 171 -31.20 17.86 -25.94
C LEU A 171 -30.72 17.52 -24.53
N ASP A 172 -31.63 17.04 -23.68
CA ASP A 172 -32.99 16.75 -24.10
C ASP A 172 -34.02 17.79 -23.62
N TYR A 173 -35.25 17.59 -24.06
CA TYR A 173 -36.37 18.47 -23.76
C TYR A 173 -37.59 17.57 -23.84
N GLU A 174 -38.66 17.92 -23.16
CA GLU A 174 -39.85 17.09 -23.20
C GLU A 174 -40.86 17.63 -24.19
N LEU A 175 -40.91 18.95 -24.33
CA LEU A 175 -41.87 19.59 -25.23
C LEU A 175 -41.22 20.46 -26.29
N GLU A 176 -41.91 20.60 -27.42
CA GLU A 176 -41.55 21.52 -28.49
C GLU A 176 -42.26 22.85 -28.26
N HIS A 177 -41.69 23.96 -28.73
CA HIS A 177 -42.32 25.27 -28.45
C HIS A 177 -43.74 25.42 -29.01
N PHE A 178 -44.04 24.72 -30.11
CA PHE A 178 -45.35 24.78 -30.73
C PHE A 178 -46.34 23.85 -30.05
N ASP A 179 -45.95 23.30 -28.91
CA ASP A 179 -46.81 22.39 -28.18
C ASP A 179 -47.77 23.12 -27.23
N LEU A 180 -47.32 24.26 -26.73
CA LEU A 180 -48.12 24.95 -25.73
C LEU A 180 -48.95 26.10 -26.32
N PRO A 181 -50.23 26.18 -25.93
CA PRO A 181 -51.30 27.11 -26.29
C PRO A 181 -51.04 28.57 -25.92
N LYS A 182 -51.88 29.48 -26.41
CA LYS A 182 -51.78 30.89 -26.08
C LYS A 182 -52.13 31.16 -24.62
N PHE A 183 -51.16 31.69 -23.89
CA PHE A 183 -51.37 32.15 -22.53
C PHE A 183 -50.72 33.52 -22.36
N SER A 184 -51.17 34.27 -21.37
CA SER A 184 -50.63 35.60 -21.13
C SER A 184 -49.19 35.46 -20.63
N TYR A 185 -48.97 34.52 -19.73
CA TYR A 185 -47.65 34.29 -19.14
C TYR A 185 -47.35 32.81 -18.99
N TYR A 186 -46.15 32.41 -19.41
CA TYR A 186 -45.71 31.02 -19.23
C TYR A 186 -44.72 30.87 -18.06
N ALA A 187 -45.25 30.48 -16.89
CA ALA A 187 -44.40 30.28 -15.73
C ALA A 187 -43.69 28.92 -15.80
N LEU A 188 -42.46 28.91 -16.29
CA LEU A 188 -41.76 27.66 -16.58
C LEU A 188 -40.61 27.47 -15.60
N GLY A 189 -40.06 26.27 -15.48
CA GLY A 189 -39.02 26.13 -14.48
C GLY A 189 -37.77 25.31 -14.65
N HIS A 190 -37.86 24.18 -15.35
CA HIS A 190 -36.72 23.24 -15.40
C HIS A 190 -35.35 23.72 -15.93
N ILE A 191 -35.28 24.95 -16.44
CA ILE A 191 -34.03 25.46 -17.02
C ILE A 191 -33.41 26.56 -16.18
N HIS A 192 -32.19 26.32 -15.72
CA HIS A 192 -31.56 27.14 -14.69
C HIS A 192 -30.99 28.48 -15.16
N LYS A 193 -31.13 28.79 -16.44
CA LYS A 193 -30.77 30.14 -16.89
C LYS A 193 -32.03 31.00 -17.02
N ARG A 194 -31.84 32.31 -16.86
CA ARG A 194 -32.94 33.28 -16.91
C ARG A 194 -33.43 33.47 -18.33
N ILE A 195 -34.70 33.21 -18.56
CA ILE A 195 -35.24 33.38 -19.89
C ILE A 195 -36.53 34.17 -19.83
N LEU A 196 -36.55 35.31 -20.50
CA LEU A 196 -37.77 36.11 -20.60
C LEU A 196 -37.84 36.62 -22.02
N GLU A 197 -38.93 36.30 -22.71
CA GLU A 197 -39.12 36.77 -24.07
C GLU A 197 -40.52 36.54 -24.60
N ARG A 198 -40.93 37.32 -25.58
CA ARG A 198 -42.25 37.16 -26.17
C ARG A 198 -42.38 35.80 -26.83
N PHE A 199 -43.61 35.29 -26.85
CA PHE A 199 -43.90 33.94 -27.28
C PHE A 199 -45.40 33.82 -27.56
N ASN A 200 -45.74 33.11 -28.63
CA ASN A 200 -47.11 33.05 -29.13
C ASN A 200 -47.63 34.47 -29.22
N ASP A 201 -48.64 34.77 -28.43
CA ASP A 201 -49.11 36.15 -28.36
C ASP A 201 -49.08 36.52 -26.90
N GLY A 202 -47.90 36.41 -26.32
CA GLY A 202 -47.73 36.58 -24.89
C GLY A 202 -46.28 36.53 -24.47
N ILE A 203 -46.03 36.08 -23.25
CA ILE A 203 -44.67 36.14 -22.75
C ILE A 203 -44.24 34.93 -21.89
N LEU A 204 -43.19 34.28 -22.37
CA LEU A 204 -42.70 33.02 -21.80
C LEU A 204 -41.53 33.30 -20.87
N ALA A 205 -41.47 32.58 -19.76
CA ALA A 205 -40.43 32.84 -18.79
C ALA A 205 -39.89 31.64 -18.00
N TYR A 206 -38.57 31.59 -17.87
CA TYR A 206 -37.90 30.73 -16.92
C TYR A 206 -37.27 31.60 -15.84
N SER A 207 -37.69 31.39 -14.59
CA SER A 207 -37.21 32.18 -13.46
C SER A 207 -35.73 31.93 -13.22
N GLY A 208 -35.28 30.74 -13.59
CA GLY A 208 -33.88 30.38 -13.40
C GLY A 208 -33.59 30.02 -11.95
N SER A 209 -32.51 29.29 -11.73
CA SER A 209 -32.11 28.88 -10.39
C SER A 209 -31.76 30.08 -9.52
N THR A 210 -31.88 29.93 -8.20
CA THR A 210 -31.66 31.04 -7.26
C THR A 210 -30.24 31.04 -6.69
N GLU A 211 -29.40 30.15 -7.21
CA GLU A 211 -28.00 30.09 -6.86
C GLU A 211 -27.28 29.27 -7.92
N ILE A 212 -25.95 29.34 -7.95
CA ILE A 212 -25.21 28.60 -8.95
C ILE A 212 -25.21 27.12 -8.56
N ILE A 213 -26.16 26.40 -9.13
CA ILE A 213 -26.37 24.99 -8.81
C ILE A 213 -25.44 24.06 -9.57
N TYR A 214 -25.52 24.11 -10.90
CA TYR A 214 -24.73 23.26 -11.79
C TYR A 214 -23.63 24.01 -12.54
N ARG A 215 -22.74 23.24 -13.15
CA ARG A 215 -21.49 23.74 -13.68
C ARG A 215 -21.63 24.80 -14.78
N ASN A 216 -22.80 24.90 -15.39
CA ASN A 216 -22.98 25.83 -16.50
C ASN A 216 -23.18 27.29 -16.10
N GLU A 217 -23.99 27.48 -15.08
CA GLU A 217 -24.60 28.76 -14.74
C GLU A 217 -23.66 29.94 -14.47
N TYR A 218 -22.35 29.73 -14.63
CA TYR A 218 -21.38 30.76 -14.28
C TYR A 218 -21.61 32.07 -15.03
N GLU A 219 -21.79 32.00 -16.34
CA GLU A 219 -21.83 33.21 -17.16
C GLU A 219 -23.19 33.90 -17.09
N ASP A 220 -24.26 33.12 -16.85
CA ASP A 220 -25.58 33.69 -16.73
C ASP A 220 -25.67 34.42 -15.40
N TYR A 221 -24.78 34.07 -14.47
CA TYR A 221 -24.67 34.79 -13.21
C TYR A 221 -24.20 36.23 -13.44
N LYS A 222 -23.14 36.40 -14.24
CA LYS A 222 -22.65 37.74 -14.54
C LYS A 222 -23.53 38.46 -15.56
N LYS A 223 -24.07 37.69 -16.49
CA LYS A 223 -24.78 38.25 -17.64
C LYS A 223 -26.26 38.54 -17.37
N GLU A 224 -26.94 37.66 -16.63
CA GLU A 224 -28.36 37.87 -16.32
C GLU A 224 -28.61 38.06 -14.83
N GLY A 225 -27.79 37.44 -14.00
CA GLY A 225 -27.98 37.51 -12.56
C GLY A 225 -29.02 36.49 -12.12
N LYS A 226 -28.87 35.95 -10.91
CA LYS A 226 -29.82 34.97 -10.42
C LYS A 226 -30.84 35.59 -9.45
N GLY A 227 -32.05 35.03 -9.44
CA GLY A 227 -33.10 35.53 -8.56
C GLY A 227 -34.48 35.07 -8.99
N PHE A 228 -35.39 36.02 -9.18
CA PHE A 228 -36.74 35.73 -9.67
C PHE A 228 -37.38 36.90 -10.40
N TYR A 229 -38.50 36.64 -11.05
CA TYR A 229 -39.23 37.67 -11.80
C TYR A 229 -40.40 38.21 -11.02
N LEU A 230 -40.71 39.48 -11.25
CA LEU A 230 -41.86 40.13 -10.67
C LEU A 230 -42.71 40.77 -11.78
N VAL A 231 -43.75 40.06 -12.17
CA VAL A 231 -44.66 40.50 -13.22
C VAL A 231 -45.72 41.32 -12.54
N ASP A 232 -46.18 42.42 -13.15
CA ASP A 232 -47.21 43.20 -12.49
C ASP A 232 -48.61 42.80 -12.94
N PHE A 233 -48.81 42.68 -14.26
CA PHE A 233 -50.09 42.24 -14.80
C PHE A 233 -51.23 43.13 -14.31
N SER A 234 -50.98 44.43 -14.24
CA SER A 234 -51.98 45.37 -13.75
C SER A 234 -53.01 45.71 -14.82
N GLY A 235 -52.52 46.11 -15.99
CA GLY A 235 -53.38 46.45 -17.10
C GLY A 235 -53.94 45.23 -17.81
N ASN A 236 -54.68 45.47 -18.90
CA ASN A 236 -55.29 44.40 -19.68
C ASN A 236 -54.24 43.66 -20.52
N ASP A 237 -53.17 44.37 -20.86
CA ASP A 237 -52.06 43.77 -21.60
C ASP A 237 -50.83 43.59 -20.73
N LEU A 238 -50.02 42.59 -21.06
CA LEU A 238 -48.70 42.47 -20.44
C LEU A 238 -47.59 42.29 -21.47
N ASP A 239 -46.49 42.99 -21.24
CA ASP A 239 -45.37 42.97 -22.15
C ASP A 239 -44.12 42.86 -21.29
N ILE A 240 -42.96 42.68 -21.91
CA ILE A 240 -41.72 42.61 -21.15
C ILE A 240 -41.59 43.89 -20.30
N SER A 241 -42.00 45.01 -20.85
CA SER A 241 -41.93 46.31 -20.19
C SER A 241 -42.47 46.33 -18.75
N ASP A 242 -43.43 45.46 -18.46
CA ASP A 242 -43.97 45.40 -17.10
C ASP A 242 -43.47 44.20 -16.30
N ILE A 243 -42.24 43.77 -16.60
CA ILE A 243 -41.61 42.67 -15.85
C ILE A 243 -40.23 43.03 -15.30
N GLU A 244 -40.11 43.08 -13.98
CA GLU A 244 -38.86 43.39 -13.30
C GLU A 244 -38.10 42.14 -12.94
N LYS A 245 -36.77 42.20 -13.02
CA LYS A 245 -35.98 41.07 -12.55
C LYS A 245 -35.36 41.41 -11.18
N ILE A 246 -35.76 40.67 -10.15
CA ILE A 246 -35.19 40.85 -8.83
C ILE A 246 -33.93 40.01 -8.74
N ASP A 247 -32.80 40.67 -8.52
CA ASP A 247 -31.54 39.95 -8.44
C ASP A 247 -31.28 39.58 -6.99
N ILE A 248 -30.40 38.60 -6.77
CA ILE A 248 -30.10 38.13 -5.43
C ILE A 248 -28.59 37.90 -5.28
N GLU A 249 -28.01 38.46 -4.25
CA GLU A 249 -26.59 38.26 -4.00
C GLU A 249 -26.37 36.81 -3.63
N CYS A 250 -25.45 36.15 -4.31
CA CYS A 250 -25.09 34.78 -3.94
C CYS A 250 -23.62 34.50 -4.14
N ARG A 251 -23.16 33.31 -3.73
CA ARG A 251 -21.74 32.97 -3.70
C ARG A 251 -21.06 33.33 -5.00
N GLU A 252 -19.99 34.12 -4.92
CA GLU A 252 -19.36 34.55 -6.15
C GLU A 252 -18.39 33.53 -6.70
N PHE A 253 -18.37 33.41 -8.02
CA PHE A 253 -17.45 32.51 -8.68
C PHE A 253 -16.58 33.37 -9.56
N VAL A 254 -15.26 33.25 -9.39
CA VAL A 254 -14.34 33.94 -10.29
C VAL A 254 -13.64 32.88 -11.14
N GLU A 255 -13.64 33.12 -12.45
CA GLU A 255 -12.94 32.24 -13.37
C GLU A 255 -11.55 32.80 -13.60
N VAL A 256 -10.55 31.93 -13.58
CA VAL A 256 -9.17 32.37 -13.77
C VAL A 256 -8.46 31.60 -14.88
N ASN A 257 -7.51 32.28 -15.51
CA ASN A 257 -6.61 31.66 -16.48
C ASN A 257 -5.19 32.25 -16.31
N ILE A 258 -4.55 31.82 -15.24
CA ILE A 258 -3.25 32.36 -14.84
C ILE A 258 -2.14 31.73 -15.67
N LYS A 259 -1.54 32.53 -16.55
CA LYS A 259 -0.46 32.06 -17.39
C LYS A 259 0.76 32.98 -17.35
N ASP A 260 0.57 34.22 -16.92
CA ASP A 260 1.68 35.18 -16.81
C ASP A 260 1.55 36.05 -15.57
N LYS A 261 2.40 37.07 -15.44
CA LYS A 261 2.30 37.95 -14.27
C LYS A 261 0.99 38.71 -14.26
N LYS A 262 0.59 39.16 -15.45
CA LYS A 262 -0.66 39.89 -15.61
C LYS A 262 -1.86 39.06 -15.18
N SER A 263 -2.05 37.90 -15.82
CA SER A 263 -3.20 37.04 -15.54
C SER A 263 -3.22 36.60 -14.08
N PHE A 264 -2.05 36.52 -13.45
CA PHE A 264 -1.99 36.24 -12.02
C PHE A 264 -2.57 37.40 -11.22
N ASN A 265 -2.15 38.61 -11.56
CA ASN A 265 -2.65 39.78 -10.84
C ASN A 265 -4.13 40.05 -11.09
N GLU A 266 -4.58 39.82 -12.31
CA GLU A 266 -5.98 39.96 -12.66
C GLU A 266 -6.80 39.01 -11.81
N ALA A 267 -6.25 37.83 -11.57
CA ALA A 267 -6.88 36.85 -10.71
C ALA A 267 -6.97 37.39 -9.31
N VAL A 268 -5.86 37.88 -8.77
CA VAL A 268 -5.88 38.35 -7.39
C VAL A 268 -6.83 39.54 -7.24
N ASN A 269 -6.87 40.43 -8.23
CA ASN A 269 -7.79 41.56 -8.19
C ASN A 269 -9.23 41.08 -8.12
N LYS A 270 -9.60 40.17 -9.01
CA LYS A 270 -10.94 39.63 -9.03
C LYS A 270 -11.30 38.99 -7.69
N ILE A 271 -10.33 38.30 -7.10
CA ILE A 271 -10.54 37.66 -5.81
C ILE A 271 -10.62 38.66 -4.67
N GLU A 272 -9.75 39.67 -4.68
CA GLU A 272 -9.78 40.66 -3.62
C GLU A 272 -11.10 41.44 -3.67
N ARG A 273 -11.60 41.64 -4.88
CA ARG A 273 -12.78 42.49 -5.11
C ARG A 273 -14.09 41.82 -4.68
N CYS A 274 -14.03 40.53 -4.40
CA CYS A 274 -15.20 39.75 -4.00
C CYS A 274 -15.64 40.16 -2.60
N LYS A 275 -16.95 40.29 -2.39
CA LYS A 275 -17.45 40.64 -1.06
C LYS A 275 -17.37 39.44 -0.14
N ASN A 276 -17.65 38.27 -0.69
CA ASN A 276 -17.61 37.03 0.07
C ASN A 276 -16.70 35.99 -0.59
N LYS A 277 -15.90 35.32 0.23
CA LYS A 277 -14.89 34.36 -0.22
C LYS A 277 -15.35 33.45 -1.37
N PRO A 278 -14.80 33.69 -2.56
CA PRO A 278 -15.29 33.12 -3.83
C PRO A 278 -14.87 31.68 -4.12
N VAL A 279 -15.62 31.05 -5.01
CA VAL A 279 -15.24 29.78 -5.59
C VAL A 279 -14.46 30.10 -6.85
N VAL A 280 -13.20 29.71 -6.88
CA VAL A 280 -12.34 29.99 -8.02
C VAL A 280 -12.22 28.75 -8.93
N PHE A 281 -12.31 28.95 -10.23
CA PHE A 281 -12.18 27.85 -11.19
C PHE A 281 -11.55 28.35 -12.49
N GLY A 282 -11.18 27.40 -13.34
CA GLY A 282 -10.52 27.74 -14.59
C GLY A 282 -9.19 27.05 -14.65
N LYS A 283 -8.17 27.74 -15.16
CA LYS A 283 -6.87 27.10 -15.26
C LYS A 283 -5.73 27.91 -14.62
N ILE A 284 -4.84 27.19 -13.95
CA ILE A 284 -3.64 27.81 -13.44
C ILE A 284 -2.45 26.97 -13.92
N LYS A 285 -1.48 27.66 -14.54
CA LYS A 285 -0.25 27.02 -14.95
C LYS A 285 0.51 26.58 -13.71
N ARG A 286 1.08 25.39 -13.77
CA ARG A 286 1.85 24.82 -12.67
C ARG A 286 2.77 25.84 -12.02
N GLU A 287 3.45 26.64 -12.85
CA GLU A 287 4.51 27.54 -12.39
C GLU A 287 4.02 28.63 -11.46
N PHE A 288 2.72 28.89 -11.54
CA PHE A 288 2.07 29.91 -10.73
C PHE A 288 1.27 29.28 -9.60
N LYS A 289 1.21 27.96 -9.56
CA LYS A 289 0.40 27.26 -8.57
C LYS A 289 0.73 27.60 -7.11
N PRO A 290 2.00 27.39 -6.69
CA PRO A 290 2.27 27.63 -5.26
C PRO A 290 2.13 29.11 -4.89
N TRP A 291 2.21 29.97 -5.89
CA TRP A 291 2.13 31.39 -5.65
C TRP A 291 0.68 31.77 -5.41
N PHE A 292 -0.21 31.02 -6.05
CA PHE A 292 -1.65 31.22 -5.90
C PHE A 292 -2.17 30.62 -4.59
N ASP A 293 -1.45 29.60 -4.09
CA ASP A 293 -1.77 28.94 -2.83
C ASP A 293 -1.69 29.90 -1.66
N THR A 294 -1.17 31.09 -1.92
CA THR A 294 -1.06 32.13 -0.90
C THR A 294 -2.42 32.76 -0.65
N LEU A 295 -3.38 32.50 -1.51
CA LEU A 295 -4.67 33.13 -1.36
C LEU A 295 -5.71 32.22 -0.71
N LYS A 296 -5.29 31.09 -0.14
CA LYS A 296 -6.24 30.13 0.39
C LYS A 296 -7.14 30.72 1.48
N ASP A 297 -6.64 31.71 2.21
CA ASP A 297 -7.45 32.37 3.23
C ASP A 297 -8.54 33.20 2.59
N LYS A 298 -8.29 33.61 1.36
CA LYS A 298 -9.12 34.59 0.68
C LYS A 298 -10.12 33.91 -0.26
N ILE A 299 -10.15 32.59 -0.22
CA ILE A 299 -10.91 31.80 -1.19
C ILE A 299 -11.76 30.72 -0.52
N LEU A 300 -12.95 30.46 -1.05
CA LEU A 300 -13.81 29.39 -0.52
C LEU A 300 -13.26 28.00 -0.84
N ILE A 301 -13.09 27.73 -2.12
CA ILE A 301 -12.56 26.47 -2.60
C ILE A 301 -11.91 26.69 -3.97
N ASN A 302 -10.83 25.98 -4.25
CA ASN A 302 -10.15 26.13 -5.53
C ASN A 302 -10.41 24.97 -6.45
N LYS A 303 -11.25 25.19 -7.46
CA LYS A 303 -11.59 24.15 -8.41
C LYS A 303 -10.94 24.37 -9.77
N ALA A 304 -9.75 24.94 -9.76
CA ALA A 304 -9.00 25.14 -11.00
C ALA A 304 -8.23 23.88 -11.44
N ILE A 305 -8.22 23.63 -12.75
CA ILE A 305 -7.34 22.65 -13.35
C ILE A 305 -5.91 23.19 -13.36
N ILE A 306 -4.92 22.40 -12.96
CA ILE A 306 -3.52 22.84 -13.06
C ILE A 306 -2.87 22.38 -14.35
N VAL A 307 -2.25 23.30 -15.07
CA VAL A 307 -1.70 23.00 -16.39
C VAL A 307 -0.17 22.99 -16.42
N ASP A 308 0.41 21.80 -16.65
CA ASP A 308 1.87 21.64 -16.75
C ASP A 308 2.36 22.01 -18.14
N ASP A 309 1.44 22.19 -19.07
CA ASP A 309 1.79 22.46 -20.46
C ASP A 309 2.35 23.86 -20.68
N GLU A 310 3.39 23.97 -21.51
CA GLU A 310 3.94 25.26 -21.92
C GLU A 310 3.36 25.64 -23.27
N PHE A 311 2.41 26.56 -23.29
CA PHE A 311 1.80 26.96 -24.56
C PHE A 311 2.53 28.14 -25.22
N ILE A 312 2.61 28.11 -26.54
CA ILE A 312 3.14 29.25 -27.31
C ILE A 312 2.02 30.12 -27.83
N ASP A 313 0.84 30.03 -27.19
CA ASP A 313 -0.34 30.82 -27.55
C ASP A 313 0.00 32.32 -27.64
N MET A 314 -0.30 32.92 -28.79
CA MET A 314 -0.08 34.35 -28.99
C MET A 314 -1.31 34.96 -29.67
N PRO A 315 -1.66 36.21 -29.32
CA PRO A 315 -2.91 36.81 -29.80
C PRO A 315 -2.83 37.43 -31.21
N ASP A 316 -3.98 37.49 -31.85
CA ASP A 316 -4.11 38.09 -33.19
C ASP A 316 -3.93 39.59 -33.11
N ARG B 1 9.27 -8.49 -3.75
CA ARG B 1 8.87 -9.90 -3.84
C ARG B 1 7.46 -10.03 -4.42
N GLY B 2 7.40 -10.25 -5.74
CA GLY B 2 6.13 -10.27 -6.46
C GLY B 2 6.00 -9.06 -7.36
N SER B 3 4.88 -8.35 -7.29
CA SER B 3 3.72 -8.68 -6.44
C SER B 3 2.47 -8.20 -7.12
N HIS B 4 1.43 -8.00 -6.31
CA HIS B 4 0.26 -7.30 -6.80
C HIS B 4 0.67 -5.83 -6.80
N MET B 5 1.60 -5.51 -5.90
CA MET B 5 2.12 -4.15 -5.74
C MET B 5 3.59 -4.11 -5.30
N MET B 6 4.35 -3.16 -5.84
CA MET B 6 5.72 -2.84 -5.40
C MET B 6 6.07 -1.42 -5.85
N PHE B 7 6.92 -0.74 -5.09
CA PHE B 7 7.35 0.59 -5.47
C PHE B 7 8.70 0.99 -4.88
N VAL B 8 9.35 1.95 -5.51
CA VAL B 8 10.68 2.39 -5.09
C VAL B 8 10.57 3.79 -4.50
N HIS B 9 11.24 4.00 -3.36
CA HIS B 9 11.29 5.31 -2.76
C HIS B 9 12.70 5.80 -2.94
N ILE B 10 12.85 6.86 -3.73
CA ILE B 10 14.15 7.47 -4.00
C ILE B 10 14.02 8.96 -3.74
N ALA B 11 15.13 9.62 -3.45
CA ALA B 11 15.12 11.08 -3.36
C ALA B 11 16.51 11.66 -3.30
N ASP B 12 16.56 12.98 -3.40
CA ASP B 12 17.76 13.78 -3.21
C ASP B 12 18.96 13.31 -4.05
N ASN B 13 18.83 13.32 -5.38
CA ASN B 13 19.98 12.99 -6.24
C ASN B 13 20.88 14.20 -6.41
N HIS B 14 20.26 15.38 -6.32
CA HIS B 14 20.93 16.68 -6.46
C HIS B 14 21.73 16.80 -7.76
N LEU B 15 21.06 16.51 -8.87
CA LEU B 15 21.68 16.46 -10.19
C LEU B 15 22.31 17.78 -10.59
N GLY B 16 23.60 17.72 -10.90
CA GLY B 16 24.34 18.87 -11.35
C GLY B 16 25.09 19.56 -10.23
N TYR B 17 25.06 18.98 -9.04
CA TYR B 17 25.86 19.52 -7.95
C TYR B 17 27.31 19.21 -8.26
N ARG B 18 28.18 20.17 -8.02
CA ARG B 18 29.58 20.06 -8.41
C ARG B 18 30.50 20.33 -7.22
N GLN B 19 30.61 19.35 -6.32
CA GLN B 19 31.34 19.50 -5.07
C GLN B 19 32.81 19.76 -5.31
N TYR B 20 33.39 20.62 -4.47
CA TYR B 20 34.79 20.99 -4.62
C TYR B 20 35.13 21.56 -6.00
N ASN B 21 34.13 22.00 -6.76
CA ASN B 21 34.33 22.49 -8.12
C ASN B 21 35.07 21.49 -8.99
N LEU B 22 34.95 20.22 -8.63
CA LEU B 22 35.62 19.17 -9.36
C LEU B 22 34.69 18.64 -10.45
N ASP B 23 35.19 18.58 -11.69
CA ASP B 23 34.42 17.96 -12.76
C ASP B 23 34.04 16.57 -12.29
N ASP B 24 35.02 15.89 -11.72
CA ASP B 24 34.88 14.51 -11.31
C ASP B 24 33.73 14.31 -10.36
N ARG B 25 33.53 15.27 -9.47
CA ARG B 25 32.49 15.15 -8.46
C ARG B 25 31.13 15.36 -9.13
N GLU B 26 31.06 16.33 -10.04
CA GLU B 26 29.84 16.56 -10.82
C GLU B 26 29.45 15.33 -11.59
N LYS B 27 30.44 14.66 -12.18
CA LYS B 27 30.19 13.42 -12.89
C LYS B 27 29.63 12.37 -11.96
N ASP B 28 30.26 12.28 -10.79
CA ASP B 28 29.92 11.29 -9.77
C ASP B 28 28.44 11.31 -9.46
N ILE B 29 27.92 12.51 -9.22
CA ILE B 29 26.50 12.70 -8.95
C ILE B 29 25.67 12.14 -10.08
N TYR B 30 26.04 12.48 -11.32
CA TYR B 30 25.36 11.94 -12.48
C TYR B 30 25.39 10.40 -12.45
N ASP B 31 26.59 9.85 -12.32
CA ASP B 31 26.78 8.41 -12.45
C ASP B 31 25.92 7.64 -11.47
N SER B 32 25.97 8.03 -10.21
CA SER B 32 25.27 7.30 -9.18
C SER B 32 23.77 7.29 -9.44
N PHE B 33 23.26 8.42 -9.94
CA PHE B 33 21.85 8.52 -10.31
C PHE B 33 21.51 7.48 -11.36
N LYS B 34 22.32 7.46 -12.41
CA LYS B 34 22.09 6.55 -13.51
C LYS B 34 22.11 5.11 -13.02
N LEU B 35 22.94 4.85 -12.02
CA LEU B 35 23.06 3.52 -11.47
C LEU B 35 21.79 3.17 -10.73
N CYS B 36 21.24 4.13 -10.00
CA CYS B 36 19.96 3.92 -9.33
C CYS B 36 18.92 3.62 -10.40
N ILE B 37 18.97 4.39 -11.47
CA ILE B 37 18.00 4.21 -12.54
C ILE B 37 18.13 2.84 -13.14
N LYS B 38 19.36 2.41 -13.43
CA LYS B 38 19.56 1.07 -13.99
C LYS B 38 19.02 -0.01 -13.07
N LYS B 39 19.31 0.12 -11.78
CA LYS B 39 18.86 -0.88 -10.82
C LYS B 39 17.34 -0.93 -10.76
N ILE B 40 16.69 0.23 -10.83
CA ILE B 40 15.23 0.28 -10.87
C ILE B 40 14.69 -0.40 -12.12
N LEU B 41 15.40 -0.25 -13.23
CA LEU B 41 14.95 -0.87 -14.46
C LEU B 41 15.07 -2.39 -14.38
N GLU B 42 16.09 -2.88 -13.69
CA GLU B 42 16.25 -4.31 -13.50
C GLU B 42 15.21 -4.84 -12.50
N ILE B 43 14.80 -4.00 -11.56
CA ILE B 43 13.80 -4.35 -10.54
C ILE B 43 12.40 -4.30 -11.11
N LYS B 44 12.14 -3.31 -11.95
CA LYS B 44 10.82 -3.06 -12.54
C LYS B 44 9.69 -2.93 -11.52
N PRO B 45 9.73 -1.91 -10.65
CA PRO B 45 8.62 -1.72 -9.71
C PRO B 45 7.43 -1.08 -10.40
N ASP B 46 6.27 -1.05 -9.74
CA ASP B 46 5.08 -0.47 -10.34
C ASP B 46 5.09 1.04 -10.27
N VAL B 47 5.57 1.55 -9.14
CA VAL B 47 5.63 3.00 -8.95
C VAL B 47 7.03 3.39 -8.46
N VAL B 48 7.44 4.61 -8.79
CA VAL B 48 8.64 5.20 -8.21
C VAL B 48 8.24 6.51 -7.56
N LEU B 49 8.39 6.60 -6.24
CA LEU B 49 8.15 7.84 -5.54
C LEU B 49 9.46 8.59 -5.37
N HIS B 50 9.50 9.81 -5.88
CA HIS B 50 10.70 10.65 -5.77
C HIS B 50 10.40 11.88 -4.93
N SER B 51 11.07 11.99 -3.80
CA SER B 51 10.71 13.00 -2.80
C SER B 51 11.43 14.34 -2.96
N GLY B 52 11.76 14.69 -4.20
CA GLY B 52 12.30 15.99 -4.49
C GLY B 52 13.81 16.10 -4.50
N ASP B 53 14.29 17.30 -4.85
CA ASP B 53 15.71 17.58 -5.05
C ASP B 53 16.32 16.66 -6.11
N LEU B 54 15.59 16.41 -7.19
CA LEU B 54 16.13 15.64 -8.30
C LEU B 54 17.29 16.42 -8.84
N PHE B 55 17.03 17.70 -9.11
CA PHE B 55 18.07 18.64 -9.50
C PHE B 55 18.54 19.44 -8.30
N ASN B 56 19.82 19.80 -8.32
CA ASN B 56 20.39 20.58 -7.24
C ASN B 56 20.14 22.07 -7.43
N ASP B 57 19.86 22.46 -8.66
CA ASP B 57 19.67 23.87 -8.95
C ASP B 57 18.36 24.10 -9.68
N LEU B 58 17.95 25.37 -9.70
CA LEU B 58 16.69 25.77 -10.30
C LEU B 58 16.85 25.86 -11.82
N ARG B 59 18.06 26.19 -12.21
CA ARG B 59 18.44 26.24 -13.62
C ARG B 59 19.65 25.33 -13.79
N PRO B 60 19.40 24.02 -13.89
CA PRO B 60 20.48 23.03 -13.88
C PRO B 60 21.19 22.94 -15.22
N PRO B 61 22.45 22.48 -15.23
CA PRO B 61 23.29 22.27 -16.42
C PRO B 61 22.61 21.36 -17.39
N VAL B 62 22.89 21.52 -18.68
CA VAL B 62 22.16 20.82 -19.72
C VAL B 62 22.33 19.31 -19.57
N LYS B 63 23.54 18.88 -19.20
CA LYS B 63 23.76 17.45 -19.10
C LYS B 63 22.80 16.82 -18.10
N ALA B 64 22.64 17.48 -16.95
CA ALA B 64 21.76 16.96 -15.92
C ALA B 64 20.34 16.83 -16.47
N LEU B 65 19.88 17.84 -17.20
CA LEU B 65 18.53 17.82 -17.76
C LEU B 65 18.33 16.70 -18.73
N ARG B 66 19.33 16.47 -19.58
CA ARG B 66 19.25 15.37 -20.53
C ARG B 66 19.22 14.03 -19.79
N ILE B 67 20.16 13.84 -18.85
CA ILE B 67 20.23 12.59 -18.09
C ILE B 67 18.93 12.35 -17.35
N ALA B 68 18.41 13.40 -16.71
CA ALA B 68 17.16 13.29 -15.98
C ALA B 68 16.01 12.91 -16.90
N MET B 69 15.82 13.67 -17.98
CA MET B 69 14.71 13.44 -18.90
C MET B 69 14.80 12.06 -19.52
N GLN B 70 16.01 11.66 -19.85
CA GLN B 70 16.29 10.36 -20.42
C GLN B 70 15.83 9.29 -19.46
N ALA B 71 16.21 9.44 -18.20
CA ALA B 71 15.89 8.47 -17.17
C ALA B 71 14.39 8.28 -16.97
N PHE B 72 13.68 9.38 -16.74
CA PHE B 72 12.27 9.27 -16.47
C PHE B 72 11.48 8.87 -17.72
N LYS B 73 12.01 9.15 -18.90
CA LYS B 73 11.41 8.63 -20.12
C LYS B 73 11.50 7.12 -20.16
N LYS B 74 12.71 6.61 -19.97
CA LYS B 74 12.98 5.18 -19.99
C LYS B 74 12.17 4.45 -18.93
N LEU B 75 11.84 5.13 -17.84
CA LEU B 75 11.01 4.54 -16.80
C LEU B 75 9.55 4.54 -17.22
N HIS B 76 9.12 5.64 -17.84
CA HIS B 76 7.75 5.82 -18.26
C HIS B 76 7.43 4.90 -19.43
N GLU B 77 8.44 4.61 -20.24
CA GLU B 77 8.26 3.73 -21.37
C GLU B 77 8.17 2.27 -20.94
N ASN B 78 8.68 1.95 -19.76
CA ASN B 78 8.52 0.62 -19.21
C ASN B 78 7.32 0.57 -18.27
N ASN B 79 6.40 1.50 -18.49
CA ASN B 79 5.15 1.61 -17.73
C ASN B 79 5.29 1.61 -16.20
N ILE B 80 6.32 2.30 -15.71
CA ILE B 80 6.47 2.58 -14.28
C ILE B 80 6.00 4.01 -14.05
N LYS B 81 4.93 4.20 -13.30
CA LYS B 81 4.49 5.55 -13.08
C LYS B 81 5.32 6.18 -11.97
N VAL B 82 5.65 7.45 -12.16
CA VAL B 82 6.54 8.19 -11.30
C VAL B 82 5.81 9.37 -10.71
N TYR B 83 5.86 9.50 -9.39
CA TYR B 83 5.30 10.65 -8.71
C TYR B 83 6.48 11.42 -8.11
N ILE B 84 6.44 12.74 -8.24
CA ILE B 84 7.52 13.54 -7.68
C ILE B 84 6.95 14.78 -7.00
N VAL B 85 7.64 15.25 -5.97
CA VAL B 85 7.32 16.50 -5.30
C VAL B 85 8.50 17.45 -5.44
N ALA B 86 8.24 18.75 -5.50
CA ALA B 86 9.33 19.71 -5.68
C ALA B 86 10.12 19.89 -4.41
N GLY B 87 11.44 19.72 -4.49
CA GLY B 87 12.31 19.92 -3.35
C GLY B 87 12.63 21.38 -3.14
N ASN B 88 13.40 21.69 -2.10
CA ASN B 88 13.83 23.06 -1.85
C ASN B 88 14.54 23.64 -3.05
N HIS B 89 15.38 22.85 -3.70
CA HIS B 89 16.21 23.33 -4.79
C HIS B 89 15.41 23.63 -6.07
N GLU B 90 14.27 22.95 -6.24
CA GLU B 90 13.47 23.03 -7.47
C GLU B 90 12.30 24.02 -7.39
N MET B 91 12.22 24.77 -6.32
CA MET B 91 11.13 25.72 -6.15
C MET B 91 11.51 27.09 -6.71
N PRO B 92 10.75 27.56 -7.70
CA PRO B 92 10.96 28.88 -8.32
C PRO B 92 10.97 29.98 -7.29
N ARG B 93 11.67 31.08 -7.57
CA ARG B 93 11.82 32.14 -6.59
C ARG B 93 11.16 33.42 -7.05
N ARG B 94 11.42 33.82 -8.30
CA ARG B 94 10.76 34.97 -8.92
C ARG B 94 9.42 34.51 -9.47
N LEU B 95 8.45 35.41 -9.50
CA LEU B 95 7.10 35.00 -9.94
C LEU B 95 7.02 34.67 -11.42
N GLY B 96 6.59 33.46 -11.72
CA GLY B 96 6.44 33.02 -13.10
C GLY B 96 7.55 32.12 -13.57
N GLU B 97 8.62 32.09 -12.78
CA GLU B 97 9.76 31.23 -13.04
C GLU B 97 9.29 29.79 -12.97
N GLU B 98 9.89 28.94 -13.79
CA GLU B 98 9.53 27.53 -13.84
C GLU B 98 10.57 26.62 -13.17
N SER B 99 10.11 25.51 -12.61
CA SER B 99 11.01 24.50 -12.03
C SER B 99 11.56 23.58 -13.12
N PRO B 100 12.81 23.11 -12.96
CA PRO B 100 13.30 22.15 -13.95
C PRO B 100 12.49 20.86 -13.93
N LEU B 101 11.74 20.64 -12.85
CA LEU B 101 10.81 19.50 -12.78
C LEU B 101 9.82 19.54 -13.93
N ALA B 102 9.50 20.75 -14.38
CA ALA B 102 8.56 20.95 -15.47
C ALA B 102 8.99 20.20 -16.73
N LEU B 103 10.30 20.05 -16.92
CA LEU B 103 10.82 19.33 -18.08
C LEU B 103 10.51 17.84 -18.06
N LEU B 104 9.97 17.34 -16.97
CA LEU B 104 9.66 15.92 -16.89
C LEU B 104 8.17 15.68 -16.96
N LYS B 105 7.43 16.75 -17.23
CA LYS B 105 5.96 16.76 -17.27
C LYS B 105 5.33 15.55 -17.96
N ASP B 106 6.01 15.03 -18.98
CA ASP B 106 5.45 13.97 -19.81
C ASP B 106 5.78 12.55 -19.31
N TYR B 107 6.69 12.45 -18.35
CA TYR B 107 7.14 11.15 -17.86
C TYR B 107 6.83 10.97 -16.38
N VAL B 108 6.40 12.05 -15.73
CA VAL B 108 6.31 12.11 -14.28
C VAL B 108 5.03 12.82 -13.87
N LYS B 109 4.43 12.39 -12.76
CA LYS B 109 3.34 13.17 -12.16
C LYS B 109 3.83 14.04 -11.00
N ILE B 110 3.74 15.35 -11.14
CA ILE B 110 4.12 16.22 -10.04
C ILE B 110 2.97 16.34 -9.05
N LEU B 111 3.23 16.00 -7.79
CA LEU B 111 2.16 15.97 -6.77
C LEU B 111 1.96 17.26 -5.99
N ASP B 112 0.74 17.77 -6.03
CA ASP B 112 0.33 18.84 -5.12
C ASP B 112 -1.12 18.62 -4.77
N GLY B 113 -1.41 17.40 -4.36
CA GLY B 113 -2.75 17.00 -4.01
C GLY B 113 -2.86 15.50 -3.84
N LYS B 114 -4.05 14.99 -4.12
CA LYS B 114 -4.35 13.58 -3.94
C LYS B 114 -4.33 12.88 -5.30
N ASP B 115 -4.21 11.56 -5.27
CA ASP B 115 -4.33 10.76 -6.48
C ASP B 115 -4.46 9.30 -6.08
N VAL B 116 -5.43 8.62 -6.69
CA VAL B 116 -5.66 7.21 -6.42
C VAL B 116 -5.18 6.42 -7.61
N ILE B 117 -4.22 5.53 -7.37
CA ILE B 117 -3.68 4.76 -8.46
C ILE B 117 -4.26 3.35 -8.45
N ASN B 118 -4.77 2.93 -9.60
CA ASN B 118 -5.33 1.60 -9.72
C ASN B 118 -4.23 0.67 -10.19
N VAL B 119 -3.82 -0.24 -9.32
CA VAL B 119 -2.83 -1.22 -9.71
C VAL B 119 -3.53 -2.56 -9.91
N ASN B 120 -2.75 -3.58 -10.28
CA ASN B 120 -3.29 -4.93 -10.43
C ASN B 120 -3.08 -5.77 -9.17
N GLY B 121 -4.15 -6.01 -8.42
CA GLY B 121 -5.47 -5.50 -8.74
C GLY B 121 -5.98 -4.64 -7.60
N GLU B 122 -5.08 -3.90 -6.96
CA GLU B 122 -5.43 -3.18 -5.75
C GLU B 122 -5.63 -1.69 -6.01
N GLU B 123 -6.19 -0.99 -5.04
CA GLU B 123 -6.46 0.43 -5.19
C GLU B 123 -5.79 1.19 -4.05
N ILE B 124 -4.87 2.08 -4.40
CA ILE B 124 -4.05 2.75 -3.39
C ILE B 124 -3.93 4.27 -3.58
N PHE B 125 -4.01 4.97 -2.46
CA PHE B 125 -4.15 6.42 -2.39
C PHE B 125 -2.77 7.04 -2.19
N ILE B 126 -2.42 8.00 -3.04
CA ILE B 126 -1.17 8.75 -2.90
C ILE B 126 -1.42 10.23 -2.81
N CYS B 127 -0.74 10.91 -1.90
CA CYS B 127 -0.81 12.35 -1.85
C CYS B 127 0.55 12.95 -1.50
N GLY B 128 0.74 14.21 -1.87
CA GLY B 128 1.99 14.92 -1.63
C GLY B 128 1.89 16.40 -1.90
N THR B 129 2.96 17.14 -1.60
CA THR B 129 3.03 18.55 -1.95
C THR B 129 4.46 19.06 -2.08
N TYR B 130 4.62 20.17 -2.79
CA TYR B 130 5.92 20.78 -2.99
C TYR B 130 6.49 21.26 -1.66
N TYR B 131 7.75 21.69 -1.67
CA TYR B 131 8.41 22.15 -0.47
C TYR B 131 7.81 23.45 0.09
N HIS B 132 7.33 23.39 1.32
CA HIS B 132 6.92 24.61 2.03
C HIS B 132 7.97 25.00 3.05
N LYS B 133 8.07 26.29 3.35
CA LYS B 133 9.01 26.76 4.36
C LYS B 133 8.42 26.65 5.76
N LYS B 134 9.27 26.82 6.77
CA LYS B 134 8.83 26.94 8.17
C LYS B 134 7.76 28.02 8.24
N SER B 135 8.01 29.13 7.55
CA SER B 135 7.09 30.28 7.49
C SER B 135 5.67 29.90 7.10
N LYS B 136 5.52 28.89 6.25
CA LYS B 136 4.20 28.48 5.77
C LYS B 136 3.70 27.18 6.42
N ARG B 137 4.18 26.87 7.62
CA ARG B 137 3.75 25.64 8.28
C ARG B 137 2.23 25.61 8.51
N GLU B 138 1.66 26.74 8.91
CA GLU B 138 0.22 26.87 9.09
C GLU B 138 -0.55 26.47 7.84
N GLU B 139 -0.16 27.08 6.72
CA GLU B 139 -0.71 26.78 5.41
C GLU B 139 -0.71 25.27 5.20
N MET B 140 0.41 24.64 5.56
CA MET B 140 0.65 23.21 5.36
C MET B 140 -0.24 22.30 6.20
N LEU B 141 -0.52 22.71 7.43
CA LEU B 141 -1.34 21.89 8.33
C LEU B 141 -2.73 21.67 7.75
N ASP B 142 -3.35 22.75 7.28
CA ASP B 142 -4.66 22.68 6.65
C ASP B 142 -4.65 21.67 5.52
N LYS B 143 -3.65 21.77 4.64
CA LYS B 143 -3.48 20.83 3.54
C LYS B 143 -3.32 19.40 4.02
N LEU B 144 -2.49 19.21 5.05
CA LEU B 144 -2.22 17.88 5.57
C LEU B 144 -3.48 17.27 6.16
N LYS B 145 -4.28 18.06 6.86
CA LYS B 145 -5.54 17.58 7.40
C LYS B 145 -6.49 17.21 6.26
N ASN B 146 -6.42 17.98 5.17
CA ASN B 146 -7.25 17.75 4.00
C ASN B 146 -6.95 16.41 3.35
N PHE B 147 -5.72 15.96 3.53
CA PHE B 147 -5.29 14.66 3.05
C PHE B 147 -5.89 13.59 3.97
N GLU B 148 -5.79 13.83 5.27
CA GLU B 148 -6.29 12.89 6.26
C GLU B 148 -7.76 12.66 6.03
N SER B 149 -8.48 13.75 5.79
CA SER B 149 -9.90 13.70 5.42
C SER B 149 -10.19 12.81 4.21
N GLU B 150 -9.44 13.05 3.13
CA GLU B 150 -9.67 12.34 1.87
C GLU B 150 -9.10 10.92 1.81
N ALA B 151 -8.41 10.51 2.88
CA ALA B 151 -7.81 9.19 2.89
C ALA B 151 -8.43 8.25 3.91
N LYS B 152 -9.31 8.74 4.77
CA LYS B 152 -9.91 7.91 5.81
C LYS B 152 -10.53 6.61 5.31
N ASN B 153 -11.30 6.69 4.23
CA ASN B 153 -11.97 5.50 3.68
C ASN B 153 -11.09 4.74 2.68
N TYR B 154 -9.80 5.06 2.70
CA TYR B 154 -8.80 4.37 1.91
C TYR B 154 -7.92 3.48 2.76
N LYS B 155 -7.52 2.35 2.21
CA LYS B 155 -6.81 1.33 2.97
C LYS B 155 -5.31 1.55 2.94
N LYS B 156 -4.77 1.77 1.74
CA LYS B 156 -3.34 1.98 1.56
C LYS B 156 -3.03 3.42 1.15
N LYS B 157 -2.45 4.19 2.07
CA LYS B 157 -2.24 5.60 1.82
C LYS B 157 -0.78 6.00 2.04
N ILE B 158 -0.19 6.59 1.02
CA ILE B 158 1.19 7.02 1.08
C ILE B 158 1.25 8.54 1.03
N LEU B 159 2.06 9.12 1.91
CA LEU B 159 2.22 10.56 1.93
C LEU B 159 3.64 10.91 1.45
N MET B 160 3.72 11.83 0.49
CA MET B 160 5.00 12.26 -0.06
C MET B 160 5.32 13.68 0.38
N LEU B 161 6.48 13.89 0.98
CA LEU B 161 6.89 15.23 1.38
C LEU B 161 8.39 15.48 1.25
N HIS B 162 8.75 16.75 1.05
CA HIS B 162 10.16 17.12 1.08
C HIS B 162 10.35 18.18 2.15
N GLN B 163 10.38 17.73 3.40
CA GLN B 163 10.60 18.62 4.53
C GLN B 163 11.49 17.93 5.53
N GLY B 164 11.95 18.67 6.53
CA GLY B 164 12.67 18.09 7.64
C GLY B 164 11.69 17.97 8.79
N ILE B 165 11.65 16.80 9.42
CA ILE B 165 10.73 16.59 10.53
C ILE B 165 11.47 16.64 11.88
N ASN B 166 10.85 17.31 12.84
CA ASN B 166 11.47 17.77 14.09
C ASN B 166 12.35 16.83 14.94
N PRO B 167 11.90 15.60 15.18
CA PRO B 167 12.84 14.70 15.86
C PRO B 167 14.04 14.34 14.97
N TYR B 168 13.77 14.07 13.69
CA TYR B 168 14.77 13.59 12.75
C TYR B 168 15.80 14.63 12.36
N ILE B 169 15.55 15.89 12.71
CA ILE B 169 16.50 16.96 12.47
C ILE B 169 16.25 18.12 13.42
N PRO B 170 16.98 18.13 14.54
CA PRO B 170 16.90 19.07 15.66
C PRO B 170 16.60 20.51 15.25
N LEU B 171 17.59 21.17 14.63
CA LEU B 171 17.38 22.52 14.15
C LEU B 171 18.16 22.64 12.85
N ASP B 172 17.48 23.02 11.76
CA ASP B 172 16.05 23.34 11.80
C ASP B 172 15.17 22.26 11.15
N TYR B 173 13.86 22.50 11.21
CA TYR B 173 12.86 21.58 10.68
C TYR B 173 11.65 22.42 10.29
N GLU B 174 10.84 21.93 9.36
CA GLU B 174 9.64 22.68 8.98
C GLU B 174 8.37 22.16 9.67
N LEU B 175 8.34 20.86 9.97
CA LEU B 175 7.20 20.25 10.64
C LEU B 175 7.60 19.55 11.93
N GLU B 176 6.64 19.42 12.84
CA GLU B 176 6.80 18.60 14.03
C GLU B 176 6.29 17.18 13.70
N HIS B 177 6.81 16.17 14.40
CA HIS B 177 6.42 14.79 14.10
C HIS B 177 4.92 14.49 14.25
N PHE B 178 4.27 15.20 15.15
CA PHE B 178 2.85 15.01 15.42
C PHE B 178 1.97 15.78 14.44
N ASP B 179 2.59 16.36 13.41
CA ASP B 179 1.82 17.13 12.45
C ASP B 179 1.19 16.24 11.41
N LEU B 180 1.85 15.13 11.10
CA LEU B 180 1.38 14.30 10.00
C LEU B 180 0.53 13.10 10.44
N PRO B 181 -0.63 12.94 9.79
CA PRO B 181 -1.66 11.92 9.97
C PRO B 181 -1.17 10.52 9.67
N LYS B 182 -1.96 9.52 10.06
CA LYS B 182 -1.61 8.12 9.81
C LYS B 182 -1.60 7.83 8.32
N PHE B 183 -0.43 7.42 7.82
CA PHE B 183 -0.33 6.95 6.44
C PHE B 183 0.45 5.65 6.47
N SER B 184 0.28 4.83 5.44
CA SER B 184 0.94 3.54 5.40
C SER B 184 2.45 3.73 5.29
N TYR B 185 2.86 4.65 4.43
CA TYR B 185 4.27 4.93 4.19
C TYR B 185 4.50 6.43 4.09
N TYR B 186 5.51 6.93 4.79
CA TYR B 186 5.87 8.33 4.65
C TYR B 186 7.08 8.48 3.74
N ALA B 187 6.81 8.76 2.47
CA ALA B 187 7.87 8.95 1.49
C ALA B 187 8.45 10.34 1.61
N LEU B 188 9.50 10.47 2.40
CA LEU B 188 10.06 11.77 2.72
C LEU B 188 11.41 11.94 2.07
N GLY B 189 11.83 13.19 1.95
CA GLY B 189 13.14 13.53 1.44
C GLY B 189 13.57 14.78 2.16
N HIS B 190 14.76 15.28 1.83
CA HIS B 190 15.39 16.50 2.35
C HIS B 190 16.36 16.28 3.50
N ILE B 191 16.43 15.06 4.03
CA ILE B 191 17.41 14.73 5.03
C ILE B 191 18.31 13.70 4.37
N HIS B 192 19.58 14.06 4.19
CA HIS B 192 20.42 13.30 3.28
C HIS B 192 20.94 11.99 3.84
N LYS B 193 20.54 11.68 5.08
CA LYS B 193 20.85 10.40 5.67
C LYS B 193 19.71 9.41 5.47
N ARG B 194 20.04 8.12 5.43
CA ARG B 194 19.04 7.07 5.28
C ARG B 194 18.29 6.94 6.59
N ILE B 195 16.97 7.11 6.54
CA ILE B 195 16.14 6.97 7.72
C ILE B 195 14.94 6.08 7.46
N LEU B 196 14.85 4.97 8.19
CA LEU B 196 13.68 4.12 8.10
C LEU B 196 13.33 3.64 9.48
N GLU B 197 12.10 3.91 9.90
CA GLU B 197 11.61 3.43 11.19
C GLU B 197 10.10 3.53 11.27
N ARG B 198 9.50 2.71 12.13
CA ARG B 198 8.06 2.73 12.31
C ARG B 198 7.65 4.07 12.92
N PHE B 199 6.44 4.49 12.58
CA PHE B 199 5.95 5.80 12.94
C PHE B 199 4.44 5.79 12.78
N ASN B 200 3.74 6.36 13.76
CA ASN B 200 2.29 6.24 13.85
C ASN B 200 1.86 4.79 13.65
N ASP B 201 0.74 4.58 12.99
CA ASP B 201 0.34 3.21 12.66
C ASP B 201 0.83 2.93 11.24
N GLY B 202 2.15 3.04 11.06
CA GLY B 202 2.76 2.90 9.76
C GLY B 202 4.28 2.98 9.81
N ILE B 203 4.89 3.39 8.69
CA ILE B 203 6.34 3.40 8.57
C ILE B 203 6.92 4.60 7.80
N LEU B 204 7.77 5.36 8.48
CA LEU B 204 8.31 6.60 7.94
C LEU B 204 9.71 6.40 7.38
N ALA B 205 9.96 7.04 6.24
CA ALA B 205 11.21 6.82 5.52
C ALA B 205 11.79 8.05 4.85
N TYR B 206 13.11 8.17 4.98
CA TYR B 206 13.91 9.05 4.17
C TYR B 206 14.81 8.22 3.26
N SER B 207 14.66 8.36 1.95
CA SER B 207 15.47 7.58 1.00
C SER B 207 16.92 7.93 1.16
N GLY B 208 17.17 9.18 1.57
CA GLY B 208 18.51 9.70 1.72
C GLY B 208 19.09 10.11 0.38
N SER B 209 20.13 10.93 0.42
CA SER B 209 20.80 11.39 -0.80
C SER B 209 21.48 10.22 -1.53
N THR B 210 21.62 10.32 -2.85
CA THR B 210 22.17 9.21 -3.64
C THR B 210 23.66 9.35 -3.86
N GLU B 211 24.23 10.40 -3.26
CA GLU B 211 25.66 10.62 -3.28
C GLU B 211 25.98 11.60 -2.17
N ILE B 212 27.26 11.71 -1.84
CA ILE B 212 27.66 12.63 -0.79
C ILE B 212 27.60 14.08 -1.29
N ILE B 213 26.52 14.76 -0.95
CA ILE B 213 26.35 16.12 -1.43
C ILE B 213 27.11 17.09 -0.53
N TYR B 214 26.81 17.10 0.76
CA TYR B 214 27.46 18.04 1.67
C TYR B 214 28.47 17.29 2.53
N ARG B 215 29.44 18.02 3.07
CA ARG B 215 30.59 17.43 3.75
C ARG B 215 30.26 16.60 4.99
N ASN B 216 29.02 16.74 5.48
CA ASN B 216 28.56 16.09 6.69
C ASN B 216 28.24 14.60 6.53
N GLU B 217 27.69 14.24 5.38
CA GLU B 217 27.10 12.91 5.12
C GLU B 217 28.06 11.71 5.24
N TYR B 218 29.29 11.94 5.68
CA TYR B 218 30.30 10.88 5.70
C TYR B 218 29.95 9.61 6.46
N GLU B 219 29.56 9.74 7.73
CA GLU B 219 29.49 8.54 8.55
C GLU B 219 28.25 7.70 8.26
N ASP B 220 27.16 8.33 7.85
CA ASP B 220 25.96 7.59 7.51
C ASP B 220 26.20 6.88 6.20
N TYR B 221 27.15 7.36 5.41
CA TYR B 221 27.54 6.67 4.20
C TYR B 221 28.20 5.35 4.57
N LYS B 222 29.10 5.40 5.55
CA LYS B 222 29.79 4.19 5.97
C LYS B 222 28.86 3.24 6.71
N LYS B 223 27.98 3.81 7.53
CA LYS B 223 27.17 3.02 8.42
C LYS B 223 25.91 2.49 7.73
N GLU B 224 25.33 3.28 6.83
CA GLU B 224 24.10 2.87 6.16
C GLU B 224 24.25 2.65 4.65
N GLY B 225 25.18 3.37 4.02
CA GLY B 225 25.34 3.25 2.58
C GLY B 225 24.29 4.08 1.87
N LYS B 226 24.64 4.69 0.75
CA LYS B 226 23.69 5.53 0.02
C LYS B 226 23.07 4.77 -1.16
N GLY B 227 21.83 5.12 -1.49
CA GLY B 227 21.12 4.46 -2.57
C GLY B 227 19.64 4.78 -2.51
N PHE B 228 18.80 3.74 -2.48
CA PHE B 228 17.37 3.96 -2.34
C PHE B 228 16.65 2.78 -1.71
N TYR B 229 15.36 2.97 -1.42
CA TYR B 229 14.52 1.93 -0.83
C TYR B 229 13.63 1.23 -1.86
N LEU B 230 13.33 -0.03 -1.60
CA LEU B 230 12.38 -0.80 -2.39
C LEU B 230 11.33 -1.43 -1.50
N VAL B 231 10.17 -0.79 -1.41
CA VAL B 231 9.09 -1.31 -0.62
C VAL B 231 8.20 -2.14 -1.53
N ASP B 232 7.66 -3.24 -1.01
CA ASP B 232 6.77 -4.06 -1.83
C ASP B 232 5.29 -3.71 -1.59
N PHE B 233 4.87 -3.63 -0.34
CA PHE B 233 3.48 -3.28 -0.03
C PHE B 233 2.51 -4.23 -0.70
N SER B 234 2.81 -5.53 -0.64
CA SER B 234 1.98 -6.56 -1.27
C SER B 234 0.76 -6.87 -0.40
N GLY B 235 1.01 -7.12 0.88
CA GLY B 235 -0.04 -7.43 1.83
C GLY B 235 -0.79 -6.19 2.29
N ASN B 236 -1.75 -6.38 3.20
CA ASN B 236 -2.55 -5.27 3.69
C ASN B 236 -1.79 -4.39 4.70
N ASP B 237 -0.88 -5.00 5.43
CA ASP B 237 -0.01 -4.28 6.35
C ASP B 237 1.40 -4.28 5.79
N LEU B 238 2.18 -3.26 6.14
CA LEU B 238 3.60 -3.30 5.81
C LEU B 238 4.49 -3.01 7.01
N ASP B 239 5.61 -3.71 7.07
CA ASP B 239 6.56 -3.55 8.15
C ASP B 239 7.94 -3.44 7.51
N ILE B 240 8.95 -3.13 8.30
CA ILE B 240 10.31 -2.98 7.80
C ILE B 240 10.75 -4.21 7.01
N SER B 241 10.38 -5.41 7.49
CA SER B 241 10.74 -6.67 6.84
C SER B 241 10.46 -6.68 5.35
N ASP B 242 9.48 -5.89 4.91
CA ASP B 242 9.12 -5.84 3.50
C ASP B 242 9.69 -4.60 2.79
N ILE B 243 10.80 -4.10 3.31
CA ILE B 243 11.52 -2.97 2.71
C ILE B 243 12.98 -3.33 2.49
N GLU B 244 13.37 -3.42 1.23
CA GLU B 244 14.72 -3.75 0.84
C GLU B 244 15.48 -2.46 0.62
N LYS B 245 16.72 -2.37 1.09
CA LYS B 245 17.47 -1.16 0.77
C LYS B 245 18.53 -1.48 -0.28
N ILE B 246 18.40 -0.82 -1.43
CA ILE B 246 19.35 -0.97 -2.52
C ILE B 246 20.52 -0.01 -2.33
N ASP B 247 21.73 -0.55 -2.28
CA ASP B 247 22.91 0.26 -2.12
C ASP B 247 23.46 0.66 -3.50
N ILE B 248 24.28 1.69 -3.52
CA ILE B 248 24.82 2.27 -4.75
C ILE B 248 26.30 2.54 -4.62
N GLU B 249 27.09 2.06 -5.58
CA GLU B 249 28.52 2.35 -5.55
C GLU B 249 28.73 3.81 -5.88
N CYS B 250 29.44 4.52 -5.02
CA CYS B 250 29.82 5.89 -5.34
C CYS B 250 31.17 6.29 -4.74
N ARG B 251 31.63 7.49 -5.10
CA ARG B 251 32.97 7.98 -4.79
C ARG B 251 33.33 7.71 -3.35
N GLU B 252 34.45 7.06 -3.11
CA GLU B 252 34.82 6.76 -1.74
C GLU B 252 35.52 7.92 -1.05
N PHE B 253 35.25 8.07 0.23
CA PHE B 253 35.87 9.07 1.07
C PHE B 253 36.60 8.33 2.16
N VAL B 254 37.88 8.60 2.35
CA VAL B 254 38.59 8.04 3.51
C VAL B 254 38.92 9.13 4.52
N GLU B 255 38.59 8.86 5.78
CA GLU B 255 38.94 9.79 6.84
C GLU B 255 40.27 9.28 7.35
N VAL B 256 41.26 10.15 7.46
CA VAL B 256 42.54 9.70 7.98
C VAL B 256 42.99 10.57 9.16
N ASN B 257 43.74 9.94 10.06
CA ASN B 257 44.29 10.62 11.20
C ASN B 257 45.73 10.13 11.39
N ILE B 258 46.60 10.59 10.52
CA ILE B 258 47.98 10.15 10.47
C ILE B 258 48.79 10.84 11.56
N LYS B 259 49.22 10.08 12.56
CA LYS B 259 50.01 10.62 13.68
C LYS B 259 51.28 9.81 13.96
N ASP B 260 51.32 8.55 13.50
CA ASP B 260 52.51 7.71 13.65
C ASP B 260 52.70 6.83 12.41
N LYS B 261 53.64 5.88 12.46
CA LYS B 261 53.85 5.01 11.31
C LYS B 261 52.63 4.15 11.06
N LYS B 262 52.00 3.68 12.12
CA LYS B 262 50.81 2.85 11.97
C LYS B 262 49.70 3.58 11.21
N SER B 263 49.27 4.71 11.76
CA SER B 263 48.18 5.48 11.17
C SER B 263 48.50 5.93 9.74
N PHE B 264 49.79 6.15 9.44
CA PHE B 264 50.20 6.47 8.08
C PHE B 264 50.04 5.27 7.15
N ASN B 265 50.54 4.11 7.58
CA ASN B 265 50.44 2.91 6.76
C ASN B 265 48.99 2.45 6.63
N GLU B 266 48.21 2.61 7.69
CA GLU B 266 46.79 2.31 7.65
C GLU B 266 46.06 3.22 6.67
N ALA B 267 46.51 4.47 6.59
CA ALA B 267 45.97 5.41 5.61
C ALA B 267 46.30 4.95 4.21
N VAL B 268 47.57 4.66 3.94
CA VAL B 268 47.97 4.24 2.61
C VAL B 268 47.28 2.93 2.23
N ASN B 269 47.13 2.04 3.19
CA ASN B 269 46.44 0.77 2.94
C ASN B 269 44.99 0.99 2.52
N LYS B 270 44.24 1.78 3.28
CA LYS B 270 42.87 2.06 2.91
C LYS B 270 42.79 2.74 1.55
N ILE B 271 43.73 3.62 1.26
CA ILE B 271 43.73 4.33 -0.01
C ILE B 271 44.07 3.41 -1.18
N GLU B 272 45.07 2.56 -1.02
CA GLU B 272 45.44 1.64 -2.09
C GLU B 272 44.28 0.68 -2.32
N ARG B 273 43.56 0.40 -1.24
CA ARG B 273 42.49 -0.58 -1.24
C ARG B 273 41.23 -0.08 -1.96
N CYS B 274 41.22 1.22 -2.25
CA CYS B 274 40.08 1.89 -2.89
C CYS B 274 39.90 1.53 -4.35
N LYS B 275 38.64 1.36 -4.77
CA LYS B 275 38.35 1.08 -6.17
C LYS B 275 38.48 2.35 -7.03
N ASN B 276 38.07 3.48 -6.44
CA ASN B 276 38.09 4.78 -7.12
C ASN B 276 38.88 5.82 -6.33
N LYS B 277 39.68 6.64 -7.00
CA LYS B 277 40.48 7.69 -6.32
C LYS B 277 39.70 8.47 -5.25
N PRO B 278 40.05 8.25 -3.98
CA PRO B 278 39.19 8.74 -2.90
C PRO B 278 39.39 10.21 -2.58
N VAL B 279 38.38 10.79 -1.94
CA VAL B 279 38.52 12.09 -1.32
C VAL B 279 39.01 11.81 0.08
N VAL B 280 40.21 12.26 0.38
CA VAL B 280 40.80 12.05 1.69
C VAL B 280 40.59 13.30 2.54
N PHE B 281 40.24 13.11 3.80
CA PHE B 281 40.04 14.23 4.71
C PHE B 281 40.36 13.79 6.13
N GLY B 282 40.39 14.76 7.04
CA GLY B 282 40.70 14.47 8.43
C GLY B 282 41.91 15.25 8.88
N LYS B 283 42.79 14.58 9.63
CA LYS B 283 43.99 15.22 10.15
C LYS B 283 45.23 14.50 9.69
N ILE B 284 46.25 15.27 9.33
CA ILE B 284 47.57 14.72 9.06
C ILE B 284 48.61 15.55 9.81
N LYS B 285 49.42 14.88 10.64
CA LYS B 285 50.44 15.57 11.39
C LYS B 285 51.42 16.16 10.40
N ARG B 286 51.86 17.38 10.69
CA ARG B 286 52.84 18.10 9.88
C ARG B 286 54.02 17.22 9.47
N GLU B 287 54.49 16.41 10.41
CA GLU B 287 55.70 15.62 10.24
C GLU B 287 55.53 14.54 9.18
N PHE B 288 54.27 14.18 8.93
CA PHE B 288 53.90 13.15 7.96
C PHE B 288 53.36 13.71 6.67
N LYS B 289 53.26 15.03 6.59
CA LYS B 289 52.67 15.66 5.42
C LYS B 289 53.41 15.35 4.11
N PRO B 290 54.71 15.70 4.00
CA PRO B 290 55.37 15.55 2.70
C PRO B 290 55.46 14.08 2.30
N TRP B 291 55.31 13.20 3.28
CA TRP B 291 55.38 11.77 3.05
C TRP B 291 54.08 11.33 2.43
N PHE B 292 53.01 12.03 2.77
CA PHE B 292 51.68 11.75 2.24
C PHE B 292 51.51 12.36 0.85
N ASP B 293 52.28 13.39 0.58
CA ASP B 293 52.32 14.06 -0.72
C ASP B 293 52.75 13.13 -1.87
N THR B 294 53.22 11.94 -1.52
CA THR B 294 53.63 10.94 -2.49
C THR B 294 52.42 10.28 -3.14
N LEU B 295 51.26 10.44 -2.52
CA LEU B 295 50.08 9.75 -2.98
C LEU B 295 49.10 10.63 -3.73
N LYS B 296 49.53 11.83 -4.13
CA LYS B 296 48.61 12.77 -4.77
C LYS B 296 48.04 12.18 -6.06
N ASP B 297 48.81 11.31 -6.70
CA ASP B 297 48.36 10.64 -7.91
C ASP B 297 47.29 9.62 -7.58
N LYS B 298 47.28 9.17 -6.34
CA LYS B 298 46.42 8.05 -5.98
C LYS B 298 45.13 8.54 -5.32
N ILE B 299 44.98 9.86 -5.25
CA ILE B 299 43.91 10.51 -4.47
C ILE B 299 43.16 11.53 -5.33
N LEU B 300 41.85 11.61 -5.15
CA LEU B 300 41.07 12.56 -5.94
C LEU B 300 41.38 13.98 -5.49
N ILE B 301 41.17 14.25 -4.21
CA ILE B 301 41.44 15.56 -3.64
C ILE B 301 41.73 15.39 -2.14
N ASN B 302 42.66 16.17 -1.61
CA ASN B 302 43.00 16.03 -0.21
C ASN B 302 42.47 17.15 0.66
N LYS B 303 41.40 16.88 1.40
CA LYS B 303 40.83 17.94 2.24
C LYS B 303 41.14 17.78 3.74
N ALA B 304 42.28 17.17 4.03
CA ALA B 304 42.73 16.97 5.42
C ALA B 304 43.41 18.21 6.01
N ILE B 305 43.13 18.47 7.28
CA ILE B 305 43.81 19.51 8.06
C ILE B 305 45.21 19.05 8.48
N ILE B 306 46.18 19.94 8.42
CA ILE B 306 47.52 19.61 8.88
C ILE B 306 47.70 20.03 10.33
N VAL B 307 48.15 19.09 11.17
CA VAL B 307 48.29 19.33 12.60
C VAL B 307 49.73 19.40 13.06
N ASP B 308 50.15 20.57 13.52
CA ASP B 308 51.51 20.82 13.99
C ASP B 308 51.76 20.36 15.43
N ASP B 309 50.68 20.06 16.15
CA ASP B 309 50.76 19.75 17.58
C ASP B 309 51.43 18.42 17.88
N GLU B 310 52.31 18.42 18.88
CA GLU B 310 52.88 17.17 19.40
C GLU B 310 52.08 16.79 20.63
N PHE B 311 51.21 15.80 20.48
CA PHE B 311 50.38 15.38 21.60
C PHE B 311 51.05 14.25 22.38
N ILE B 312 51.00 14.34 23.70
CA ILE B 312 51.50 13.25 24.54
C ILE B 312 50.34 12.36 24.99
N ASP B 313 49.23 12.48 24.25
CA ASP B 313 48.02 11.69 24.44
C ASP B 313 48.31 10.19 24.49
N MET B 314 47.88 9.52 25.54
CA MET B 314 48.05 8.07 25.63
C MET B 314 46.77 7.37 26.09
N PRO B 315 46.47 6.22 25.48
CA PRO B 315 45.26 5.45 25.79
C PRO B 315 45.50 4.47 26.95
N ASP B 316 44.43 4.12 27.66
CA ASP B 316 44.54 3.15 28.74
C ASP B 316 44.80 1.76 28.17
N ASN B 317 43.85 1.29 27.37
CA ASN B 317 43.95 -0.01 26.72
C ASN B 317 43.62 0.08 25.23
N MET C 5 9.11 25.54 -53.80
CA MET C 5 9.97 25.62 -52.62
C MET C 5 9.92 26.97 -51.92
N MET C 6 10.06 26.94 -50.59
CA MET C 6 10.14 28.15 -49.76
C MET C 6 10.88 27.82 -48.47
N PHE C 7 11.54 28.81 -47.87
CA PHE C 7 12.19 28.60 -46.57
C PHE C 7 12.35 29.88 -45.75
N VAL C 8 12.55 29.70 -44.44
CA VAL C 8 12.65 30.81 -43.51
C VAL C 8 14.06 30.91 -42.94
N HIS C 9 14.60 32.12 -42.89
CA HIS C 9 15.90 32.36 -42.27
C HIS C 9 15.71 33.22 -41.04
N ILE C 10 15.96 32.64 -39.87
CA ILE C 10 15.82 33.34 -38.60
C ILE C 10 17.10 33.14 -37.83
N ALA C 11 17.38 34.05 -36.89
CA ALA C 11 18.53 33.87 -36.01
C ALA C 11 18.51 34.83 -34.83
N ASP C 12 19.43 34.61 -33.90
CA ASP C 12 19.66 35.49 -32.76
C ASP C 12 18.42 35.89 -31.99
N ASN C 13 17.71 34.91 -31.43
CA ASN C 13 16.58 35.25 -30.56
C ASN C 13 17.06 35.57 -29.15
N HIS C 14 18.17 34.96 -28.77
CA HIS C 14 18.78 35.13 -27.46
C HIS C 14 17.77 34.83 -26.35
N LEU C 15 17.16 33.65 -26.44
CA LEU C 15 16.12 33.23 -25.52
C LEU C 15 16.59 33.16 -24.05
N GLY C 16 15.86 33.87 -23.19
CA GLY C 16 16.12 33.81 -21.77
C GLY C 16 17.03 34.91 -21.28
N TYR C 17 17.36 35.81 -22.19
CA TYR C 17 18.09 37.01 -21.86
C TYR C 17 17.20 37.89 -21.02
N ARG C 18 17.75 38.45 -19.94
CA ARG C 18 16.95 39.17 -18.96
C ARG C 18 17.54 40.55 -18.73
N GLN C 19 17.29 41.42 -19.70
CA GLN C 19 17.91 42.74 -19.73
C GLN C 19 17.53 43.54 -18.50
N TYR C 20 18.49 44.28 -17.96
CA TYR C 20 18.25 45.11 -16.78
C TYR C 20 17.70 44.28 -15.65
N ASN C 21 17.90 42.97 -15.72
CA ASN C 21 17.39 42.06 -14.70
C ASN C 21 15.87 42.22 -14.57
N LEU C 22 15.23 42.63 -15.66
CA LEU C 22 13.78 42.85 -15.65
C LEU C 22 12.94 41.64 -16.06
N ASP C 23 11.94 41.32 -15.24
CA ASP C 23 10.99 40.30 -15.61
C ASP C 23 10.37 40.62 -16.95
N ASP C 24 9.89 41.84 -17.11
CA ASP C 24 9.17 42.22 -18.32
C ASP C 24 10.03 42.06 -19.57
N ARG C 25 11.33 42.29 -19.43
CA ARG C 25 12.29 42.21 -20.53
C ARG C 25 12.62 40.78 -20.96
N GLU C 26 12.78 39.89 -19.99
CA GLU C 26 12.94 38.46 -20.26
C GLU C 26 11.71 37.93 -21.01
N LYS C 27 10.55 38.46 -20.61
CA LYS C 27 9.28 38.15 -21.27
C LYS C 27 9.30 38.63 -22.70
N ASP C 28 9.73 39.88 -22.88
CA ASP C 28 9.72 40.52 -24.18
C ASP C 28 10.41 39.63 -25.20
N ILE C 29 11.58 39.12 -24.83
CA ILE C 29 12.33 38.20 -25.67
C ILE C 29 11.55 36.93 -26.01
N TYR C 30 10.94 36.30 -25.01
CA TYR C 30 10.11 35.13 -25.24
C TYR C 30 9.03 35.48 -26.24
N ASP C 31 8.30 36.53 -25.92
CA ASP C 31 7.13 36.93 -26.68
C ASP C 31 7.42 37.12 -28.16
N SER C 32 8.43 37.93 -28.48
CA SER C 32 8.72 38.20 -29.88
C SER C 32 9.11 36.90 -30.56
N PHE C 33 9.82 36.05 -29.83
CA PHE C 33 10.21 34.75 -30.39
C PHE C 33 9.00 33.90 -30.74
N LYS C 34 8.10 33.72 -29.77
CA LYS C 34 6.93 32.87 -29.93
C LYS C 34 6.09 33.36 -31.09
N LEU C 35 6.14 34.67 -31.28
CA LEU C 35 5.43 35.35 -32.36
C LEU C 35 6.00 35.03 -33.72
N CYS C 36 7.32 35.01 -33.85
CA CYS C 36 7.95 34.63 -35.10
C CYS C 36 7.51 33.22 -35.43
N ILE C 37 7.47 32.38 -34.39
CA ILE C 37 7.09 30.99 -34.58
C ILE C 37 5.65 30.90 -35.05
N LYS C 38 4.77 31.67 -34.41
CA LYS C 38 3.37 31.67 -34.84
C LYS C 38 3.30 32.10 -36.29
N LYS C 39 4.01 33.18 -36.61
CA LYS C 39 4.05 33.71 -37.96
C LYS C 39 4.65 32.69 -38.92
N ILE C 40 5.69 31.97 -38.48
CA ILE C 40 6.26 30.90 -39.29
C ILE C 40 5.24 29.79 -39.49
N LEU C 41 4.46 29.51 -38.46
CA LEU C 41 3.44 28.47 -38.53
C LEU C 41 2.26 28.82 -39.46
N GLU C 42 1.91 30.11 -39.51
CA GLU C 42 0.87 30.55 -40.43
C GLU C 42 1.37 30.48 -41.87
N ILE C 43 2.67 30.66 -42.06
CA ILE C 43 3.28 30.63 -43.40
C ILE C 43 3.49 29.19 -43.90
N LYS C 44 3.90 28.31 -43.00
CA LYS C 44 4.23 26.92 -43.32
C LYS C 44 5.22 26.75 -44.47
N PRO C 45 6.46 27.24 -44.30
CA PRO C 45 7.49 27.06 -45.33
C PRO C 45 7.98 25.63 -45.32
N ASP C 46 8.86 25.26 -46.25
CA ASP C 46 9.33 23.89 -46.29
C ASP C 46 10.44 23.67 -45.26
N VAL C 47 11.30 24.68 -45.16
CA VAL C 47 12.46 24.62 -44.29
C VAL C 47 12.56 25.87 -43.43
N VAL C 48 13.13 25.69 -42.24
CA VAL C 48 13.51 26.80 -41.38
C VAL C 48 15.01 26.70 -41.08
N LEU C 49 15.76 27.70 -41.53
CA LEU C 49 17.18 27.79 -41.23
C LEU C 49 17.40 28.73 -40.07
N HIS C 50 18.02 28.24 -39.01
CA HIS C 50 18.28 29.07 -37.86
C HIS C 50 19.79 29.22 -37.63
N SER C 51 20.28 30.45 -37.75
CA SER C 51 21.72 30.70 -37.79
C SER C 51 22.37 30.93 -36.42
N GLY C 52 21.79 30.32 -35.39
CA GLY C 52 22.40 30.32 -34.07
C GLY C 52 21.96 31.44 -33.14
N ASP C 53 22.49 31.39 -31.91
CA ASP C 53 22.08 32.29 -30.83
C ASP C 53 20.59 32.24 -30.55
N LEU C 54 20.03 31.02 -30.58
CA LEU C 54 18.64 30.81 -30.17
C LEU C 54 18.51 31.13 -28.70
N PHE C 55 19.39 30.51 -27.91
CA PHE C 55 19.49 30.75 -26.48
C PHE C 55 20.58 31.74 -26.19
N ASN C 56 20.40 32.50 -25.12
CA ASN C 56 21.40 33.47 -24.74
C ASN C 56 22.51 32.87 -23.87
N ASP C 57 22.22 31.78 -23.19
CA ASP C 57 23.21 31.12 -22.34
C ASP C 57 23.26 29.61 -22.50
N LEU C 58 24.31 28.99 -21.95
CA LEU C 58 24.49 27.54 -22.03
C LEU C 58 23.53 26.89 -21.07
N ARG C 59 23.19 27.62 -20.01
CA ARG C 59 22.25 27.07 -19.06
C ARG C 59 21.09 28.04 -18.96
N PRO C 60 20.21 28.03 -19.97
CA PRO C 60 19.17 29.06 -20.04
C PRO C 60 18.07 28.71 -19.05
N PRO C 61 17.25 29.70 -18.66
CA PRO C 61 16.12 29.45 -17.76
C PRO C 61 15.21 28.37 -18.31
N VAL C 62 14.51 27.72 -17.39
CA VAL C 62 13.72 26.55 -17.70
C VAL C 62 12.64 26.92 -18.70
N LYS C 63 12.07 28.12 -18.52
CA LYS C 63 11.02 28.59 -19.41
C LYS C 63 11.51 28.75 -20.84
N ALA C 64 12.71 29.30 -20.99
CA ALA C 64 13.27 29.49 -22.32
C ALA C 64 13.40 28.12 -22.99
N LEU C 65 13.95 27.16 -22.26
CA LEU C 65 14.10 25.81 -22.76
C LEU C 65 12.74 25.19 -23.07
N ARG C 66 11.80 25.37 -22.16
CA ARG C 66 10.46 24.81 -22.31
C ARG C 66 9.83 25.40 -23.57
N ILE C 67 9.92 26.73 -23.72
CA ILE C 67 9.39 27.41 -24.91
C ILE C 67 10.06 26.94 -26.20
N ALA C 68 11.37 26.83 -26.19
CA ALA C 68 12.11 26.41 -27.37
C ALA C 68 11.68 25.04 -27.84
N MET C 69 11.63 24.08 -26.92
CA MET C 69 11.29 22.71 -27.26
C MET C 69 9.87 22.60 -27.80
N GLN C 70 8.93 23.30 -27.17
CA GLN C 70 7.57 23.31 -27.67
C GLN C 70 7.54 23.86 -29.08
N ALA C 71 8.26 24.96 -29.29
CA ALA C 71 8.29 25.64 -30.57
C ALA C 71 8.77 24.75 -31.70
N PHE C 72 9.94 24.14 -31.54
CA PHE C 72 10.47 23.29 -32.60
C PHE C 72 9.72 21.99 -32.76
N LYS C 73 9.07 21.52 -31.70
CA LYS C 73 8.22 20.36 -31.80
C LYS C 73 7.07 20.66 -32.76
N LYS C 74 6.41 21.79 -32.52
CA LYS C 74 5.28 22.28 -33.31
C LYS C 74 5.66 22.46 -34.79
N LEU C 75 6.93 22.82 -35.01
CA LEU C 75 7.47 23.02 -36.35
C LEU C 75 7.75 21.68 -37.02
N HIS C 76 8.24 20.75 -36.21
CA HIS C 76 8.60 19.41 -36.69
C HIS C 76 7.34 18.61 -36.94
N GLU C 77 6.30 18.89 -36.15
CA GLU C 77 5.03 18.21 -36.29
C GLU C 77 4.29 18.71 -37.53
N ASN C 78 4.65 19.90 -37.98
CA ASN C 78 4.09 20.43 -39.22
C ASN C 78 4.99 20.14 -40.40
N ASN C 79 5.81 19.10 -40.27
CA ASN C 79 6.69 18.63 -41.34
C ASN C 79 7.50 19.74 -41.99
N ILE C 80 7.97 20.68 -41.18
CA ILE C 80 8.91 21.69 -41.63
C ILE C 80 10.29 21.26 -41.15
N LYS C 81 11.23 21.00 -42.06
CA LYS C 81 12.55 20.61 -41.57
C LYS C 81 13.34 21.83 -41.12
N VAL C 82 14.04 21.67 -40.00
CA VAL C 82 14.74 22.77 -39.35
C VAL C 82 16.23 22.47 -39.21
N TYR C 83 17.06 23.41 -39.67
CA TYR C 83 18.50 23.30 -39.48
C TYR C 83 18.95 24.43 -38.57
N ILE C 84 19.87 24.12 -37.67
CA ILE C 84 20.42 25.13 -36.78
C ILE C 84 21.93 24.97 -36.66
N VAL C 85 22.62 26.08 -36.42
CA VAL C 85 24.06 26.04 -36.15
C VAL C 85 24.32 26.62 -34.77
N ALA C 86 25.30 26.10 -34.05
CA ALA C 86 25.52 26.55 -32.70
C ALA C 86 26.10 27.97 -32.70
N GLY C 87 25.46 28.87 -31.97
CA GLY C 87 25.97 30.23 -31.87
C GLY C 87 27.07 30.31 -30.84
N ASN C 88 27.69 31.48 -30.68
CA ASN C 88 28.72 31.67 -29.67
C ASN C 88 28.14 31.33 -28.30
N HIS C 89 26.92 31.77 -28.05
CA HIS C 89 26.30 31.60 -26.74
C HIS C 89 25.91 30.15 -26.46
N GLU C 90 25.74 29.34 -27.50
CA GLU C 90 25.30 27.95 -27.34
C GLU C 90 26.44 26.94 -27.36
N MET C 91 27.67 27.44 -27.37
CA MET C 91 28.87 26.61 -27.44
C MET C 91 29.47 26.26 -26.08
N PRO C 92 29.61 24.97 -25.78
CA PRO C 92 30.18 24.51 -24.52
C PRO C 92 31.55 25.14 -24.28
N ARG C 93 31.96 25.30 -23.03
CA ARG C 93 33.24 25.92 -22.73
C ARG C 93 34.20 24.96 -22.01
N ARG C 94 33.76 24.28 -20.96
CA ARG C 94 34.57 23.22 -20.36
C ARG C 94 34.33 21.93 -21.12
N LEU C 95 35.32 21.04 -21.18
CA LEU C 95 35.16 19.79 -21.92
C LEU C 95 34.11 18.87 -21.29
N GLY C 96 33.11 18.49 -22.07
CA GLY C 96 32.07 17.61 -21.58
C GLY C 96 30.81 18.36 -21.26
N GLU C 97 30.91 19.67 -21.22
CA GLU C 97 29.76 20.55 -21.06
C GLU C 97 28.90 20.36 -22.30
N GLU C 98 27.58 20.37 -22.15
CA GLU C 98 26.65 20.19 -23.28
C GLU C 98 25.96 21.49 -23.65
N SER C 99 25.56 21.63 -24.92
CA SER C 99 24.77 22.78 -25.40
C SER C 99 23.26 22.64 -25.16
N PRO C 100 22.58 23.76 -24.86
CA PRO C 100 21.12 23.67 -24.71
C PRO C 100 20.48 23.30 -26.03
N LEU C 101 21.18 23.51 -27.14
CA LEU C 101 20.70 23.05 -28.43
C LEU C 101 20.45 21.54 -28.46
N ALA C 102 21.18 20.81 -27.63
CA ALA C 102 21.04 19.37 -27.55
C ALA C 102 19.63 18.96 -27.16
N LEU C 103 18.97 19.80 -26.38
CA LEU C 103 17.61 19.51 -25.94
C LEU C 103 16.60 19.54 -27.08
N LEU C 104 17.02 20.01 -28.26
CA LEU C 104 16.10 20.13 -29.39
C LEU C 104 16.40 19.05 -30.43
N LYS C 105 17.31 18.15 -30.09
CA LYS C 105 17.84 17.14 -31.02
C LYS C 105 16.79 16.38 -31.81
N ASP C 106 15.60 16.23 -31.23
CA ASP C 106 14.56 15.43 -31.85
C ASP C 106 13.65 16.20 -32.82
N TYR C 107 13.79 17.52 -32.86
CA TYR C 107 12.95 18.33 -33.75
C TYR C 107 13.81 19.05 -34.77
N VAL C 108 15.13 19.03 -34.55
CA VAL C 108 16.04 19.86 -35.31
C VAL C 108 17.32 19.10 -35.67
N LYS C 109 17.87 19.38 -36.86
CA LYS C 109 19.17 18.88 -37.28
C LYS C 109 20.23 19.95 -36.99
N ILE C 110 21.15 19.64 -36.08
CA ILE C 110 22.23 20.56 -35.78
C ILE C 110 23.36 20.40 -36.80
N LEU C 111 23.68 21.47 -37.51
CA LEU C 111 24.58 21.36 -38.66
C LEU C 111 26.06 21.49 -38.32
N ASP C 112 26.82 20.50 -38.74
CA ASP C 112 28.26 20.59 -38.68
C ASP C 112 28.84 19.84 -39.86
N GLY C 113 28.32 20.11 -41.06
CA GLY C 113 28.76 19.42 -42.24
C GLY C 113 27.79 19.65 -43.38
N LYS C 114 27.62 18.65 -44.23
CA LYS C 114 26.70 18.74 -45.36
C LYS C 114 25.38 18.04 -45.05
N ASP C 115 24.38 18.34 -45.86
CA ASP C 115 23.12 17.59 -45.89
C ASP C 115 22.32 17.99 -47.12
N VAL C 116 21.82 16.99 -47.84
CA VAL C 116 21.03 17.26 -49.03
C VAL C 116 19.57 17.01 -48.73
N ILE C 117 18.75 18.04 -48.87
CA ILE C 117 17.33 17.91 -48.59
C ILE C 117 16.51 17.84 -49.86
N ASN C 118 15.68 16.80 -49.93
CA ASN C 118 14.81 16.59 -51.05
C ASN C 118 13.47 17.20 -50.72
N VAL C 119 13.11 18.28 -51.41
CA VAL C 119 11.79 18.86 -51.19
C VAL C 119 10.88 18.47 -52.33
N ASN C 120 9.64 18.92 -52.25
CA ASN C 120 8.69 18.73 -53.32
C ASN C 120 8.70 19.93 -54.26
N GLY C 121 9.27 19.74 -55.44
CA GLY C 121 9.87 18.48 -55.83
C GLY C 121 11.36 18.59 -56.17
N GLU C 122 12.06 19.44 -55.45
CA GLU C 122 13.43 19.81 -55.82
C GLU C 122 14.50 19.12 -54.92
N GLU C 123 15.76 19.20 -55.34
CA GLU C 123 16.87 18.63 -54.57
C GLU C 123 17.94 19.67 -54.26
N ILE C 124 18.10 19.99 -52.97
CA ILE C 124 18.94 21.13 -52.58
C ILE C 124 19.92 20.86 -51.42
N PHE C 125 21.13 21.38 -51.59
CA PHE C 125 22.29 21.08 -50.75
C PHE C 125 22.51 22.14 -49.70
N ILE C 126 22.59 21.72 -48.43
CA ILE C 126 22.81 22.61 -47.31
C ILE C 126 24.06 22.20 -46.54
N CYS C 127 24.84 23.19 -46.15
CA CYS C 127 25.98 22.93 -45.28
C CYS C 127 26.12 24.03 -44.25
N GLY C 128 26.73 23.71 -43.13
CA GLY C 128 26.95 24.70 -42.11
C GLY C 128 27.86 24.17 -41.03
N THR C 129 28.28 25.05 -40.13
CA THR C 129 29.05 24.64 -38.98
C THR C 129 28.88 25.64 -37.86
N TYR C 130 29.17 25.19 -36.66
CA TYR C 130 29.03 25.99 -35.45
C TYR C 130 29.93 27.21 -35.42
N TYR C 131 29.77 28.02 -34.38
CA TYR C 131 30.59 29.20 -34.21
C TYR C 131 32.04 28.82 -33.91
N HIS C 132 32.94 29.25 -34.77
CA HIS C 132 34.36 29.08 -34.51
C HIS C 132 34.90 30.44 -34.07
N LYS C 133 35.95 30.45 -33.27
CA LYS C 133 36.57 31.70 -32.86
C LYS C 133 37.51 32.18 -33.96
N LYS C 134 38.01 33.40 -33.84
CA LYS C 134 39.04 33.92 -34.74
C LYS C 134 40.18 32.93 -34.85
N SER C 135 40.56 32.36 -33.70
CA SER C 135 41.66 31.43 -33.57
C SER C 135 41.64 30.29 -34.58
N LYS C 136 40.45 29.83 -34.93
CA LYS C 136 40.32 28.67 -35.79
C LYS C 136 39.93 29.01 -37.22
N ARG C 137 40.31 30.21 -37.68
CA ARG C 137 40.04 30.61 -39.06
C ARG C 137 40.67 29.64 -40.07
N GLU C 138 41.91 29.24 -39.78
CA GLU C 138 42.60 28.27 -40.62
C GLU C 138 41.75 27.00 -40.75
N GLU C 139 41.38 26.44 -39.60
CA GLU C 139 40.49 25.27 -39.51
C GLU C 139 39.25 25.46 -40.35
N MET C 140 38.61 26.61 -40.17
CA MET C 140 37.34 26.89 -40.79
C MET C 140 37.49 26.94 -42.30
N LEU C 141 38.59 27.51 -42.77
CA LEU C 141 38.77 27.68 -44.20
C LEU C 141 38.73 26.31 -44.87
N ASP C 142 39.45 25.35 -44.29
CA ASP C 142 39.45 23.98 -44.80
C ASP C 142 38.05 23.41 -44.84
N LYS C 143 37.30 23.61 -43.76
CA LYS C 143 35.93 23.15 -43.68
C LYS C 143 35.13 23.74 -44.84
N LEU C 144 35.29 25.04 -45.08
CA LEU C 144 34.55 25.70 -46.15
C LEU C 144 34.95 25.18 -47.52
N LYS C 145 36.24 24.95 -47.72
CA LYS C 145 36.74 24.41 -48.98
C LYS C 145 36.21 22.98 -49.18
N ASN C 146 36.10 22.23 -48.09
CA ASN C 146 35.55 20.88 -48.11
C ASN C 146 34.07 20.90 -48.48
N PHE C 147 33.40 22.00 -48.19
CA PHE C 147 32.00 22.18 -48.55
C PHE C 147 31.89 22.44 -50.04
N GLU C 148 32.73 23.36 -50.51
CA GLU C 148 32.76 23.76 -51.91
C GLU C 148 33.00 22.54 -52.79
N SER C 149 33.92 21.69 -52.36
CA SER C 149 34.20 20.41 -53.04
C SER C 149 32.96 19.55 -53.23
N GLU C 150 32.20 19.35 -52.15
CA GLU C 150 31.05 18.47 -52.17
C GLU C 150 29.82 19.10 -52.79
N ALA C 151 29.94 20.37 -53.18
CA ALA C 151 28.81 21.11 -53.74
C ALA C 151 28.96 21.44 -55.22
N LYS C 152 30.12 21.13 -55.80
CA LYS C 152 30.42 21.46 -57.19
C LYS C 152 29.31 21.02 -58.14
N ASN C 153 28.85 19.79 -57.98
CA ASN C 153 27.83 19.20 -58.84
C ASN C 153 26.39 19.47 -58.39
N TYR C 154 26.23 20.43 -57.49
CA TYR C 154 24.91 20.83 -57.00
C TYR C 154 24.48 22.19 -57.52
N LYS C 155 23.19 22.34 -57.79
CA LYS C 155 22.68 23.55 -58.44
C LYS C 155 22.33 24.65 -57.44
N LYS C 156 21.58 24.27 -56.42
CA LYS C 156 21.13 25.20 -55.38
C LYS C 156 21.77 24.93 -54.03
N LYS C 157 22.68 25.80 -53.62
CA LYS C 157 23.49 25.57 -52.43
C LYS C 157 23.45 26.72 -51.42
N ILE C 158 23.12 26.38 -50.17
CA ILE C 158 23.05 27.35 -49.07
C ILE C 158 24.12 27.08 -48.00
N LEU C 159 24.75 28.15 -47.53
CA LEU C 159 25.74 28.04 -46.47
C LEU C 159 25.25 28.67 -45.16
N MET C 160 25.32 27.92 -44.07
CA MET C 160 24.88 28.43 -42.77
C MET C 160 26.06 28.65 -41.84
N LEU C 161 26.19 29.87 -41.32
CA LEU C 161 27.29 30.20 -40.41
C LEU C 161 26.84 31.17 -39.34
N HIS C 162 27.50 31.15 -38.20
CA HIS C 162 27.22 32.13 -37.17
C HIS C 162 28.51 32.88 -36.87
N GLN C 163 28.89 33.78 -37.77
CA GLN C 163 30.13 34.53 -37.58
C GLN C 163 29.94 35.97 -37.98
N GLY C 164 30.95 36.78 -37.70
CA GLY C 164 30.99 38.13 -38.22
C GLY C 164 31.95 38.17 -39.39
N ILE C 165 31.53 38.77 -40.50
CA ILE C 165 32.40 38.87 -41.66
C ILE C 165 32.95 40.31 -41.77
N ASN C 166 34.25 40.40 -42.10
CA ASN C 166 35.06 41.62 -41.93
C ASN C 166 34.51 43.00 -42.41
N PRO C 167 33.98 43.06 -43.64
CA PRO C 167 33.39 44.36 -44.02
C PRO C 167 32.12 44.69 -43.20
N TYR C 168 31.27 43.70 -42.97
CA TYR C 168 29.97 43.93 -42.34
C TYR C 168 30.05 44.29 -40.87
N ILE C 169 31.25 44.16 -40.30
CA ILE C 169 31.43 44.47 -38.90
C ILE C 169 32.90 44.79 -38.62
N PRO C 170 33.21 46.09 -38.53
CA PRO C 170 34.56 46.63 -38.29
C PRO C 170 35.38 45.78 -37.32
N LEU C 171 35.03 45.78 -36.04
CA LEU C 171 35.72 44.97 -35.05
C LEU C 171 34.69 44.49 -34.02
N ASP C 172 34.65 43.19 -33.76
CA ASP C 172 35.53 42.21 -34.39
C ASP C 172 34.81 41.29 -35.37
N TYR C 173 35.57 40.42 -36.01
CA TYR C 173 35.06 39.51 -37.03
C TYR C 173 35.91 38.27 -37.05
N GLU C 174 35.34 37.15 -37.48
CA GLU C 174 36.08 35.90 -37.58
C GLU C 174 36.55 35.59 -39.00
N LEU C 175 35.77 36.02 -39.98
CA LEU C 175 36.13 35.79 -41.39
C LEU C 175 36.20 37.08 -42.19
N GLU C 176 37.01 37.06 -43.24
CA GLU C 176 37.07 38.14 -44.21
C GLU C 176 36.04 37.84 -45.29
N HIS C 177 35.56 38.88 -45.99
CA HIS C 177 34.56 38.66 -47.02
C HIS C 177 35.03 37.71 -48.10
N PHE C 178 36.34 37.74 -48.39
CA PHE C 178 36.95 36.89 -49.40
C PHE C 178 37.31 35.50 -48.88
N ASP C 179 36.84 35.17 -47.68
CA ASP C 179 37.10 33.87 -47.09
C ASP C 179 36.11 32.81 -47.56
N LEU C 180 34.89 33.23 -47.87
CA LEU C 180 33.82 32.27 -48.14
C LEU C 180 33.55 31.97 -49.61
N PRO C 181 33.42 30.68 -49.94
CA PRO C 181 33.14 30.16 -51.28
C PRO C 181 31.80 30.63 -51.84
N LYS C 182 31.60 30.47 -53.14
CA LYS C 182 30.35 30.84 -53.79
C LYS C 182 29.17 29.95 -53.42
N PHE C 183 28.13 30.55 -52.84
CA PHE C 183 26.88 29.87 -52.54
C PHE C 183 25.69 30.71 -52.97
N SER C 184 24.55 30.08 -53.19
CA SER C 184 23.34 30.78 -53.65
C SER C 184 22.83 31.73 -52.58
N TYR C 185 22.79 31.25 -51.34
CA TYR C 185 22.30 32.03 -50.22
C TYR C 185 23.18 31.84 -48.99
N TYR C 186 23.60 32.93 -48.37
CA TYR C 186 24.39 32.84 -47.15
C TYR C 186 23.53 33.11 -45.93
N ALA C 187 23.02 32.05 -45.33
CA ALA C 187 22.19 32.15 -44.15
C ALA C 187 23.08 32.37 -42.93
N LEU C 188 23.28 33.63 -42.56
CA LEU C 188 24.23 34.00 -41.51
C LEU C 188 23.54 34.51 -40.27
N GLY C 189 24.27 34.47 -39.17
CA GLY C 189 23.80 35.01 -37.91
C GLY C 189 25.01 35.56 -37.19
N HIS C 190 24.74 36.29 -36.10
CA HIS C 190 25.71 36.90 -35.18
C HIS C 190 25.90 38.41 -35.30
N ILE C 191 25.24 39.01 -36.28
CA ILE C 191 25.19 40.47 -36.38
C ILE C 191 23.74 40.84 -36.18
N HIS C 192 23.45 41.63 -35.15
CA HIS C 192 22.06 41.84 -34.77
C HIS C 192 21.28 42.85 -35.62
N LYS C 193 21.94 43.46 -36.59
CA LYS C 193 21.24 44.35 -37.51
C LYS C 193 20.89 43.57 -38.77
N ARG C 194 19.79 43.97 -39.42
CA ARG C 194 19.34 43.28 -40.61
C ARG C 194 20.30 43.57 -41.73
N ILE C 195 20.86 42.52 -42.33
CA ILE C 195 21.74 42.68 -43.47
C ILE C 195 21.32 41.74 -44.58
N LEU C 196 20.99 42.32 -45.73
CA LEU C 196 20.66 41.57 -46.92
C LEU C 196 21.24 42.28 -48.14
N GLU C 197 22.07 41.57 -48.90
CA GLU C 197 22.60 42.12 -50.14
C GLU C 197 23.28 41.06 -51.00
N ARG C 198 23.30 41.31 -52.31
CA ARG C 198 23.90 40.39 -53.26
C ARG C 198 25.40 40.29 -53.01
N PHE C 199 25.95 39.11 -53.26
CA PHE C 199 27.33 38.85 -52.88
C PHE C 199 27.89 37.59 -53.51
N ASN C 200 29.12 37.66 -54.00
CA ASN C 200 29.78 36.53 -54.68
C ASN C 200 28.88 35.78 -55.65
N ASP C 201 28.12 36.55 -56.42
CA ASP C 201 27.21 35.99 -57.43
C ASP C 201 26.17 35.14 -56.70
N GLY C 202 25.50 35.76 -55.74
CA GLY C 202 24.54 35.09 -54.89
C GLY C 202 23.96 36.13 -53.96
N ILE C 203 23.47 35.71 -52.79
CA ILE C 203 22.86 36.67 -51.88
C ILE C 203 23.11 36.37 -50.40
N LEU C 204 23.74 37.33 -49.73
CA LEU C 204 24.16 37.14 -48.34
C LEU C 204 23.20 37.80 -47.37
N ALA C 205 22.92 37.12 -46.27
CA ALA C 205 21.96 37.66 -45.33
C ALA C 205 22.26 37.38 -43.88
N TYR C 206 22.11 38.41 -43.07
CA TYR C 206 22.01 38.27 -41.63
C TYR C 206 20.59 38.59 -41.23
N SER C 207 19.89 37.60 -40.69
CA SER C 207 18.48 37.73 -40.33
C SER C 207 18.28 38.83 -39.29
N GLY C 208 19.31 39.07 -38.49
CA GLY C 208 19.26 40.05 -37.43
C GLY C 208 18.52 39.50 -36.22
N SER C 209 18.81 40.07 -35.05
CA SER C 209 18.17 39.61 -33.80
C SER C 209 16.67 39.90 -33.80
N THR C 210 15.93 39.12 -33.01
CA THR C 210 14.49 39.21 -32.98
C THR C 210 13.98 40.09 -31.85
N GLU C 211 14.90 40.74 -31.17
CA GLU C 211 14.56 41.73 -30.15
C GLU C 211 15.76 42.60 -29.80
N ILE C 212 15.50 43.73 -29.13
CA ILE C 212 16.56 44.66 -28.81
C ILE C 212 17.43 44.13 -27.68
N ILE C 213 18.57 43.55 -28.06
CA ILE C 213 19.50 42.98 -27.08
C ILE C 213 20.39 44.07 -26.49
N TYR C 214 21.04 44.86 -27.34
CA TYR C 214 21.86 45.98 -26.87
C TYR C 214 21.17 47.31 -27.18
N ARG C 215 21.48 48.36 -26.42
CA ARG C 215 20.82 49.66 -26.63
C ARG C 215 21.22 50.23 -27.98
N ASN C 216 22.23 49.62 -28.58
CA ASN C 216 22.75 50.05 -29.86
C ASN C 216 21.73 49.71 -30.94
N GLU C 217 21.11 48.54 -30.80
CA GLU C 217 20.14 48.03 -31.78
C GLU C 217 18.86 48.86 -31.83
N TYR C 218 18.78 49.88 -31.00
CA TYR C 218 17.58 50.70 -30.83
C TYR C 218 17.03 51.32 -32.12
N GLU C 219 17.91 51.98 -32.89
CA GLU C 219 17.47 52.72 -34.06
C GLU C 219 17.29 51.85 -35.31
N ASP C 220 18.02 50.74 -35.38
CA ASP C 220 17.94 49.85 -36.52
C ASP C 220 16.61 49.10 -36.50
N TYR C 221 16.00 49.02 -35.33
CA TYR C 221 14.64 48.48 -35.22
C TYR C 221 13.65 49.41 -35.91
N LYS C 222 13.78 50.71 -35.65
CA LYS C 222 12.89 51.68 -36.28
C LYS C 222 13.21 51.86 -37.75
N LYS C 223 14.50 51.77 -38.07
CA LYS C 223 14.97 52.10 -39.41
C LYS C 223 14.86 50.91 -40.39
N GLU C 224 15.11 49.71 -39.89
CA GLU C 224 14.99 48.51 -40.73
C GLU C 224 13.92 47.52 -40.26
N GLY C 225 13.67 47.48 -38.96
CA GLY C 225 12.70 46.56 -38.41
C GLY C 225 13.25 45.18 -38.15
N LYS C 226 12.82 44.59 -37.03
CA LYS C 226 13.29 43.28 -36.60
C LYS C 226 12.28 42.18 -36.87
N GLY C 227 12.78 40.97 -37.10
CA GLY C 227 11.93 39.84 -37.38
C GLY C 227 12.76 38.74 -38.02
N PHE C 228 12.35 38.33 -39.22
CA PHE C 228 13.11 37.35 -39.97
C PHE C 228 12.87 37.48 -41.47
N TYR C 229 13.62 36.70 -42.23
CA TYR C 229 13.48 36.66 -43.69
C TYR C 229 12.68 35.47 -44.16
N LEU C 230 11.99 35.66 -45.29
CA LEU C 230 11.28 34.59 -45.95
C LEU C 230 11.74 34.57 -47.39
N VAL C 231 12.68 33.68 -47.67
CA VAL C 231 13.21 33.52 -49.01
C VAL C 231 12.39 32.40 -49.63
N ASP C 232 12.09 32.50 -50.92
CA ASP C 232 11.32 31.43 -51.55
C ASP C 232 12.20 30.40 -52.26
N PHE C 233 13.15 30.86 -53.08
CA PHE C 233 14.05 29.96 -53.79
C PHE C 233 13.25 28.95 -54.62
N SER C 234 12.18 29.45 -55.24
CA SER C 234 11.33 28.63 -56.10
C SER C 234 11.97 28.46 -57.48
N GLY C 235 12.37 29.58 -58.07
CA GLY C 235 12.97 29.54 -59.39
C GLY C 235 14.39 29.00 -59.37
N ASN C 236 15.03 28.97 -60.53
CA ASN C 236 16.39 28.46 -60.64
C ASN C 236 17.41 29.46 -60.12
N ASP C 237 17.08 30.75 -60.27
CA ASP C 237 17.90 31.85 -59.76
C ASP C 237 17.13 32.55 -58.64
N LEU C 238 17.84 33.13 -57.68
CA LEU C 238 17.20 33.99 -56.67
C LEU C 238 17.88 35.33 -56.47
N ASP C 239 17.07 36.37 -56.28
CA ASP C 239 17.57 37.72 -56.10
C ASP C 239 16.82 38.34 -54.91
N ILE C 240 17.19 39.55 -54.52
CA ILE C 240 16.56 40.23 -53.40
C ILE C 240 15.04 40.26 -53.56
N SER C 241 14.60 40.47 -54.79
CA SER C 241 13.17 40.53 -55.12
C SER C 241 12.32 39.37 -54.55
N ASP C 242 12.92 38.20 -54.36
CA ASP C 242 12.18 37.05 -53.83
C ASP C 242 12.44 36.78 -52.35
N ILE C 243 12.68 37.85 -51.60
CA ILE C 243 12.87 37.75 -50.15
C ILE C 243 11.94 38.67 -49.37
N GLU C 244 10.99 38.07 -48.65
CA GLU C 244 10.06 38.84 -47.84
C GLU C 244 10.61 38.97 -46.46
N LYS C 245 10.54 40.17 -45.91
CA LYS C 245 10.96 40.35 -44.53
C LYS C 245 9.75 40.58 -43.61
N ILE C 246 9.61 39.64 -42.69
CA ILE C 246 8.55 39.65 -41.69
C ILE C 246 9.02 40.49 -40.51
N ASP C 247 8.23 41.51 -40.17
CA ASP C 247 8.57 42.35 -39.04
C ASP C 247 7.93 41.83 -37.75
N ILE C 248 8.46 42.29 -36.62
CA ILE C 248 8.02 41.88 -35.30
C ILE C 248 7.95 43.09 -34.39
N GLU C 249 6.82 43.27 -33.72
CA GLU C 249 6.67 44.39 -32.78
C GLU C 249 7.55 44.12 -31.57
N CYS C 250 8.37 45.10 -31.18
CA CYS C 250 9.09 44.93 -29.92
C CYS C 250 9.34 46.21 -29.12
N ARG C 251 9.86 46.02 -27.91
CA ARG C 251 9.99 47.06 -26.89
C ARG C 251 10.63 48.31 -27.42
N GLU C 252 9.97 49.46 -27.23
CA GLU C 252 10.55 50.72 -27.70
C GLU C 252 11.45 51.41 -26.66
N PHE C 253 12.50 52.05 -27.16
CA PHE C 253 13.47 52.73 -26.31
C PHE C 253 13.50 54.23 -26.61
N VAL C 254 13.37 55.06 -25.58
CA VAL C 254 13.48 56.50 -25.77
C VAL C 254 14.73 57.12 -25.16
N GLU C 255 15.42 57.92 -25.97
CA GLU C 255 16.60 58.64 -25.52
C GLU C 255 16.21 60.05 -25.10
N VAL C 256 16.70 60.49 -23.94
CA VAL C 256 16.39 61.83 -23.43
C VAL C 256 17.60 62.67 -23.03
N ASN C 257 17.45 63.98 -23.15
CA ASN C 257 18.43 64.93 -22.66
C ASN C 257 17.75 66.14 -22.04
N ILE C 258 17.13 65.94 -20.87
CA ILE C 258 16.35 66.98 -20.23
C ILE C 258 17.21 67.97 -19.46
N LYS C 259 17.33 69.18 -20.00
CA LYS C 259 18.07 70.25 -19.36
C LYS C 259 17.21 71.51 -19.32
N ASP C 260 16.19 71.52 -20.18
CA ASP C 260 15.23 72.62 -20.22
C ASP C 260 13.81 72.11 -20.48
N LYS C 261 12.87 73.03 -20.68
CA LYS C 261 11.47 72.69 -20.95
C LYS C 261 11.23 72.02 -22.31
N LYS C 262 12.00 72.44 -23.32
CA LYS C 262 11.90 71.90 -24.67
C LYS C 262 12.13 70.39 -24.72
N SER C 263 13.28 69.96 -24.22
CA SER C 263 13.66 68.57 -24.18
C SER C 263 12.70 67.74 -23.33
N PHE C 264 12.09 68.37 -22.33
CA PHE C 264 11.09 67.70 -21.49
C PHE C 264 9.83 67.38 -22.29
N ASN C 265 9.36 68.35 -23.07
CA ASN C 265 8.18 68.14 -23.89
C ASN C 265 8.45 67.15 -25.03
N GLU C 266 9.67 67.16 -25.56
CA GLU C 266 10.06 66.19 -26.57
C GLU C 266 9.99 64.78 -25.97
N ALA C 267 10.40 64.68 -24.72
CA ALA C 267 10.36 63.41 -24.00
C ALA C 267 8.94 62.91 -23.75
N VAL C 268 8.10 63.74 -23.12
CA VAL C 268 6.74 63.32 -22.79
C VAL C 268 5.93 63.04 -24.06
N ASN C 269 6.18 63.83 -25.11
CA ASN C 269 5.55 63.59 -26.40
C ASN C 269 5.97 62.22 -26.94
N LYS C 270 7.28 61.98 -26.93
CA LYS C 270 7.83 60.70 -27.39
C LYS C 270 7.30 59.52 -26.57
N ILE C 271 7.16 59.71 -25.27
CA ILE C 271 6.69 58.63 -24.40
C ILE C 271 5.20 58.30 -24.60
N GLU C 272 4.36 59.33 -24.69
CA GLU C 272 2.94 59.08 -24.94
C GLU C 272 2.71 58.49 -26.34
N ARG C 273 3.60 58.82 -27.27
CA ARG C 273 3.50 58.35 -28.64
C ARG C 273 3.85 56.87 -28.74
N CYS C 274 4.43 56.33 -27.65
CA CYS C 274 4.85 54.93 -27.60
C CYS C 274 3.69 53.96 -27.50
N LYS C 275 3.76 52.89 -28.26
CA LYS C 275 2.74 51.83 -28.24
C LYS C 275 2.92 50.93 -27.02
N ASN C 276 4.18 50.68 -26.65
CA ASN C 276 4.49 49.81 -25.51
C ASN C 276 5.36 50.55 -24.50
N LYS C 277 5.03 50.45 -23.21
CA LYS C 277 5.76 51.14 -22.13
C LYS C 277 7.29 51.11 -22.32
N PRO C 278 7.87 52.30 -22.53
CA PRO C 278 9.24 52.47 -23.04
C PRO C 278 10.35 52.32 -22.01
N VAL C 279 11.54 51.98 -22.50
CA VAL C 279 12.77 52.05 -21.72
C VAL C 279 13.40 53.41 -21.99
N VAL C 280 13.54 54.23 -20.96
CA VAL C 280 14.15 55.55 -21.14
C VAL C 280 15.62 55.56 -20.69
N PHE C 281 16.48 56.22 -21.46
CA PHE C 281 17.90 56.30 -21.13
C PHE C 281 18.49 57.63 -21.58
N GLY C 282 19.69 57.95 -21.11
CA GLY C 282 20.31 59.21 -21.46
C GLY C 282 20.69 60.10 -20.27
N LYS C 283 20.44 61.40 -20.42
CA LYS C 283 20.79 62.38 -19.39
C LYS C 283 19.62 63.25 -18.91
N ILE C 284 19.53 63.44 -17.59
CA ILE C 284 18.55 64.34 -16.98
C ILE C 284 19.17 65.22 -15.88
N LYS C 285 18.96 66.55 -15.94
CA LYS C 285 19.45 67.43 -14.87
C LYS C 285 18.74 67.15 -13.53
N ARG C 286 19.52 67.15 -12.45
CA ARG C 286 19.01 66.89 -11.10
C ARG C 286 17.74 67.64 -10.73
N GLU C 287 17.63 68.89 -11.16
CA GLU C 287 16.50 69.72 -10.77
C GLU C 287 15.17 69.22 -11.33
N PHE C 288 15.23 68.33 -12.32
CA PHE C 288 14.02 67.85 -12.98
C PHE C 288 13.57 66.49 -12.45
N LYS C 289 14.37 65.92 -11.53
CA LYS C 289 14.15 64.56 -11.03
C LYS C 289 12.77 64.27 -10.44
N PRO C 290 12.34 65.02 -9.42
CA PRO C 290 11.05 64.63 -8.84
C PRO C 290 9.89 64.86 -9.80
N TRP C 291 10.11 65.75 -10.78
CA TRP C 291 9.09 66.16 -11.73
C TRP C 291 8.88 65.07 -12.80
N PHE C 292 9.95 64.36 -13.11
CA PHE C 292 9.93 63.28 -14.10
C PHE C 292 9.39 62.00 -13.49
N ASP C 293 9.58 61.84 -12.19
CA ASP C 293 9.11 60.66 -11.46
C ASP C 293 7.59 60.51 -11.47
N THR C 294 6.91 61.50 -12.04
CA THR C 294 5.46 61.50 -12.19
C THR C 294 4.98 60.53 -13.28
N LEU C 295 5.91 60.06 -14.12
CA LEU C 295 5.58 59.20 -15.25
C LEU C 295 5.96 57.73 -15.09
N LYS C 296 6.31 57.31 -13.87
CA LYS C 296 6.78 55.94 -13.66
C LYS C 296 5.73 54.91 -14.04
N ASP C 297 4.46 55.30 -13.92
CA ASP C 297 3.36 54.43 -14.29
C ASP C 297 3.31 54.25 -15.80
N LYS C 298 3.87 55.22 -16.52
CA LYS C 298 3.82 55.21 -17.98
C LYS C 298 5.16 54.74 -18.55
N ILE C 299 6.07 54.31 -17.67
CA ILE C 299 7.42 53.92 -18.08
C ILE C 299 7.83 52.56 -17.51
N LEU C 300 8.56 51.78 -18.30
CA LEU C 300 9.07 50.50 -17.83
C LEU C 300 10.21 50.66 -16.83
N ILE C 301 11.31 51.32 -17.25
CA ILE C 301 12.45 51.56 -16.38
C ILE C 301 13.23 52.81 -16.83
N ASN C 302 13.78 53.54 -15.86
CA ASN C 302 14.53 54.76 -16.09
C ASN C 302 16.04 54.57 -15.93
N LYS C 303 16.75 54.46 -17.05
CA LYS C 303 18.21 54.26 -17.02
C LYS C 303 18.97 55.52 -17.44
N ALA C 304 18.36 56.68 -17.19
CA ALA C 304 19.02 57.94 -17.47
C ALA C 304 19.96 58.36 -16.35
N ILE C 305 21.13 58.88 -16.72
CA ILE C 305 22.07 59.47 -15.77
C ILE C 305 21.58 60.83 -15.25
N ILE C 306 21.73 61.08 -13.95
CA ILE C 306 21.36 62.37 -13.39
C ILE C 306 22.54 63.34 -13.38
N VAL C 307 22.36 64.52 -13.95
CA VAL C 307 23.46 65.46 -14.12
C VAL C 307 23.42 66.69 -13.20
N ASP C 308 24.37 66.71 -12.28
CA ASP C 308 24.54 67.80 -11.32
C ASP C 308 25.36 68.95 -11.87
N ASP C 309 25.47 69.06 -13.19
CA ASP C 309 26.39 70.02 -13.79
C ASP C 309 25.72 71.08 -14.68
N GLU C 310 26.48 72.14 -14.96
CA GLU C 310 26.00 73.28 -15.71
C GLU C 310 26.82 73.44 -17.00
N HIS D 4 -56.62 10.75 39.25
CA HIS D 4 -56.25 12.14 39.13
C HIS D 4 -55.20 12.33 38.06
N MET D 5 -54.38 11.30 37.85
CA MET D 5 -53.33 11.35 36.85
C MET D 5 -53.06 9.97 36.25
N MET D 6 -52.70 9.97 34.96
CA MET D 6 -52.28 8.78 34.24
C MET D 6 -51.39 9.31 33.12
N PHE D 7 -50.45 8.48 32.67
CA PHE D 7 -49.58 8.87 31.55
C PHE D 7 -49.06 7.68 30.75
N VAL D 8 -48.60 7.97 29.54
CA VAL D 8 -48.19 6.95 28.59
C VAL D 8 -46.68 6.96 28.37
N HIS D 9 -46.10 5.76 28.40
CA HIS D 9 -44.70 5.59 28.06
C HIS D 9 -44.67 4.77 26.80
N ILE D 10 -44.17 5.37 25.73
CA ILE D 10 -44.01 4.69 24.45
C ILE D 10 -42.60 4.99 23.96
N ALA D 11 -42.07 4.14 23.08
CA ALA D 11 -40.78 4.42 22.45
C ALA D 11 -40.53 3.50 21.28
N ASP D 12 -39.45 3.81 20.56
CA ASP D 12 -38.94 2.97 19.49
C ASP D 12 -40.00 2.53 18.47
N ASN D 13 -40.63 3.49 17.80
CA ASN D 13 -41.56 3.17 16.72
C ASN D 13 -40.82 2.91 15.43
N HIS D 14 -39.65 3.55 15.30
CA HIS D 14 -38.80 3.42 14.12
C HIS D 14 -39.52 3.71 12.80
N LEU D 15 -40.16 4.88 12.76
CA LEU D 15 -40.97 5.32 11.62
C LEU D 15 -40.18 5.43 10.33
N GLY D 16 -40.65 4.73 9.30
CA GLY D 16 -40.04 4.78 7.99
C GLY D 16 -39.02 3.68 7.74
N TYR D 17 -38.87 2.78 8.70
CA TYR D 17 -38.03 1.62 8.50
C TYR D 17 -38.72 0.75 7.48
N ARG D 18 -37.93 0.21 6.57
CA ARG D 18 -38.50 -0.50 5.44
C ARG D 18 -37.84 -1.87 5.34
N GLN D 19 -38.26 -2.76 6.22
CA GLN D 19 -37.64 -4.06 6.39
C GLN D 19 -37.65 -4.88 5.11
N TYR D 20 -36.53 -5.55 4.83
CA TYR D 20 -36.36 -6.33 3.61
C TYR D 20 -36.63 -5.51 2.36
N ASN D 21 -36.55 -4.18 2.48
CA ASN D 21 -36.83 -3.26 1.38
C ASN D 21 -38.26 -3.46 0.85
N LEU D 22 -39.13 -3.96 1.71
CA LEU D 22 -40.51 -4.25 1.34
C LEU D 22 -41.44 -3.07 1.59
N ASP D 23 -42.26 -2.75 0.59
CA ASP D 23 -43.30 -1.74 0.75
C ASP D 23 -44.21 -2.09 1.93
N ASP D 24 -44.65 -3.34 1.99
CA ASP D 24 -45.57 -3.78 3.03
C ASP D 24 -45.05 -3.59 4.46
N ARG D 25 -43.74 -3.75 4.64
CA ARG D 25 -43.16 -3.65 5.98
C ARG D 25 -43.14 -2.21 6.45
N GLU D 26 -42.82 -1.30 5.54
CA GLU D 26 -42.86 0.12 5.86
C GLU D 26 -44.26 0.54 6.28
N LYS D 27 -45.27 0.01 5.59
CA LYS D 27 -46.66 0.24 5.97
C LYS D 27 -46.92 -0.28 7.36
N ASP D 28 -46.45 -1.50 7.61
CA ASP D 28 -46.67 -2.18 8.88
C ASP D 28 -46.25 -1.29 10.04
N ILE D 29 -45.05 -0.73 9.92
CA ILE D 29 -44.50 0.19 10.91
C ILE D 29 -45.43 1.38 11.08
N TYR D 30 -45.84 1.98 9.97
CA TYR D 30 -46.79 3.09 10.03
C TYR D 30 -48.04 2.63 10.77
N ASP D 31 -48.59 1.51 10.32
CA ASP D 31 -49.84 1.02 10.86
C ASP D 31 -49.81 0.85 12.37
N SER D 32 -48.79 0.15 12.88
CA SER D 32 -48.71 -0.09 14.30
C SER D 32 -48.54 1.23 15.09
N PHE D 33 -47.78 2.16 14.54
CA PHE D 33 -47.64 3.48 15.17
C PHE D 33 -48.98 4.19 15.27
N LYS D 34 -49.66 4.30 14.14
CA LYS D 34 -50.95 4.97 14.06
C LYS D 34 -51.98 4.31 14.96
N LEU D 35 -51.86 3.00 15.16
CA LEU D 35 -52.76 2.29 16.06
C LEU D 35 -52.53 2.74 17.50
N CYS D 36 -51.26 2.86 17.86
CA CYS D 36 -50.90 3.30 19.19
C CYS D 36 -51.47 4.68 19.46
N ILE D 37 -51.37 5.56 18.47
CA ILE D 37 -51.86 6.93 18.60
C ILE D 37 -53.37 6.94 18.76
N LYS D 38 -54.06 6.11 17.99
CA LYS D 38 -55.50 6.00 18.13
C LYS D 38 -55.84 5.54 19.54
N LYS D 39 -55.18 4.46 19.98
CA LYS D 39 -55.42 3.92 21.32
C LYS D 39 -55.03 4.90 22.42
N ILE D 40 -53.95 5.65 22.24
CA ILE D 40 -53.58 6.70 23.18
C ILE D 40 -54.66 7.77 23.24
N LEU D 41 -55.26 8.08 22.09
CA LEU D 41 -56.33 9.07 22.05
C LEU D 41 -57.63 8.56 22.72
N GLU D 42 -57.89 7.27 22.59
CA GLU D 42 -59.04 6.63 23.21
C GLU D 42 -58.86 6.67 24.71
N ILE D 43 -57.60 6.64 25.14
CA ILE D 43 -57.27 6.69 26.56
C ILE D 43 -57.31 8.11 27.11
N LYS D 44 -56.86 9.08 26.33
CA LYS D 44 -56.69 10.47 26.80
C LYS D 44 -55.86 10.62 28.08
N PRO D 45 -54.59 10.20 28.07
CA PRO D 45 -53.77 10.42 29.27
C PRO D 45 -53.29 11.87 29.35
N ASP D 46 -52.70 12.27 30.48
CA ASP D 46 -52.28 13.65 30.70
C ASP D 46 -50.95 13.95 30.01
N VAL D 47 -50.07 12.97 30.07
CA VAL D 47 -48.75 13.10 29.49
C VAL D 47 -48.42 11.90 28.62
N VAL D 48 -47.62 12.13 27.59
CA VAL D 48 -47.07 11.02 26.86
C VAL D 48 -45.55 11.16 26.84
N LEU D 49 -44.86 10.18 27.45
CA LEU D 49 -43.40 10.13 27.44
C LEU D 49 -42.91 9.21 26.33
N HIS D 50 -42.12 9.77 25.42
CA HIS D 50 -41.60 9.04 24.29
C HIS D 50 -40.09 8.97 24.38
N SER D 51 -39.58 7.75 24.50
CA SER D 51 -38.16 7.58 24.83
C SER D 51 -37.24 7.39 23.62
N GLY D 52 -37.61 7.96 22.49
CA GLY D 52 -36.72 8.00 21.34
C GLY D 52 -36.80 6.90 20.30
N ASP D 53 -36.01 7.07 19.24
CA ASP D 53 -36.10 6.25 18.03
C ASP D 53 -37.52 6.28 17.45
N LEU D 54 -38.14 7.45 17.49
CA LEU D 54 -39.45 7.65 16.87
C LEU D 54 -39.32 7.41 15.39
N PHE D 55 -38.35 8.09 14.77
CA PHE D 55 -38.06 7.82 13.39
C PHE D 55 -36.92 6.83 13.35
N ASN D 56 -36.91 5.99 12.33
CA ASN D 56 -35.84 5.03 12.16
C ASN D 56 -34.62 5.67 11.51
N ASP D 57 -34.84 6.80 10.86
CA ASP D 57 -33.78 7.43 10.10
C ASP D 57 -33.59 8.88 10.47
N LEU D 58 -32.45 9.44 10.07
CA LEU D 58 -32.17 10.83 10.39
C LEU D 58 -32.85 11.76 9.39
N ARG D 59 -33.03 11.25 8.17
CA ARG D 59 -33.75 11.98 7.14
C ARG D 59 -34.85 11.05 6.70
N PRO D 60 -35.92 10.94 7.49
CA PRO D 60 -36.90 9.88 7.23
C PRO D 60 -37.75 10.28 6.07
N PRO D 61 -38.39 9.31 5.39
CA PRO D 61 -39.29 9.52 4.27
C PRO D 61 -40.44 10.48 4.62
N VAL D 62 -40.97 11.13 3.58
CA VAL D 62 -41.94 12.18 3.77
C VAL D 62 -43.21 11.66 4.44
N LYS D 63 -43.65 10.45 4.07
CA LYS D 63 -44.85 9.90 4.68
C LYS D 63 -44.67 9.78 6.18
N ALA D 64 -43.46 9.38 6.58
CA ALA D 64 -43.16 9.22 8.00
C ALA D 64 -43.32 10.55 8.71
N LEU D 65 -42.78 11.61 8.11
CA LEU D 65 -42.92 12.93 8.72
C LEU D 65 -44.35 13.43 8.77
N ARG D 66 -45.11 13.24 7.70
CA ARG D 66 -46.50 13.65 7.72
C ARG D 66 -47.27 12.86 8.80
N ILE D 67 -47.09 11.55 8.85
CA ILE D 67 -47.74 10.74 9.87
C ILE D 67 -47.33 11.25 11.24
N ALA D 68 -46.05 11.48 11.42
CA ALA D 68 -45.54 11.93 12.70
C ALA D 68 -46.15 13.25 13.13
N MET D 69 -46.13 14.24 12.23
CA MET D 69 -46.64 15.57 12.57
C MET D 69 -48.16 15.56 12.85
N GLN D 70 -48.90 14.83 12.03
CA GLN D 70 -50.34 14.72 12.22
C GLN D 70 -50.65 14.08 13.57
N ALA D 71 -49.91 13.02 13.89
CA ALA D 71 -50.08 12.31 15.15
C ALA D 71 -49.83 13.22 16.34
N PHE D 72 -48.68 13.88 16.36
CA PHE D 72 -48.38 14.73 17.49
C PHE D 72 -49.22 16.01 17.51
N LYS D 73 -49.69 16.45 16.35
CA LYS D 73 -50.66 17.55 16.32
C LYS D 73 -51.96 17.11 16.99
N LYS D 74 -52.45 15.96 16.56
CA LYS D 74 -53.70 15.39 17.06
C LYS D 74 -53.64 15.20 18.59
N LEU D 75 -52.44 14.95 19.11
CA LEU D 75 -52.25 14.81 20.55
C LEU D 75 -52.19 16.15 21.27
N HIS D 76 -51.54 17.12 20.64
CA HIS D 76 -51.34 18.41 21.29
C HIS D 76 -52.62 19.22 21.31
N GLU D 77 -53.46 19.02 20.28
CA GLU D 77 -54.72 19.74 20.19
C GLU D 77 -55.75 19.19 21.17
N ASN D 78 -55.49 17.98 21.68
CA ASN D 78 -56.30 17.41 22.75
C ASN D 78 -55.69 17.68 24.13
N ASN D 79 -54.89 18.73 24.20
CA ASN D 79 -54.26 19.19 25.43
C ASN D 79 -53.56 18.09 26.23
N ILE D 80 -52.89 17.20 25.51
CA ILE D 80 -52.00 16.21 26.11
C ILE D 80 -50.57 16.67 25.90
N LYS D 81 -49.83 16.91 26.98
CA LYS D 81 -48.44 17.31 26.79
C LYS D 81 -47.57 16.11 26.49
N VAL D 82 -46.64 16.30 25.55
CA VAL D 82 -45.80 15.23 25.04
C VAL D 82 -44.34 15.56 25.26
N TYR D 83 -43.60 14.63 25.85
CA TYR D 83 -42.18 14.80 25.98
C TYR D 83 -41.43 13.74 25.14
N ILE D 84 -40.37 14.14 24.47
CA ILE D 84 -39.56 13.15 23.77
C ILE D 84 -38.08 13.43 23.98
N VAL D 85 -37.28 12.37 23.97
CA VAL D 85 -35.84 12.50 23.95
C VAL D 85 -35.36 11.79 22.69
N ALA D 86 -34.36 12.35 22.02
CA ALA D 86 -33.90 11.79 20.76
C ALA D 86 -33.10 10.52 20.93
N GLY D 87 -33.47 9.50 20.17
CA GLY D 87 -32.77 8.22 20.18
C GLY D 87 -31.50 8.19 19.34
N ASN D 88 -30.83 7.04 19.31
CA ASN D 88 -29.63 6.89 18.49
C ASN D 88 -29.92 7.27 17.04
N HIS D 89 -31.09 6.88 16.55
CA HIS D 89 -31.47 7.12 15.16
C HIS D 89 -31.81 8.58 14.81
N GLU D 90 -32.22 9.38 15.79
CA GLU D 90 -32.65 10.74 15.51
C GLU D 90 -31.54 11.75 15.76
N MET D 91 -30.35 11.24 16.08
CA MET D 91 -29.21 12.10 16.42
C MET D 91 -28.27 12.42 15.25
N PRO D 92 -28.07 13.71 14.99
CA PRO D 92 -27.21 14.28 13.94
C PRO D 92 -25.78 13.79 14.01
N ARG D 93 -25.10 13.78 12.87
CA ARG D 93 -23.73 13.33 12.74
C ARG D 93 -22.83 14.53 12.48
N ARG D 94 -23.20 15.30 11.46
CA ARG D 94 -22.51 16.54 11.13
C ARG D 94 -22.97 17.64 12.08
N LEU D 95 -22.11 18.62 12.31
CA LEU D 95 -22.52 19.83 13.03
C LEU D 95 -23.42 20.65 12.12
N GLY D 96 -24.62 20.98 12.60
CA GLY D 96 -25.51 21.78 11.77
C GLY D 96 -26.57 20.93 11.12
N GLU D 97 -26.36 19.62 11.10
CA GLU D 97 -27.40 18.69 10.71
C GLU D 97 -28.48 18.75 11.80
N GLU D 98 -29.75 18.74 11.40
CA GLU D 98 -30.84 18.86 12.36
C GLU D 98 -31.57 17.53 12.52
N SER D 99 -32.15 17.30 13.70
CA SER D 99 -32.94 16.08 13.91
C SER D 99 -34.35 16.22 13.33
N PRO D 100 -34.89 15.13 12.78
CA PRO D 100 -36.26 15.23 12.27
C PRO D 100 -37.24 15.48 13.40
N LEU D 101 -36.84 15.19 14.64
CA LEU D 101 -37.67 15.56 15.78
C LEU D 101 -37.96 17.05 15.84
N ALA D 102 -37.03 17.84 15.30
CA ALA D 102 -37.20 19.28 15.26
C ALA D 102 -38.46 19.71 14.51
N LEU D 103 -38.89 18.87 13.57
CA LEU D 103 -40.10 19.19 12.83
C LEU D 103 -41.33 19.06 13.72
N LEU D 104 -41.14 18.57 14.95
CA LEU D 104 -42.25 18.41 15.88
C LEU D 104 -42.21 19.42 17.02
N LYS D 105 -41.26 20.37 16.95
CA LYS D 105 -41.05 21.37 18.00
C LYS D 105 -42.35 22.03 18.50
N ASP D 106 -43.37 22.11 17.65
CA ASP D 106 -44.59 22.85 18.00
C ASP D 106 -45.60 22.05 18.83
N TYR D 107 -45.41 20.75 18.94
CA TYR D 107 -46.36 19.92 19.68
C TYR D 107 -45.69 19.23 20.86
N VAL D 108 -44.36 19.29 20.89
CA VAL D 108 -43.57 18.43 21.76
C VAL D 108 -42.42 19.17 22.46
N LYS D 109 -42.15 18.80 23.71
CA LYS D 109 -40.96 19.29 24.40
C LYS D 109 -39.84 18.26 24.28
N ILE D 110 -38.79 18.63 23.54
CA ILE D 110 -37.64 17.77 23.42
C ILE D 110 -36.71 18.08 24.59
N LEU D 111 -36.41 17.05 25.36
CA LEU D 111 -35.73 17.21 26.65
C LEU D 111 -34.22 17.09 26.58
N ASP D 112 -33.52 18.08 27.13
CA ASP D 112 -32.09 17.95 27.40
C ASP D 112 -31.81 18.66 28.70
N GLY D 113 -32.63 18.37 29.69
CA GLY D 113 -32.53 19.01 30.99
C GLY D 113 -33.76 18.72 31.81
N LYS D 114 -34.12 19.65 32.69
CA LYS D 114 -35.25 19.44 33.58
C LYS D 114 -36.47 20.18 33.05
N ASP D 115 -37.61 19.82 33.61
CA ASP D 115 -38.86 20.56 33.41
C ASP D 115 -39.84 20.09 34.45
N VAL D 116 -40.53 21.04 35.08
CA VAL D 116 -41.51 20.74 36.10
C VAL D 116 -42.91 20.92 35.53
N ILE D 117 -43.70 19.85 35.55
CA ILE D 117 -45.07 19.92 35.05
C ILE D 117 -46.13 19.90 36.17
N ASN D 118 -47.06 20.85 36.10
CA ASN D 118 -48.14 20.93 37.06
C ASN D 118 -49.37 20.19 36.58
N VAL D 119 -49.72 19.11 37.28
CA VAL D 119 -50.92 18.35 36.97
C VAL D 119 -52.00 18.62 38.01
N ASN D 120 -53.12 17.92 37.89
CA ASN D 120 -54.22 18.03 38.83
C ASN D 120 -54.13 17.05 39.98
N GLY D 121 -53.80 17.55 41.17
CA GLY D 121 -53.52 18.95 41.40
C GLY D 121 -52.09 19.02 41.89
N GLU D 122 -51.25 18.16 41.31
CA GLU D 122 -49.90 17.93 41.81
C GLU D 122 -48.84 18.65 41.01
N GLU D 123 -47.62 18.65 41.53
CA GLU D 123 -46.49 19.27 40.88
C GLU D 123 -45.41 18.22 40.72
N ILE D 124 -45.03 17.91 39.48
CA ILE D 124 -44.15 16.76 39.21
C ILE D 124 -42.97 17.02 38.26
N PHE D 125 -41.82 16.48 38.65
CA PHE D 125 -40.52 16.78 38.04
C PHE D 125 -40.15 15.75 36.98
N ILE D 126 -39.88 16.22 35.76
CA ILE D 126 -39.41 15.37 34.67
C ILE D 126 -38.11 15.89 34.13
N CYS D 127 -37.18 14.98 33.89
CA CYS D 127 -35.94 15.33 33.21
C CYS D 127 -35.50 14.21 32.29
N GLY D 128 -34.69 14.56 31.31
CA GLY D 128 -34.19 13.60 30.35
C GLY D 128 -33.10 14.17 29.49
N THR D 129 -32.48 13.33 28.67
CA THR D 129 -31.51 13.82 27.71
C THR D 129 -31.42 12.85 26.54
N TYR D 130 -30.89 13.34 25.43
CA TYR D 130 -30.77 12.55 24.21
C TYR D 130 -29.84 11.35 24.36
N TYR D 131 -29.79 10.53 23.31
CA TYR D 131 -28.91 9.38 23.28
C TYR D 131 -27.44 9.77 23.27
N HIS D 132 -26.70 9.33 24.29
CA HIS D 132 -25.25 9.50 24.31
C HIS D 132 -24.58 8.19 23.95
N LYS D 133 -23.35 8.26 23.47
CA LYS D 133 -22.59 7.05 23.17
C LYS D 133 -21.95 6.52 24.45
N LYS D 134 -21.51 5.27 24.42
CA LYS D 134 -20.74 4.71 25.52
C LYS D 134 -19.58 5.65 25.82
N SER D 135 -18.95 6.13 24.76
CA SER D 135 -17.78 7.01 24.85
C SER D 135 -17.97 8.19 25.80
N LYS D 136 -19.20 8.71 25.86
CA LYS D 136 -19.47 9.90 26.66
C LYS D 136 -20.20 9.56 27.95
N ARG D 137 -19.95 8.38 28.49
CA ARG D 137 -20.58 7.97 29.75
C ARG D 137 -20.24 8.91 30.90
N GLU D 138 -18.97 9.29 31.02
CA GLU D 138 -18.54 10.21 32.07
C GLU D 138 -19.33 11.51 32.01
N GLU D 139 -19.38 12.10 30.81
CA GLU D 139 -20.19 13.28 30.52
C GLU D 139 -21.58 13.10 31.08
N MET D 140 -22.16 11.94 30.81
CA MET D 140 -23.53 11.61 31.19
C MET D 140 -23.75 11.54 32.70
N LEU D 141 -22.78 10.98 33.39
CA LEU D 141 -22.86 10.83 34.83
C LEU D 141 -23.02 12.21 35.44
N ASP D 142 -22.20 13.15 34.98
CA ASP D 142 -22.30 14.53 35.45
C ASP D 142 -23.72 15.02 35.26
N LYS D 143 -24.25 14.81 34.05
CA LYS D 143 -25.59 15.22 33.71
C LYS D 143 -26.62 14.58 34.64
N LEU D 144 -26.48 13.28 34.82
CA LEU D 144 -27.43 12.51 35.63
C LEU D 144 -27.40 12.92 37.10
N LYS D 145 -26.21 13.18 37.63
CA LYS D 145 -26.08 13.57 39.02
C LYS D 145 -26.74 14.93 39.24
N ASN D 146 -26.60 15.81 38.25
CA ASN D 146 -27.20 17.13 38.31
C ASN D 146 -28.72 17.09 38.26
N PHE D 147 -29.27 16.02 37.69
CA PHE D 147 -30.72 15.89 37.63
C PHE D 147 -31.28 15.60 39.00
N GLU D 148 -30.70 14.62 39.68
CA GLU D 148 -31.18 14.25 40.99
C GLU D 148 -31.04 15.41 41.96
N SER D 149 -29.91 16.12 41.89
CA SER D 149 -29.71 17.34 42.66
C SER D 149 -30.86 18.33 42.49
N GLU D 150 -31.27 18.57 41.25
CA GLU D 150 -32.32 19.54 40.98
C GLU D 150 -33.67 18.95 41.34
N ALA D 151 -33.66 17.67 41.69
CA ALA D 151 -34.89 16.95 42.01
C ALA D 151 -34.96 16.54 43.48
N LYS D 152 -33.92 16.89 44.24
CA LYS D 152 -33.79 16.49 45.64
C LYS D 152 -35.07 16.74 46.43
N ASN D 153 -35.64 17.92 46.27
CA ASN D 153 -36.84 18.31 47.01
C ASN D 153 -38.15 17.93 46.32
N TYR D 154 -38.07 17.09 45.30
CA TYR D 154 -39.26 16.66 44.59
C TYR D 154 -39.61 15.23 44.98
N LYS D 155 -40.91 14.95 45.13
CA LYS D 155 -41.36 13.64 45.60
C LYS D 155 -41.66 12.68 44.45
N LYS D 156 -42.32 13.20 43.42
CA LYS D 156 -42.61 12.40 42.22
C LYS D 156 -41.75 12.86 41.05
N LYS D 157 -40.76 12.04 40.69
CA LYS D 157 -39.76 12.42 39.71
C LYS D 157 -39.57 11.35 38.64
N ILE D 158 -39.69 11.75 37.37
CA ILE D 158 -39.52 10.82 36.26
C ILE D 158 -38.30 11.15 35.40
N LEU D 159 -37.50 10.14 35.11
CA LEU D 159 -36.30 10.29 34.30
C LEU D 159 -36.47 9.61 32.94
N MET D 160 -36.16 10.34 31.88
CA MET D 160 -36.26 9.85 30.50
C MET D 160 -34.89 9.67 29.84
N LEU D 161 -34.62 8.48 29.31
CA LEU D 161 -33.34 8.21 28.64
C LEU D 161 -33.52 7.27 27.45
N HIS D 162 -32.63 7.38 26.47
CA HIS D 162 -32.61 6.41 25.36
C HIS D 162 -31.25 5.78 25.30
N GLN D 163 -30.97 4.84 26.20
CA GLN D 163 -29.67 4.19 26.24
C GLN D 163 -29.86 2.72 26.52
N GLY D 164 -28.78 1.96 26.46
CA GLY D 164 -28.79 0.59 26.95
C GLY D 164 -28.17 0.50 28.33
N ILE D 165 -28.85 -0.16 29.25
CA ILE D 165 -28.32 -0.31 30.60
C ILE D 165 -27.76 -1.74 30.86
N ASN D 166 -26.60 -1.79 31.52
CA ASN D 166 -25.73 -2.98 31.54
C ASN D 166 -26.29 -4.37 31.81
N PRO D 167 -27.15 -4.52 32.82
CA PRO D 167 -27.75 -5.86 32.99
C PRO D 167 -28.67 -6.24 31.83
N TYR D 168 -29.49 -5.29 31.36
CA TYR D 168 -30.52 -5.54 30.33
C TYR D 168 -29.97 -5.74 28.91
N ILE D 169 -28.70 -5.43 28.70
CA ILE D 169 -28.08 -5.64 27.40
C ILE D 169 -26.57 -5.73 27.56
N PRO D 170 -26.06 -6.97 27.68
CA PRO D 170 -24.67 -7.39 27.88
C PRO D 170 -23.65 -6.54 27.14
N LEU D 171 -23.61 -6.64 25.83
CA LEU D 171 -22.70 -5.82 25.03
C LEU D 171 -23.39 -5.43 23.73
N ASP D 172 -23.48 -4.13 23.45
CA ASP D 172 -22.93 -3.10 24.34
C ASP D 172 -24.04 -2.35 25.08
N TYR D 173 -23.61 -1.43 25.94
CA TYR D 173 -24.49 -0.63 26.77
C TYR D 173 -23.74 0.65 27.04
N GLU D 174 -24.44 1.74 27.33
CA GLU D 174 -23.75 2.98 27.62
C GLU D 174 -23.66 3.24 29.14
N LEU D 175 -24.64 2.77 29.90
CA LEU D 175 -24.60 2.95 31.34
C LEU D 175 -24.71 1.60 32.07
N GLU D 176 -24.13 1.53 33.28
CA GLU D 176 -24.27 0.36 34.16
C GLU D 176 -25.52 0.62 34.99
N HIS D 177 -26.24 -0.40 35.45
CA HIS D 177 -27.50 -0.03 36.11
C HIS D 177 -27.28 0.81 37.37
N PHE D 178 -26.12 0.65 38.01
CA PHE D 178 -25.86 1.43 39.20
C PHE D 178 -25.44 2.85 38.83
N ASP D 179 -25.58 3.19 37.55
CA ASP D 179 -25.26 4.55 37.09
C ASP D 179 -26.41 5.50 37.29
N LEU D 180 -27.64 5.02 37.25
CA LEU D 180 -28.77 5.94 37.29
C LEU D 180 -29.37 6.11 38.69
N PRO D 181 -29.52 7.38 39.12
CA PRO D 181 -30.02 7.86 40.41
C PRO D 181 -31.45 7.46 40.70
N LYS D 182 -31.86 7.63 41.96
CA LYS D 182 -33.22 7.30 42.38
C LYS D 182 -34.26 8.22 41.75
N PHE D 183 -35.17 7.59 41.01
CA PHE D 183 -36.33 8.26 40.46
C PHE D 183 -37.53 7.36 40.65
N SER D 184 -38.73 7.94 40.58
CA SER D 184 -39.96 7.18 40.76
C SER D 184 -40.17 6.22 39.59
N TYR D 185 -39.95 6.72 38.38
CA TYR D 185 -40.16 5.96 37.14
C TYR D 185 -39.06 6.22 36.13
N TYR D 186 -38.54 5.16 35.52
CA TYR D 186 -37.54 5.28 34.46
C TYR D 186 -38.13 5.06 33.06
N ALA D 187 -38.38 6.17 32.36
CA ALA D 187 -38.88 6.13 30.98
C ALA D 187 -37.72 5.87 30.02
N LEU D 188 -37.52 4.60 29.70
CA LEU D 188 -36.36 4.21 28.91
C LEU D 188 -36.73 3.76 27.51
N GLY D 189 -35.74 3.85 26.63
CA GLY D 189 -35.88 3.38 25.27
C GLY D 189 -34.52 2.88 24.83
N HIS D 190 -34.50 2.20 23.68
CA HIS D 190 -33.34 1.62 22.98
C HIS D 190 -33.29 0.10 23.03
N ILE D 191 -34.10 -0.50 23.89
CA ILE D 191 -34.16 -1.96 23.95
C ILE D 191 -35.50 -2.41 23.44
N HIS D 192 -35.50 -3.11 22.32
CA HIS D 192 -36.74 -3.33 21.59
C HIS D 192 -37.63 -4.43 22.17
N LYS D 193 -37.17 -5.09 23.23
CA LYS D 193 -38.01 -6.04 23.95
C LYS D 193 -38.60 -5.39 25.20
N ARG D 194 -39.77 -5.86 25.64
CA ARG D 194 -40.44 -5.26 26.79
C ARG D 194 -39.70 -5.57 28.08
N ILE D 195 -39.33 -4.54 28.82
CA ILE D 195 -38.71 -4.74 30.12
C ILE D 195 -39.39 -3.86 31.15
N LEU D 196 -39.93 -4.51 32.18
CA LEU D 196 -40.55 -3.81 33.30
C LEU D 196 -40.13 -4.52 34.58
N GLU D 197 -39.52 -3.77 35.49
CA GLU D 197 -39.17 -4.32 36.80
C GLU D 197 -38.78 -3.25 37.80
N ARG D 198 -38.92 -3.57 39.08
CA ARG D 198 -38.57 -2.65 40.16
C ARG D 198 -37.07 -2.40 40.16
N PHE D 199 -36.69 -1.19 40.56
CA PHE D 199 -35.31 -0.75 40.46
C PHE D 199 -35.08 0.42 41.39
N ASN D 200 -33.92 0.41 42.07
CA ASN D 200 -33.62 1.37 43.11
C ASN D 200 -34.78 1.43 44.11
N ASP D 201 -35.46 2.56 44.14
CA ASP D 201 -36.67 2.70 44.97
C ASP D 201 -37.78 3.27 44.10
N GLY D 202 -38.09 2.55 43.04
CA GLY D 202 -39.06 2.98 42.05
C GLY D 202 -39.25 1.89 41.02
N ILE D 203 -39.60 2.27 39.79
CA ILE D 203 -39.91 1.28 38.77
C ILE D 203 -39.42 1.63 37.36
N LEU D 204 -38.59 0.75 36.81
CA LEU D 204 -37.90 0.97 35.55
C LEU D 204 -38.62 0.28 34.40
N ALA D 205 -38.66 0.93 33.25
CA ALA D 205 -39.37 0.38 32.09
C ALA D 205 -38.72 0.69 30.75
N TYR D 206 -38.66 -0.34 29.91
CA TYR D 206 -38.42 -0.18 28.49
C TYR D 206 -39.72 -0.53 27.80
N SER D 207 -40.29 0.45 27.09
CA SER D 207 -41.58 0.32 26.42
C SER D 207 -41.54 -0.72 25.30
N GLY D 208 -40.36 -0.94 24.73
CA GLY D 208 -40.15 -1.89 23.65
C GLY D 208 -40.62 -1.34 22.32
N SER D 209 -40.09 -1.89 21.23
CA SER D 209 -40.45 -1.43 19.89
C SER D 209 -41.93 -1.68 19.61
N THR D 210 -42.52 -0.87 18.72
CA THR D 210 -43.95 -0.97 18.43
C THR D 210 -44.20 -1.85 17.20
N GLU D 211 -43.13 -2.47 16.70
CA GLU D 211 -43.23 -3.46 15.65
C GLU D 211 -41.95 -4.29 15.59
N ILE D 212 -42.03 -5.42 14.92
CA ILE D 212 -40.91 -6.33 14.84
C ILE D 212 -39.86 -5.76 13.90
N ILE D 213 -38.87 -5.08 14.47
CA ILE D 213 -37.85 -4.39 13.70
C ILE D 213 -36.80 -5.37 13.20
N TYR D 214 -36.27 -6.15 14.14
CA TYR D 214 -35.30 -7.20 13.82
C TYR D 214 -35.98 -8.56 14.01
N ARG D 215 -35.48 -9.59 13.33
CA ARG D 215 -36.18 -10.88 13.26
C ARG D 215 -36.32 -11.58 14.61
N ASN D 216 -35.49 -11.16 15.56
CA ASN D 216 -35.44 -11.77 16.87
C ASN D 216 -36.60 -11.37 17.75
N GLU D 217 -37.02 -10.12 17.63
CA GLU D 217 -38.05 -9.58 18.52
C GLU D 217 -39.39 -10.28 18.30
N TYR D 218 -39.42 -11.19 17.32
CA TYR D 218 -40.64 -11.89 16.97
C TYR D 218 -41.22 -12.65 18.15
N GLU D 219 -40.37 -13.35 18.89
CA GLU D 219 -40.88 -14.23 19.96
C GLU D 219 -41.28 -13.40 21.17
N ASP D 220 -40.68 -12.24 21.34
CA ASP D 220 -41.05 -11.36 22.45
C ASP D 220 -42.43 -10.78 22.20
N TYR D 221 -42.80 -10.72 20.93
CA TYR D 221 -44.17 -10.36 20.53
C TYR D 221 -45.08 -11.49 20.94
N LYS D 222 -44.64 -12.72 20.72
CA LYS D 222 -45.41 -13.89 21.08
C LYS D 222 -45.47 -14.05 22.58
N LYS D 223 -44.36 -13.75 23.25
CA LYS D 223 -44.18 -14.03 24.67
C LYS D 223 -44.65 -12.92 25.63
N GLU D 224 -44.37 -11.66 25.29
CA GLU D 224 -44.75 -10.55 26.15
C GLU D 224 -45.74 -9.62 25.50
N GLY D 225 -45.70 -9.58 24.17
CA GLY D 225 -46.56 -8.68 23.42
C GLY D 225 -45.94 -7.30 23.31
N LYS D 226 -46.15 -6.68 22.14
CA LYS D 226 -45.61 -5.36 21.85
C LYS D 226 -46.67 -4.27 21.95
N GLY D 227 -46.26 -3.05 22.28
CA GLY D 227 -47.17 -1.93 22.39
C GLY D 227 -46.57 -0.77 23.16
N PHE D 228 -47.25 -0.37 24.24
CA PHE D 228 -46.74 0.66 25.13
C PHE D 228 -47.29 0.52 26.54
N TYR D 229 -46.75 1.28 27.47
CA TYR D 229 -47.22 1.21 28.87
C TYR D 229 -48.16 2.35 29.24
N LEU D 230 -49.08 2.06 30.18
CA LEU D 230 -49.98 3.06 30.74
C LEU D 230 -49.84 3.07 32.25
N VAL D 231 -49.01 3.97 32.74
CA VAL D 231 -48.74 4.10 34.16
C VAL D 231 -49.74 5.13 34.67
N ASP D 232 -50.26 4.94 35.88
CA ASP D 232 -51.21 5.90 36.41
C ASP D 232 -50.55 6.97 37.27
N PHE D 233 -49.72 6.55 38.23
CA PHE D 233 -49.03 7.49 39.10
C PHE D 233 -50.04 8.39 39.82
N SER D 234 -51.15 7.79 40.26
CA SER D 234 -52.20 8.54 40.95
C SER D 234 -51.85 8.75 42.41
N GLY D 235 -51.50 7.66 43.10
CA GLY D 235 -51.13 7.74 44.50
C GLY D 235 -49.73 8.29 44.65
N ASN D 236 -49.24 8.37 45.88
CA ASN D 236 -47.89 8.88 46.14
C ASN D 236 -46.78 7.87 45.83
N ASP D 237 -47.12 6.59 45.93
CA ASP D 237 -46.18 5.52 45.61
C ASP D 237 -46.63 4.93 44.29
N LEU D 238 -45.71 4.38 43.51
CA LEU D 238 -46.11 3.65 42.33
C LEU D 238 -45.50 2.25 42.25
N ASP D 239 -46.32 1.31 41.83
CA ASP D 239 -45.92 -0.08 41.79
C ASP D 239 -46.42 -0.67 40.48
N ILE D 240 -46.03 -1.92 40.21
CA ILE D 240 -46.45 -2.67 39.04
C ILE D 240 -47.98 -2.75 38.89
N SER D 241 -48.66 -2.95 40.02
CA SER D 241 -50.13 -3.02 40.04
C SER D 241 -50.80 -1.84 39.34
N ASP D 242 -50.11 -0.70 39.31
CA ASP D 242 -50.64 0.49 38.68
C ASP D 242 -50.03 0.77 37.29
N ILE D 243 -49.59 -0.29 36.61
CA ILE D 243 -49.07 -0.14 35.25
C ILE D 243 -49.69 -1.14 34.28
N GLU D 244 -50.49 -0.61 33.36
CA GLU D 244 -51.21 -1.41 32.38
C GLU D 244 -50.45 -1.48 31.06
N LYS D 245 -50.35 -2.68 30.48
CA LYS D 245 -49.65 -2.80 29.20
C LYS D 245 -50.59 -2.97 28.00
N ILE D 246 -50.58 -1.97 27.13
CA ILE D 246 -51.43 -1.97 25.94
C ILE D 246 -50.73 -2.70 24.81
N ASP D 247 -51.34 -3.76 24.31
CA ASP D 247 -50.74 -4.50 23.21
C ASP D 247 -51.24 -4.03 21.86
N ILE D 248 -50.47 -4.35 20.82
CA ILE D 248 -50.77 -3.97 19.45
C ILE D 248 -50.49 -5.18 18.57
N GLU D 249 -51.47 -5.57 17.77
CA GLU D 249 -51.26 -6.69 16.87
C GLU D 249 -50.30 -6.24 15.79
N CYS D 250 -49.29 -7.04 15.51
CA CYS D 250 -48.41 -6.73 14.38
C CYS D 250 -48.00 -7.98 13.60
N ARG D 251 -47.33 -7.76 12.48
CA ARG D 251 -47.00 -8.80 11.51
C ARG D 251 -46.38 -10.00 12.16
N GLU D 252 -46.96 -11.18 11.98
CA GLU D 252 -46.34 -12.36 12.56
C GLU D 252 -45.30 -13.00 11.65
N PHE D 253 -44.32 -13.65 12.28
CA PHE D 253 -43.23 -14.30 11.57
C PHE D 253 -43.32 -15.79 11.83
N VAL D 254 -43.18 -16.61 10.79
CA VAL D 254 -43.15 -18.06 11.01
C VAL D 254 -41.76 -18.66 10.75
N GLU D 255 -41.27 -19.42 11.73
CA GLU D 255 -40.01 -20.14 11.57
C GLU D 255 -40.31 -21.57 11.14
N VAL D 256 -39.60 -22.05 10.11
CA VAL D 256 -39.79 -23.42 9.62
C VAL D 256 -38.47 -24.19 9.50
N ASN D 257 -38.55 -25.51 9.69
CA ASN D 257 -37.41 -26.38 9.45
C ASN D 257 -37.90 -27.67 8.79
N ILE D 258 -38.35 -27.52 7.54
CA ILE D 258 -38.97 -28.61 6.80
C ILE D 258 -38.00 -29.55 6.13
N LYS D 259 -37.91 -30.78 6.65
CA LYS D 259 -37.04 -31.79 6.06
C LYS D 259 -37.89 -33.03 5.79
N ASP D 260 -39.05 -33.10 6.43
CA ASP D 260 -39.95 -34.23 6.29
C ASP D 260 -41.43 -33.80 6.24
N LYS D 261 -42.32 -34.78 6.30
CA LYS D 261 -43.75 -34.52 6.30
C LYS D 261 -44.22 -33.84 7.59
N LYS D 262 -43.61 -34.22 8.71
CA LYS D 262 -43.97 -33.65 10.02
C LYS D 262 -43.78 -32.14 10.10
N SER D 263 -42.56 -31.68 9.91
CA SER D 263 -42.23 -30.25 9.96
C SER D 263 -42.97 -29.45 8.89
N PHE D 264 -43.24 -30.10 7.76
CA PHE D 264 -44.01 -29.49 6.68
C PHE D 264 -45.46 -29.26 7.10
N ASN D 265 -46.06 -30.26 7.72
CA ASN D 265 -47.44 -30.16 8.19
C ASN D 265 -47.57 -29.14 9.32
N GLU D 266 -46.56 -29.11 10.19
CA GLU D 266 -46.50 -28.11 11.26
C GLU D 266 -46.42 -26.71 10.66
N ALA D 267 -45.69 -26.60 9.55
CA ALA D 267 -45.55 -25.33 8.84
C ALA D 267 -46.90 -24.87 8.33
N VAL D 268 -47.61 -25.77 7.63
CA VAL D 268 -48.91 -25.42 7.06
C VAL D 268 -49.91 -25.07 8.16
N ASN D 269 -49.82 -25.76 9.29
CA ASN D 269 -50.67 -25.48 10.45
C ASN D 269 -50.47 -24.08 11.03
N LYS D 270 -49.21 -23.74 11.32
CA LYS D 270 -48.86 -22.41 11.85
C LYS D 270 -49.22 -21.28 10.89
N ILE D 271 -49.05 -21.52 9.60
CA ILE D 271 -49.35 -20.51 8.59
C ILE D 271 -50.85 -20.25 8.53
N GLU D 272 -51.64 -21.31 8.57
CA GLU D 272 -53.10 -21.16 8.64
C GLU D 272 -53.48 -20.51 9.96
N ARG D 273 -52.68 -20.76 10.99
CA ARG D 273 -52.97 -20.26 12.32
C ARG D 273 -52.68 -18.76 12.45
N CYS D 274 -51.96 -18.21 11.49
CA CYS D 274 -51.60 -16.78 11.48
C CYS D 274 -52.77 -15.87 11.06
N LYS D 275 -52.92 -14.76 11.78
CA LYS D 275 -53.92 -13.75 11.44
C LYS D 275 -53.49 -12.87 10.26
N ASN D 276 -52.18 -12.61 10.18
CA ASN D 276 -51.64 -11.79 9.11
C ASN D 276 -50.60 -12.57 8.32
N LYS D 277 -50.67 -12.45 7.00
CA LYS D 277 -49.75 -13.15 6.09
C LYS D 277 -48.33 -13.05 6.62
N PRO D 278 -47.78 -14.18 7.08
CA PRO D 278 -46.56 -14.15 7.88
C PRO D 278 -45.28 -14.05 7.05
N VAL D 279 -44.21 -13.58 7.69
CA VAL D 279 -42.89 -13.60 7.11
C VAL D 279 -42.26 -14.91 7.50
N VAL D 280 -41.93 -15.72 6.51
CA VAL D 280 -41.37 -17.04 6.78
C VAL D 280 -39.85 -17.06 6.64
N PHE D 281 -39.19 -17.70 7.59
CA PHE D 281 -37.74 -17.86 7.56
C PHE D 281 -37.38 -19.20 8.21
N GLY D 282 -36.14 -19.62 8.04
CA GLY D 282 -35.68 -20.89 8.57
C GLY D 282 -35.11 -21.80 7.50
N LYS D 283 -35.40 -23.09 7.57
CA LYS D 283 -34.85 -24.04 6.60
C LYS D 283 -35.91 -24.88 5.91
N ILE D 284 -35.79 -25.03 4.60
CA ILE D 284 -36.63 -25.95 3.83
C ILE D 284 -35.78 -26.78 2.88
N LYS D 285 -35.98 -28.10 2.90
CA LYS D 285 -35.26 -29.00 2.02
C LYS D 285 -35.54 -28.67 0.56
N ARG D 286 -34.50 -28.73 -0.26
CA ARG D 286 -34.57 -28.47 -1.70
C ARG D 286 -35.74 -29.21 -2.35
N GLU D 287 -35.94 -30.45 -1.92
CA GLU D 287 -36.94 -31.34 -2.49
C GLU D 287 -38.37 -30.90 -2.18
N PHE D 288 -38.52 -30.06 -1.16
CA PHE D 288 -39.85 -29.62 -0.73
C PHE D 288 -40.13 -28.23 -1.28
N LYS D 289 -39.15 -27.67 -1.99
CA LYS D 289 -39.25 -26.31 -2.52
C LYS D 289 -40.48 -26.09 -3.42
N PRO D 290 -40.66 -26.91 -4.47
CA PRO D 290 -41.78 -26.62 -5.36
C PRO D 290 -43.14 -26.82 -4.70
N TRP D 291 -43.19 -27.59 -3.61
CA TRP D 291 -44.44 -27.88 -2.92
C TRP D 291 -44.91 -26.71 -2.05
N PHE D 292 -43.95 -25.98 -1.48
CA PHE D 292 -44.24 -24.84 -0.60
C PHE D 292 -44.56 -23.56 -1.36
N ASP D 293 -44.05 -23.45 -2.58
CA ASP D 293 -44.30 -22.29 -3.42
C ASP D 293 -45.77 -22.10 -3.78
N THR D 294 -46.60 -23.06 -3.41
CA THR D 294 -48.04 -23.02 -3.62
C THR D 294 -48.70 -22.01 -2.67
N LEU D 295 -47.98 -21.63 -1.63
CA LEU D 295 -48.52 -20.73 -0.62
C LEU D 295 -47.93 -19.32 -0.72
N LYS D 296 -47.22 -19.04 -1.81
CA LYS D 296 -46.58 -17.73 -1.95
C LYS D 296 -47.60 -16.58 -1.96
N ASP D 297 -48.80 -16.87 -2.48
CA ASP D 297 -49.89 -15.89 -2.46
C ASP D 297 -50.48 -15.76 -1.05
N LYS D 298 -50.30 -16.81 -0.24
CA LYS D 298 -50.93 -16.88 1.07
C LYS D 298 -49.94 -16.45 2.16
N ILE D 299 -48.77 -15.98 1.72
CA ILE D 299 -47.64 -15.62 2.58
C ILE D 299 -47.08 -14.25 2.17
N LEU D 300 -46.58 -13.48 3.15
CA LEU D 300 -46.01 -12.16 2.85
C LEU D 300 -44.72 -12.23 2.04
N ILE D 301 -43.70 -12.88 2.60
CA ILE D 301 -42.44 -13.01 1.89
C ILE D 301 -41.68 -14.24 2.36
N ASN D 302 -40.96 -14.85 1.44
CA ASN D 302 -40.19 -16.05 1.72
C ASN D 302 -38.68 -15.74 1.81
N LYS D 303 -38.19 -15.63 3.05
CA LYS D 303 -36.78 -15.34 3.29
C LYS D 303 -36.12 -16.58 3.86
N ALA D 304 -36.65 -17.75 3.50
CA ALA D 304 -36.13 -19.04 3.99
C ALA D 304 -34.92 -19.61 3.26
N ILE D 305 -34.00 -20.17 4.05
CA ILE D 305 -32.84 -20.89 3.54
C ILE D 305 -33.23 -22.25 2.95
N ILE D 306 -32.65 -22.57 1.79
CA ILE D 306 -32.84 -23.87 1.15
C ILE D 306 -31.70 -24.85 1.46
N VAL D 307 -32.04 -26.03 1.96
CA VAL D 307 -31.03 -27.01 2.37
C VAL D 307 -30.99 -28.18 1.39
N ASP D 308 -29.87 -28.35 0.70
CA ASP D 308 -29.75 -29.42 -0.30
C ASP D 308 -29.42 -30.78 0.32
N ASP D 309 -29.46 -30.87 1.66
CA ASP D 309 -29.11 -32.11 2.35
C ASP D 309 -30.11 -32.48 3.45
N GLU D 310 -30.08 -31.73 4.55
CA GLU D 310 -30.90 -32.01 5.71
C GLU D 310 -31.88 -30.86 6.00
N GLY E 2 44.82 -60.35 34.49
CA GLY E 2 44.87 -60.66 33.07
C GLY E 2 44.35 -59.54 32.19
N SER E 3 43.46 -59.86 31.27
CA SER E 3 42.98 -61.24 31.12
C SER E 3 42.90 -61.63 29.65
N HIS E 4 42.30 -62.79 29.39
CA HIS E 4 42.06 -63.25 28.03
C HIS E 4 40.78 -62.66 27.44
N MET E 5 39.81 -62.38 28.30
CA MET E 5 38.52 -61.86 27.84
C MET E 5 37.92 -60.90 28.85
N MET E 6 37.25 -59.87 28.33
CA MET E 6 36.46 -58.92 29.12
C MET E 6 35.44 -58.27 28.19
N PHE E 7 34.29 -57.89 28.74
CA PHE E 7 33.28 -57.18 27.96
C PHE E 7 32.35 -56.31 28.81
N VAL E 8 31.68 -55.36 28.16
CA VAL E 8 30.87 -54.36 28.84
C VAL E 8 29.37 -54.52 28.56
N HIS E 9 28.58 -54.42 29.63
CA HIS E 9 27.13 -54.45 29.53
C HIS E 9 26.57 -53.09 29.91
N ILE E 10 26.01 -52.38 28.94
CA ILE E 10 25.43 -51.05 29.14
C ILE E 10 24.03 -51.01 28.51
N ALA E 11 23.17 -50.09 28.96
CA ALA E 11 21.86 -49.93 28.34
C ALA E 11 21.15 -48.64 28.77
N ASP E 12 20.00 -48.39 28.13
CA ASP E 12 19.09 -47.30 28.49
C ASP E 12 19.71 -45.90 28.67
N ASN E 13 20.35 -45.39 27.62
CA ASN E 13 20.88 -44.05 27.67
C ASN E 13 19.77 -43.05 27.39
N HIS E 14 18.78 -43.48 26.61
CA HIS E 14 17.64 -42.66 26.20
C HIS E 14 18.09 -41.37 25.55
N LEU E 15 18.99 -41.51 24.59
CA LEU E 15 19.62 -40.40 23.90
C LEU E 15 18.63 -39.49 23.18
N GLY E 16 18.71 -38.20 23.48
CA GLY E 16 17.86 -37.22 22.87
C GLY E 16 16.64 -36.92 23.72
N TYR E 17 16.61 -37.52 24.90
CA TYR E 17 15.55 -37.23 25.85
C TYR E 17 15.75 -35.81 26.33
N ARG E 18 14.65 -35.08 26.45
CA ARG E 18 14.72 -33.67 26.79
C ARG E 18 13.79 -33.40 27.96
N GLN E 19 14.23 -33.78 29.15
CA GLN E 19 13.41 -33.68 30.34
C GLN E 19 13.11 -32.23 30.74
N TYR E 20 11.86 -31.99 31.14
CA TYR E 20 11.35 -30.67 31.50
C TYR E 20 11.53 -29.66 30.38
N ASN E 21 11.69 -30.17 29.16
CA ASN E 21 11.93 -29.34 27.99
C ASN E 21 13.17 -28.47 28.17
N LEU E 22 14.10 -28.92 29.01
CA LEU E 22 15.33 -28.17 29.30
C LEU E 22 16.49 -28.54 28.40
N ASP E 23 17.13 -27.51 27.84
CA ASP E 23 18.34 -27.72 27.07
C ASP E 23 19.36 -28.45 27.92
N ASP E 24 19.54 -28.02 29.15
CA ASP E 24 20.54 -28.65 30.01
C ASP E 24 20.30 -30.15 30.22
N ARG E 25 19.03 -30.55 30.30
CA ARG E 25 18.74 -31.94 30.59
C ARG E 25 19.02 -32.80 29.37
N GLU E 26 18.63 -32.32 28.20
CA GLU E 26 18.96 -33.01 26.97
C GLU E 26 20.46 -33.17 26.85
N LYS E 27 21.19 -32.11 27.23
CA LYS E 27 22.65 -32.12 27.23
C LYS E 27 23.19 -33.14 28.22
N ASP E 28 22.62 -33.13 29.42
CA ASP E 28 23.05 -34.03 30.50
C ASP E 28 23.04 -35.47 30.04
N ILE E 29 21.94 -35.87 29.41
CA ILE E 29 21.82 -37.22 28.87
C ILE E 29 22.96 -37.48 27.93
N TYR E 30 23.19 -36.57 27.00
CA TYR E 30 24.31 -36.68 26.07
C TYR E 30 25.62 -36.82 26.83
N ASP E 31 25.88 -35.87 27.72
CA ASP E 31 27.16 -35.81 28.42
C ASP E 31 27.49 -37.11 29.12
N SER E 32 26.54 -37.64 29.88
CA SER E 32 26.77 -38.88 30.63
C SER E 32 27.07 -40.06 29.68
N PHE E 33 26.38 -40.10 28.55
CA PHE E 33 26.62 -41.12 27.51
C PHE E 33 28.03 -41.07 26.96
N LYS E 34 28.44 -39.87 26.54
CA LYS E 34 29.79 -39.64 26.01
C LYS E 34 30.85 -39.96 27.05
N LEU E 35 30.52 -39.76 28.32
CA LEU E 35 31.44 -40.08 29.39
C LEU E 35 31.62 -41.58 29.49
N CYS E 36 30.53 -42.33 29.38
CA CYS E 36 30.61 -43.80 29.40
C CYS E 36 31.48 -44.30 28.27
N ILE E 37 31.26 -43.77 27.07
CA ILE E 37 31.99 -44.24 25.91
C ILE E 37 33.47 -44.01 26.17
N LYS E 38 33.78 -42.85 26.75
CA LYS E 38 35.14 -42.51 27.12
C LYS E 38 35.73 -43.55 28.06
N LYS E 39 34.99 -43.89 29.11
CA LYS E 39 35.45 -44.88 30.09
C LYS E 39 35.60 -46.26 29.44
N ILE E 40 34.71 -46.59 28.51
CA ILE E 40 34.80 -47.85 27.77
C ILE E 40 36.07 -47.89 26.93
N LEU E 41 36.42 -46.75 26.35
CA LEU E 41 37.64 -46.66 25.56
C LEU E 41 38.88 -46.73 26.45
N GLU E 42 38.76 -46.20 27.66
CA GLU E 42 39.84 -46.26 28.64
C GLU E 42 40.06 -47.70 29.08
N ILE E 43 38.96 -48.46 29.08
CA ILE E 43 38.95 -49.85 29.47
C ILE E 43 39.42 -50.80 28.36
N LYS E 44 39.01 -50.50 27.12
CA LYS E 44 39.27 -51.39 26.00
C LYS E 44 38.77 -52.82 26.24
N PRO E 45 37.44 -53.01 26.37
CA PRO E 45 36.89 -54.35 26.52
C PRO E 45 36.83 -55.05 25.16
N ASP E 46 36.56 -56.35 25.15
CA ASP E 46 36.54 -57.09 23.89
C ASP E 46 35.21 -56.95 23.14
N VAL E 47 34.11 -56.98 23.89
CA VAL E 47 32.77 -56.90 23.32
C VAL E 47 31.95 -55.85 24.07
N VAL E 48 30.98 -55.23 23.40
CA VAL E 48 30.02 -54.38 24.10
C VAL E 48 28.60 -54.88 23.87
N LEU E 49 27.97 -55.28 24.98
CA LEU E 49 26.57 -55.67 24.96
C LEU E 49 25.70 -54.49 25.38
N HIS E 50 24.80 -54.08 24.48
CA HIS E 50 23.90 -52.96 24.75
C HIS E 50 22.46 -53.44 24.74
N SER E 51 21.80 -53.33 25.89
CA SER E 51 20.51 -53.98 26.07
C SER E 51 19.33 -53.09 25.67
N GLY E 52 19.54 -52.23 24.68
CA GLY E 52 18.45 -51.45 24.13
C GLY E 52 18.21 -50.09 24.77
N ASP E 53 17.24 -49.37 24.22
CA ASP E 53 16.94 -48.00 24.62
C ASP E 53 18.17 -47.09 24.52
N LEU E 54 18.92 -47.23 23.44
CA LEU E 54 20.01 -46.31 23.19
C LEU E 54 19.40 -44.92 22.95
N PHE E 55 18.43 -44.86 22.05
CA PHE E 55 17.66 -43.65 21.77
C PHE E 55 16.33 -43.66 22.51
N ASN E 56 15.81 -42.48 22.85
CA ASN E 56 14.54 -42.38 23.56
C ASN E 56 13.29 -42.44 22.67
N ASP E 57 13.43 -42.15 21.38
CA ASP E 57 12.28 -42.18 20.47
C ASP E 57 12.60 -42.90 19.15
N LEU E 58 11.57 -43.16 18.35
CA LEU E 58 11.73 -43.83 17.08
C LEU E 58 12.33 -42.86 16.07
N ARG E 59 12.07 -41.58 16.30
CA ARG E 59 12.67 -40.51 15.48
C ARG E 59 13.46 -39.56 16.36
N PRO E 60 14.71 -39.93 16.68
CA PRO E 60 15.46 -39.09 17.62
C PRO E 60 15.99 -37.84 16.94
N PRO E 61 16.24 -36.78 17.71
CA PRO E 61 16.87 -35.57 17.19
C PRO E 61 18.25 -35.86 16.56
N VAL E 62 18.63 -35.02 15.60
CA VAL E 62 19.85 -35.21 14.80
C VAL E 62 21.11 -35.14 15.66
N LYS E 63 21.12 -34.27 16.66
CA LYS E 63 22.28 -34.16 17.52
C LYS E 63 22.55 -35.51 18.17
N ALA E 64 21.48 -36.18 18.57
CA ALA E 64 21.56 -37.49 19.20
C ALA E 64 22.16 -38.53 18.25
N LEU E 65 21.67 -38.55 17.01
CA LEU E 65 22.17 -39.49 16.01
C LEU E 65 23.65 -39.23 15.78
N ARG E 66 24.03 -37.96 15.73
CA ARG E 66 25.42 -37.59 15.51
C ARG E 66 26.29 -38.16 16.63
N ILE E 67 25.90 -37.87 17.87
CA ILE E 67 26.63 -38.29 19.06
C ILE E 67 26.77 -39.81 19.13
N ALA E 68 25.65 -40.50 18.88
CA ALA E 68 25.60 -41.95 18.91
C ALA E 68 26.57 -42.55 17.90
N MET E 69 26.47 -42.12 16.66
CA MET E 69 27.32 -42.62 15.59
C MET E 69 28.77 -42.28 15.85
N GLN E 70 29.00 -41.08 16.39
CA GLN E 70 30.33 -40.61 16.73
C GLN E 70 30.94 -41.65 17.66
N ALA E 71 30.14 -42.06 18.65
CA ALA E 71 30.51 -43.02 19.69
C ALA E 71 30.83 -44.43 19.21
N PHE E 72 29.90 -45.02 18.45
CA PHE E 72 30.06 -46.41 18.02
C PHE E 72 31.14 -46.63 16.96
N LYS E 73 31.39 -45.60 16.16
CA LYS E 73 32.50 -45.62 15.21
C LYS E 73 33.78 -45.70 16.01
N LYS E 74 33.91 -44.82 16.99
CA LYS E 74 35.07 -44.79 17.87
C LYS E 74 35.25 -46.14 18.57
N LEU E 75 34.14 -46.82 18.81
CA LEU E 75 34.16 -48.15 19.43
C LEU E 75 34.52 -49.24 18.44
N HIS E 76 34.01 -49.13 17.22
CA HIS E 76 34.23 -50.14 16.20
C HIS E 76 35.65 -50.03 15.66
N GLU E 77 36.18 -48.80 15.65
CA GLU E 77 37.53 -48.54 15.17
C GLU E 77 38.62 -48.99 16.15
N ASN E 78 38.23 -49.19 17.40
CA ASN E 78 39.15 -49.76 18.40
C ASN E 78 38.98 -51.27 18.48
N ASN E 79 38.49 -51.85 17.39
CA ASN E 79 38.25 -53.29 17.29
C ASN E 79 37.44 -53.87 18.44
N ILE E 80 36.45 -53.11 18.89
CA ILE E 80 35.46 -53.61 19.85
C ILE E 80 34.17 -53.91 19.11
N LYS E 81 33.78 -55.17 19.06
CA LYS E 81 32.53 -55.50 18.40
C LYS E 81 31.37 -55.24 19.34
N VAL E 82 30.27 -54.73 18.80
CA VAL E 82 29.15 -54.31 19.61
C VAL E 82 27.87 -55.04 19.20
N TYR E 83 27.18 -55.58 20.20
CA TYR E 83 25.87 -56.18 19.97
C TYR E 83 24.79 -55.34 20.63
N ILE E 84 23.68 -55.16 19.94
CA ILE E 84 22.54 -54.41 20.48
C ILE E 84 21.20 -55.08 20.17
N VAL E 85 20.23 -54.88 21.06
CA VAL E 85 18.86 -55.29 20.83
C VAL E 85 17.96 -54.05 20.89
N ALA E 86 16.91 -54.01 20.07
CA ALA E 86 16.04 -52.84 20.00
C ALA E 86 15.17 -52.70 21.25
N GLY E 87 15.17 -51.51 21.84
CA GLY E 87 14.34 -51.26 23.00
C GLY E 87 12.90 -51.00 22.61
N ASN E 88 12.07 -50.75 23.61
CA ASN E 88 10.68 -50.39 23.37
C ASN E 88 10.61 -49.18 22.47
N HIS E 89 11.49 -48.23 22.75
CA HIS E 89 11.50 -46.95 22.06
C HIS E 89 11.99 -47.07 20.62
N GLU E 90 12.90 -48.01 20.37
CA GLU E 90 13.53 -48.08 19.04
C GLU E 90 12.86 -49.04 18.08
N MET E 91 11.72 -49.61 18.46
CA MET E 91 11.01 -50.56 17.58
C MET E 91 9.94 -49.88 16.75
N PRO E 92 10.02 -50.03 15.42
CA PRO E 92 9.07 -49.44 14.48
C PRO E 92 7.63 -49.83 14.79
N ARG E 93 6.70 -48.96 14.41
CA ARG E 93 5.28 -49.21 14.64
C ARG E 93 4.55 -49.43 13.32
N ARG E 94 4.73 -48.50 12.39
CA ARG E 94 4.13 -48.64 11.07
C ARG E 94 4.97 -49.60 10.24
N LEU E 95 4.33 -50.30 9.30
CA LEU E 95 5.05 -51.21 8.43
C LEU E 95 5.93 -50.43 7.46
N GLY E 96 7.22 -50.74 7.44
CA GLY E 96 8.14 -50.07 6.54
C GLY E 96 8.93 -48.97 7.23
N GLU E 97 8.46 -48.57 8.41
CA GLU E 97 9.18 -47.62 9.26
C GLU E 97 10.50 -48.23 9.69
N GLU E 98 11.56 -47.43 9.71
CA GLU E 98 12.86 -47.96 10.09
C GLU E 98 13.26 -47.53 11.49
N SER E 99 14.06 -48.36 12.15
CA SER E 99 14.57 -48.07 13.47
C SER E 99 15.76 -47.14 13.40
N PRO E 100 15.88 -46.22 14.36
CA PRO E 100 17.07 -45.37 14.39
C PRO E 100 18.33 -46.20 14.66
N LEU E 101 18.16 -47.39 15.23
CA LEU E 101 19.27 -48.31 15.37
C LEU E 101 19.86 -48.70 14.02
N ALA E 102 19.02 -48.69 12.99
CA ALA E 102 19.45 -49.09 11.66
C ALA E 102 20.62 -48.25 11.16
N LEU E 103 20.62 -46.99 11.57
CA LEU E 103 21.65 -46.03 11.15
C LEU E 103 23.03 -46.36 11.72
N LEU E 104 23.09 -47.38 12.56
CA LEU E 104 24.34 -47.76 13.21
C LEU E 104 24.90 -49.08 12.68
N LYS E 105 24.27 -49.64 11.64
CA LYS E 105 24.61 -50.98 11.12
C LYS E 105 26.10 -51.25 10.94
N ASP E 106 26.87 -50.21 10.64
CA ASP E 106 28.27 -50.38 10.26
C ASP E 106 29.21 -50.51 11.47
N TYR E 107 28.69 -50.27 12.66
CA TYR E 107 29.53 -50.35 13.85
C TYR E 107 29.02 -51.40 14.85
N VAL E 108 27.79 -51.83 14.66
CA VAL E 108 27.07 -52.60 15.67
C VAL E 108 26.29 -53.75 15.02
N LYS E 109 26.21 -54.88 15.70
CA LYS E 109 25.33 -55.96 15.24
C LYS E 109 24.01 -55.98 16.00
N ILE E 110 22.91 -55.78 15.28
CA ILE E 110 21.58 -55.88 15.87
C ILE E 110 21.17 -57.35 15.95
N LEU E 111 20.89 -57.82 17.16
CA LEU E 111 20.63 -59.23 17.39
C LEU E 111 19.14 -59.57 17.35
N ASP E 112 18.77 -60.54 16.51
CA ASP E 112 17.44 -61.13 16.59
C ASP E 112 17.57 -62.59 16.23
N GLY E 113 18.51 -63.24 16.90
CA GLY E 113 18.79 -64.64 16.66
C GLY E 113 20.10 -64.97 17.34
N LYS E 114 20.82 -65.93 16.79
CA LYS E 114 22.07 -66.34 17.41
C LYS E 114 23.26 -65.72 16.70
N ASP E 115 24.39 -65.73 17.40
CA ASP E 115 25.68 -65.42 16.81
C ASP E 115 26.74 -65.84 17.79
N VAL E 116 27.76 -66.53 17.29
CA VAL E 116 28.86 -66.99 18.12
C VAL E 116 30.09 -66.18 17.81
N ILE E 117 30.64 -65.50 18.81
CA ILE E 117 31.83 -64.71 18.59
C ILE E 117 33.06 -65.44 19.13
N ASN E 118 34.08 -65.55 18.29
CA ASN E 118 35.31 -66.22 18.67
C ASN E 118 36.30 -65.21 19.22
N VAL E 119 36.64 -65.35 20.50
CA VAL E 119 37.61 -64.47 21.13
C VAL E 119 38.95 -65.20 21.30
N ASN E 120 39.92 -64.50 21.91
CA ASN E 120 41.23 -65.07 22.18
C ASN E 120 41.32 -65.70 23.58
N GLY E 121 41.35 -67.04 23.62
CA GLY E 121 41.29 -67.84 22.42
C GLY E 121 40.07 -68.75 22.44
N GLU E 122 38.97 -68.23 22.99
CA GLU E 122 37.78 -69.04 23.23
C GLU E 122 36.65 -68.78 22.24
N GLU E 123 35.63 -69.63 22.31
CA GLU E 123 34.46 -69.54 21.46
C GLU E 123 33.20 -69.43 22.32
N ILE E 124 32.48 -68.32 22.20
CA ILE E 124 31.39 -68.03 23.14
C ILE E 124 30.08 -67.60 22.45
N PHE E 125 28.96 -68.12 22.93
CA PHE E 125 27.67 -68.02 22.26
C PHE E 125 26.83 -66.86 22.76
N ILE E 126 26.33 -66.05 21.82
CA ILE E 126 25.41 -64.95 22.15
C ILE E 126 24.11 -65.06 21.36
N CYS E 127 23.00 -64.82 22.06
CA CYS E 127 21.68 -64.75 21.43
C CYS E 127 20.87 -63.64 22.07
N GLY E 128 19.92 -63.11 21.31
CA GLY E 128 19.09 -62.02 21.81
C GLY E 128 17.93 -61.70 20.90
N THR E 129 17.06 -60.79 21.32
CA THR E 129 15.98 -60.32 20.48
C THR E 129 15.49 -58.92 20.90
N TYR E 130 14.82 -58.23 19.99
CA TYR E 130 14.28 -56.90 20.27
C TYR E 130 13.17 -56.98 21.32
N TYR E 131 12.68 -55.81 21.73
CA TYR E 131 11.60 -55.74 22.70
C TYR E 131 10.28 -56.26 22.12
N HIS E 132 9.72 -57.29 22.75
CA HIS E 132 8.38 -57.75 22.39
C HIS E 132 7.39 -57.31 23.47
N LYS E 133 6.11 -57.18 23.12
CA LYS E 133 5.11 -56.81 24.11
C LYS E 133 4.73 -58.04 24.93
N LYS E 134 4.04 -57.81 26.05
CA LYS E 134 3.47 -58.90 26.86
C LYS E 134 2.63 -59.81 25.99
N SER E 135 1.80 -59.20 25.16
CA SER E 135 0.92 -59.91 24.25
C SER E 135 1.65 -60.95 23.40
N LYS E 136 2.91 -60.68 23.09
CA LYS E 136 3.67 -61.59 22.23
C LYS E 136 4.66 -62.45 23.03
N ARG E 137 4.32 -62.69 24.30
CA ARG E 137 5.14 -63.56 25.16
C ARG E 137 5.22 -64.95 24.58
N GLU E 138 4.10 -65.41 24.04
CA GLU E 138 4.01 -66.72 23.41
C GLU E 138 5.07 -66.95 22.36
N GLU E 139 5.12 -66.04 21.39
CA GLU E 139 6.15 -66.02 20.35
C GLU E 139 7.52 -66.14 21.00
N MET E 140 7.70 -65.35 22.06
CA MET E 140 8.97 -65.19 22.72
C MET E 140 9.46 -66.48 23.38
N LEU E 141 8.53 -67.20 24.00
CA LEU E 141 8.86 -68.44 24.68
C LEU E 141 9.40 -69.43 23.66
N ASP E 142 8.70 -69.54 22.53
CA ASP E 142 9.14 -70.39 21.41
C ASP E 142 10.53 -69.95 20.97
N LYS E 143 10.70 -68.64 20.82
CA LYS E 143 11.97 -68.04 20.43
C LYS E 143 13.06 -68.49 21.40
N LEU E 144 12.71 -68.42 22.69
CA LEU E 144 13.60 -68.77 23.78
C LEU E 144 13.98 -70.26 23.85
N LYS E 145 13.03 -71.15 23.57
CA LYS E 145 13.34 -72.58 23.55
C LYS E 145 14.37 -72.83 22.45
N ASN E 146 14.23 -72.10 21.35
CA ASN E 146 15.14 -72.24 20.23
C ASN E 146 16.52 -71.72 20.57
N PHE E 147 16.59 -70.77 21.52
CA PHE E 147 17.87 -70.23 21.98
C PHE E 147 18.57 -71.21 22.93
N GLU E 148 17.82 -71.74 23.89
CA GLU E 148 18.32 -72.74 24.83
C GLU E 148 18.79 -74.00 24.10
N SER E 149 18.02 -74.42 23.11
CA SER E 149 18.35 -75.52 22.23
C SER E 149 19.74 -75.40 21.57
N GLU E 150 20.02 -74.23 20.99
CA GLU E 150 21.28 -74.02 20.28
C GLU E 150 22.46 -73.73 21.21
N ALA E 151 22.18 -73.58 22.50
CA ALA E 151 23.21 -73.25 23.46
C ALA E 151 23.52 -74.41 24.41
N LYS E 152 22.75 -75.49 24.30
CA LYS E 152 22.89 -76.67 25.16
C LYS E 152 24.34 -77.15 25.23
N ASN E 153 24.95 -77.26 24.07
CA ASN E 153 26.31 -77.77 23.96
C ASN E 153 27.37 -76.68 24.09
N TYR E 154 26.95 -75.51 24.55
CA TYR E 154 27.87 -74.39 24.77
C TYR E 154 28.14 -74.16 26.24
N LYS E 155 29.38 -73.82 26.57
CA LYS E 155 29.73 -73.62 27.96
C LYS E 155 29.59 -72.15 28.35
N LYS E 156 30.04 -71.24 27.49
CA LYS E 156 29.90 -69.81 27.75
C LYS E 156 28.85 -69.22 26.82
N LYS E 157 27.67 -68.97 27.36
CA LYS E 157 26.54 -68.53 26.57
C LYS E 157 25.84 -67.31 27.19
N ILE E 158 25.71 -66.23 26.42
CA ILE E 158 25.13 -64.99 26.91
C ILE E 158 23.80 -64.65 26.25
N LEU E 159 22.84 -64.25 27.09
CA LEU E 159 21.52 -63.88 26.63
C LEU E 159 21.25 -62.38 26.77
N MET E 160 20.82 -61.77 25.66
CA MET E 160 20.51 -60.35 25.63
C MET E 160 19.02 -60.11 25.42
N LEU E 161 18.41 -59.34 26.32
CA LEU E 161 16.99 -59.04 26.22
C LEU E 161 16.68 -57.63 26.68
N HIS E 162 15.61 -57.05 26.15
CA HIS E 162 15.15 -55.76 26.65
C HIS E 162 13.71 -55.89 27.08
N GLN E 163 13.48 -56.53 28.23
CA GLN E 163 12.14 -56.75 28.74
C GLN E 163 12.14 -56.54 30.24
N GLY E 164 10.96 -56.52 30.83
CA GLY E 164 10.83 -56.53 32.28
C GLY E 164 10.44 -57.92 32.73
N ILE E 165 11.17 -58.45 33.71
CA ILE E 165 10.93 -59.81 34.18
C ILE E 165 10.17 -59.81 35.51
N ASN E 166 9.20 -60.72 35.65
CA ASN E 166 8.15 -60.62 36.68
C ASN E 166 8.46 -60.29 38.15
N PRO E 167 9.46 -60.95 38.77
CA PRO E 167 9.79 -60.50 40.13
C PRO E 167 10.45 -59.13 40.14
N TYR E 168 11.39 -58.91 39.22
CA TYR E 168 12.21 -57.69 39.20
C TYR E 168 11.41 -56.45 38.86
N ILE E 169 10.16 -56.65 38.45
CA ILE E 169 9.28 -55.54 38.13
C ILE E 169 7.82 -56.00 38.18
N PRO E 170 7.18 -55.82 39.34
CA PRO E 170 5.81 -56.19 39.68
C PRO E 170 4.82 -56.04 38.54
N LEU E 171 4.50 -54.81 38.16
CA LEU E 171 3.60 -54.55 37.04
C LEU E 171 4.06 -53.30 36.29
N ASP E 172 4.26 -53.39 34.98
CA ASP E 172 4.05 -54.64 34.24
C ASP E 172 5.37 -55.27 33.84
N TYR E 173 5.27 -56.42 33.19
CA TYR E 173 6.42 -57.21 32.78
C TYR E 173 6.03 -57.99 31.55
N GLU E 174 6.99 -58.34 30.71
CA GLU E 174 6.66 -59.11 29.53
C GLU E 174 6.92 -60.60 29.71
N LEU E 175 7.94 -60.91 30.51
CA LEU E 175 8.33 -62.29 30.78
C LEU E 175 8.33 -62.59 32.28
N GLU E 176 8.11 -63.86 32.61
CA GLU E 176 8.25 -64.33 33.98
C GLU E 176 9.69 -64.75 34.20
N HIS E 177 10.15 -64.72 35.44
CA HIS E 177 11.53 -65.10 35.70
C HIS E 177 11.82 -66.53 35.25
N PHE E 178 10.80 -67.39 35.32
CA PHE E 178 10.99 -68.78 34.93
C PHE E 178 10.87 -68.96 33.43
N ASP E 179 10.78 -67.85 32.70
CA ASP E 179 10.67 -67.92 31.24
C ASP E 179 12.03 -68.06 30.58
N LEU E 180 13.08 -67.55 31.20
CA LEU E 180 14.39 -67.58 30.56
C LEU E 180 15.29 -68.72 31.03
N PRO E 181 15.89 -69.44 30.06
CA PRO E 181 16.79 -70.61 30.15
C PRO E 181 18.12 -70.36 30.85
N LYS E 182 18.83 -71.44 31.18
CA LYS E 182 20.15 -71.33 31.80
C LYS E 182 21.18 -70.75 30.86
N PHE E 183 21.66 -69.56 31.21
CA PHE E 183 22.74 -68.90 30.49
C PHE E 183 23.76 -68.37 31.47
N SER E 184 24.96 -68.12 30.97
CA SER E 184 26.02 -67.64 31.83
C SER E 184 25.66 -66.25 32.34
N TYR E 185 25.23 -65.40 31.42
CA TYR E 185 24.92 -64.01 31.74
C TYR E 185 23.63 -63.56 31.08
N TYR E 186 22.78 -62.90 31.85
CA TYR E 186 21.56 -62.29 31.32
C TYR E 186 21.73 -60.77 31.14
N ALA E 187 22.06 -60.35 29.93
CA ALA E 187 22.21 -58.93 29.62
C ALA E 187 20.84 -58.27 29.40
N LEU E 188 20.28 -57.67 30.44
CA LEU E 188 18.90 -57.17 30.39
C LEU E 188 18.88 -55.65 30.36
N GLY E 189 17.78 -55.03 29.94
CA GLY E 189 17.79 -53.58 29.85
C GLY E 189 16.59 -52.72 30.22
N HIS E 190 15.38 -53.20 29.97
CA HIS E 190 14.16 -52.39 30.15
C HIS E 190 13.90 -51.76 31.55
N ILE E 191 14.72 -52.09 32.55
CA ILE E 191 14.53 -51.54 33.90
C ILE E 191 15.68 -50.61 34.32
N HIS E 192 15.35 -49.37 34.66
CA HIS E 192 16.37 -48.33 34.87
C HIS E 192 17.13 -48.37 36.19
N LYS E 193 16.80 -49.33 37.05
CA LYS E 193 17.56 -49.50 38.30
C LYS E 193 18.61 -50.59 38.16
N ARG E 194 19.69 -50.48 38.93
CA ARG E 194 20.78 -51.45 38.85
C ARG E 194 20.37 -52.76 39.52
N ILE E 195 20.43 -53.85 38.76
CA ILE E 195 20.07 -55.16 39.30
C ILE E 195 21.15 -56.17 38.95
N LEU E 196 21.77 -56.74 39.97
CA LEU E 196 22.76 -57.77 39.76
C LEU E 196 22.55 -58.85 40.80
N GLU E 197 22.39 -60.08 40.33
CA GLU E 197 22.28 -61.23 41.23
C GLU E 197 22.39 -62.54 40.48
N ARG E 198 22.82 -63.59 41.19
CA ARG E 198 22.94 -64.91 40.61
C ARG E 198 21.55 -65.45 40.28
N PHE E 199 21.48 -66.26 39.22
CA PHE E 199 20.19 -66.70 38.69
C PHE E 199 20.37 -67.87 37.74
N ASN E 200 19.55 -68.91 37.91
CA ASN E 200 19.64 -70.14 37.09
C ASN E 200 21.06 -70.63 36.86
N ASP E 201 21.82 -70.79 37.95
CA ASP E 201 23.20 -71.28 37.87
C ASP E 201 23.96 -70.38 36.92
N GLY E 202 23.87 -69.07 37.17
CA GLY E 202 24.46 -68.07 36.32
C GLY E 202 24.17 -66.72 36.92
N ILE E 203 24.19 -65.65 36.12
CA ILE E 203 24.02 -64.33 36.71
C ILE E 203 23.25 -63.32 35.83
N LEU E 204 22.17 -62.78 36.38
CA LEU E 204 21.27 -61.88 35.67
C LEU E 204 21.59 -60.44 36.04
N ALA E 205 21.54 -59.54 35.05
CA ALA E 205 21.86 -58.14 35.29
C ALA E 205 21.04 -57.14 34.47
N TYR E 206 20.55 -56.11 35.16
CA TYR E 206 20.03 -54.93 34.50
C TYR E 206 21.06 -53.83 34.74
N SER E 207 21.66 -53.34 33.65
CA SER E 207 22.73 -52.34 33.72
C SER E 207 22.24 -51.01 34.28
N GLY E 208 20.96 -50.74 34.11
CA GLY E 208 20.37 -49.50 34.60
C GLY E 208 20.69 -48.32 33.71
N SER E 209 19.85 -47.29 33.79
CA SER E 209 20.00 -46.11 32.95
C SER E 209 21.28 -45.33 33.24
N THR E 210 21.75 -44.61 32.24
CA THR E 210 23.01 -43.87 32.32
C THR E 210 22.77 -42.43 32.76
N GLU E 211 21.52 -42.14 33.09
CA GLU E 211 21.15 -40.86 33.66
C GLU E 211 19.76 -41.00 34.26
N ILE E 212 19.40 -40.02 35.09
CA ILE E 212 18.09 -40.02 35.73
C ILE E 212 17.00 -39.63 34.74
N ILE E 213 16.32 -40.63 34.18
CA ILE E 213 15.31 -40.39 33.16
C ILE E 213 13.97 -39.98 33.77
N TYR E 214 13.53 -40.72 34.79
CA TYR E 214 12.31 -40.35 35.52
C TYR E 214 12.74 -39.87 36.92
N ARG E 215 11.93 -39.04 37.56
CA ARG E 215 12.31 -38.31 38.78
C ARG E 215 12.66 -39.25 39.94
N ASN E 216 12.33 -40.53 39.79
CA ASN E 216 12.49 -41.54 40.84
C ASN E 216 13.91 -42.03 41.04
N GLU E 217 14.62 -42.23 39.94
CA GLU E 217 15.89 -42.94 39.98
C GLU E 217 17.04 -42.28 40.78
N TYR E 218 16.83 -41.09 41.36
CA TYR E 218 17.95 -40.42 42.06
C TYR E 218 18.53 -41.17 43.24
N GLU E 219 17.67 -41.67 44.12
CA GLU E 219 18.15 -42.27 45.35
C GLU E 219 18.74 -43.62 45.01
N ASP E 220 18.31 -44.18 43.88
CA ASP E 220 18.88 -45.42 43.40
C ASP E 220 20.29 -45.15 42.85
N TYR E 221 20.50 -43.93 42.38
CA TYR E 221 21.83 -43.46 42.00
C TYR E 221 22.70 -43.24 43.24
N LYS E 222 22.13 -42.64 44.29
CA LYS E 222 22.90 -42.40 45.51
C LYS E 222 23.22 -43.72 46.21
N LYS E 223 22.26 -44.63 46.16
CA LYS E 223 22.33 -45.87 46.90
C LYS E 223 23.07 -46.95 46.11
N GLU E 224 22.87 -46.98 44.79
CA GLU E 224 23.53 -47.98 43.95
C GLU E 224 24.49 -47.41 42.90
N GLY E 225 24.20 -46.19 42.44
CA GLY E 225 25.01 -45.53 41.43
C GLY E 225 24.68 -45.93 40.01
N LYS E 226 24.71 -44.97 39.10
CA LYS E 226 24.40 -45.25 37.70
C LYS E 226 25.64 -45.33 36.81
N GLY E 227 25.55 -46.16 35.77
CA GLY E 227 26.65 -46.37 34.86
C GLY E 227 26.48 -47.60 34.00
N PHE E 228 27.44 -48.51 34.08
CA PHE E 228 27.38 -49.77 33.35
C PHE E 228 28.16 -50.85 34.08
N TYR E 229 28.01 -52.10 33.65
CA TYR E 229 28.75 -53.21 34.25
C TYR E 229 29.97 -53.60 33.43
N LEU E 230 30.99 -54.13 34.12
CA LEU E 230 32.20 -54.61 33.49
C LEU E 230 32.43 -56.07 33.86
N VAL E 231 32.04 -56.96 32.94
CA VAL E 231 32.19 -58.38 33.12
C VAL E 231 33.50 -58.84 32.46
N ASP E 232 34.21 -59.76 33.09
CA ASP E 232 35.44 -60.30 32.49
C ASP E 232 35.21 -61.65 31.79
N PHE E 233 34.52 -62.57 32.47
CA PHE E 233 34.22 -63.90 31.93
C PHE E 233 35.49 -64.66 31.55
N SER E 234 36.47 -64.64 32.44
CA SER E 234 37.73 -65.33 32.19
C SER E 234 37.65 -66.84 32.38
N GLY E 235 37.13 -67.28 33.53
CA GLY E 235 36.95 -68.70 33.78
C GLY E 235 35.72 -69.21 33.04
N ASN E 236 35.38 -70.49 33.21
CA ASN E 236 34.21 -71.03 32.51
C ASN E 236 32.93 -70.53 33.14
N ASP E 237 32.98 -70.31 34.44
CA ASP E 237 31.85 -69.74 35.15
C ASP E 237 32.16 -68.31 35.53
N LEU E 238 31.12 -67.52 35.68
CA LEU E 238 31.24 -66.17 36.19
C LEU E 238 30.30 -65.93 37.36
N ASP E 239 30.81 -65.17 38.32
CA ASP E 239 30.10 -64.89 39.56
C ASP E 239 30.22 -63.41 39.81
N ILE E 240 29.58 -62.93 40.87
CA ILE E 240 29.65 -61.53 41.23
C ILE E 240 31.09 -61.06 41.33
N SER E 241 31.95 -61.89 41.91
CA SER E 241 33.36 -61.57 42.10
C SER E 241 34.06 -61.04 40.85
N ASP E 242 33.58 -61.45 39.67
CA ASP E 242 34.18 -61.00 38.42
C ASP E 242 33.35 -59.94 37.69
N ILE E 243 32.59 -59.15 38.44
CA ILE E 243 31.82 -58.04 37.85
C ILE E 243 32.08 -56.71 38.54
N GLU E 244 32.71 -55.80 37.82
CA GLU E 244 32.98 -54.47 38.34
C GLU E 244 31.90 -53.53 37.86
N LYS E 245 31.39 -52.69 38.75
CA LYS E 245 30.38 -51.72 38.35
C LYS E 245 30.95 -50.31 38.25
N ILE E 246 30.91 -49.78 37.03
CA ILE E 246 31.40 -48.44 36.73
C ILE E 246 30.34 -47.39 37.01
N ASP E 247 30.63 -46.47 37.92
CA ASP E 247 29.70 -45.41 38.26
C ASP E 247 29.95 -44.16 37.42
N ILE E 248 28.94 -43.32 37.35
CA ILE E 248 28.97 -42.12 36.52
C ILE E 248 28.36 -40.96 37.30
N GLU E 249 29.05 -39.83 37.39
CA GLU E 249 28.43 -38.67 38.03
C GLU E 249 27.34 -38.14 37.12
N CYS E 250 26.16 -37.86 37.68
CA CYS E 250 25.12 -37.21 36.89
C CYS E 250 24.29 -36.24 37.72
N ARG E 251 23.43 -35.51 37.02
CA ARG E 251 22.67 -34.37 37.58
C ARG E 251 22.01 -34.72 38.89
N GLU E 252 22.25 -33.91 39.92
CA GLU E 252 21.63 -34.22 41.20
C GLU E 252 20.22 -33.62 41.32
N PHE E 253 19.36 -34.36 41.99
CA PHE E 253 18.00 -33.95 42.22
C PHE E 253 17.83 -33.86 43.71
N VAL E 254 17.37 -32.74 44.24
CA VAL E 254 17.07 -32.72 45.66
C VAL E 254 15.57 -32.63 45.94
N GLU E 255 15.09 -33.50 46.82
CA GLU E 255 13.69 -33.48 47.20
C GLU E 255 13.52 -32.60 48.40
N VAL E 256 12.52 -31.76 48.39
CA VAL E 256 12.29 -30.89 49.53
C VAL E 256 10.86 -31.06 50.02
N ASN E 257 10.69 -30.86 51.32
CA ASN E 257 9.36 -30.83 51.92
C ASN E 257 9.30 -29.72 52.95
N ILE E 258 9.30 -28.49 52.45
CA ILE E 258 9.42 -27.31 53.27
C ILE E 258 8.09 -26.95 53.90
N LYS E 259 7.97 -27.20 55.20
CA LYS E 259 6.75 -26.93 55.95
C LYS E 259 7.03 -26.13 57.23
N ASP E 260 8.29 -26.16 57.67
CA ASP E 260 8.70 -25.41 58.86
C ASP E 260 10.07 -24.79 58.64
N LYS E 261 10.62 -24.18 59.68
CA LYS E 261 11.93 -23.54 59.59
C LYS E 261 13.02 -24.58 59.39
N LYS E 262 12.86 -25.73 60.06
CA LYS E 262 13.79 -26.84 59.95
C LYS E 262 13.86 -27.38 58.54
N SER E 263 12.69 -27.75 58.02
CA SER E 263 12.59 -28.33 56.71
C SER E 263 13.13 -27.39 55.66
N PHE E 264 12.97 -26.09 55.90
CA PHE E 264 13.52 -25.09 55.00
C PHE E 264 15.04 -25.11 55.03
N ASN E 265 15.60 -25.19 56.23
CA ASN E 265 17.05 -25.21 56.40
C ASN E 265 17.69 -26.47 55.83
N GLU E 266 16.99 -27.59 56.00
CA GLU E 266 17.44 -28.85 55.42
C GLU E 266 17.49 -28.75 53.89
N ALA E 267 16.54 -28.02 53.35
CA ALA E 267 16.46 -27.79 51.92
C ALA E 267 17.68 -27.02 51.45
N VAL E 268 17.93 -25.89 52.11
CA VAL E 268 19.03 -25.01 51.73
C VAL E 268 20.36 -25.73 51.88
N ASN E 269 20.51 -26.52 52.94
CA ASN E 269 21.74 -27.29 53.12
C ASN E 269 21.93 -28.29 51.99
N LYS E 270 20.89 -29.06 51.72
CA LYS E 270 20.93 -30.09 50.67
C LYS E 270 21.28 -29.50 49.31
N ILE E 271 20.74 -28.32 49.01
CA ILE E 271 21.01 -27.65 47.75
C ILE E 271 22.43 -27.09 47.67
N GLU E 272 22.89 -26.49 48.76
CA GLU E 272 24.24 -25.95 48.80
C GLU E 272 25.27 -27.07 48.71
N ARG E 273 24.91 -28.25 49.22
CA ARG E 273 25.84 -29.37 49.27
C ARG E 273 26.14 -29.95 47.88
N CYS E 274 25.31 -29.58 46.91
CA CYS E 274 25.37 -30.14 45.55
C CYS E 274 26.57 -29.67 44.76
N LYS E 275 27.16 -30.56 43.95
CA LYS E 275 28.24 -30.13 43.06
C LYS E 275 27.69 -29.39 41.84
N ASN E 276 26.54 -29.83 41.36
CA ASN E 276 25.94 -29.21 40.18
C ASN E 276 24.53 -28.72 40.46
N LYS E 277 24.20 -27.50 39.99
CA LYS E 277 22.87 -26.90 40.19
C LYS E 277 21.77 -27.93 40.00
N PRO E 278 21.10 -28.28 41.11
CA PRO E 278 20.23 -29.47 41.18
C PRO E 278 18.83 -29.27 40.62
N VAL E 279 18.16 -30.37 40.29
CA VAL E 279 16.73 -30.28 39.97
C VAL E 279 15.96 -30.48 41.27
N VAL E 280 15.25 -29.46 41.70
CA VAL E 280 14.54 -29.58 42.97
C VAL E 280 13.07 -29.95 42.72
N PHE E 281 12.57 -30.87 43.54
CA PHE E 281 11.22 -31.35 43.44
C PHE E 281 10.70 -31.68 44.83
N GLY E 282 9.40 -31.92 44.94
CA GLY E 282 8.80 -32.23 46.22
C GLY E 282 7.72 -31.23 46.55
N LYS E 283 7.63 -30.83 47.80
CA LYS E 283 6.63 -29.88 48.25
C LYS E 283 7.22 -28.66 48.96
N ILE E 284 6.70 -27.47 48.64
CA ILE E 284 7.05 -26.25 49.37
C ILE E 284 5.77 -25.51 49.76
N LYS E 285 5.62 -25.23 51.06
CA LYS E 285 4.47 -24.48 51.54
C LYS E 285 4.49 -23.05 51.02
N ARG E 286 3.31 -22.56 50.63
CA ARG E 286 3.13 -21.22 50.09
C ARG E 286 3.91 -20.18 50.88
N GLU E 287 3.92 -20.32 52.20
CA GLU E 287 4.52 -19.32 53.07
C GLU E 287 6.02 -19.23 52.91
N PHE E 288 6.61 -20.30 52.40
CA PHE E 288 8.06 -20.39 52.25
C PHE E 288 8.49 -20.17 50.82
N LYS E 289 7.54 -19.98 49.93
CA LYS E 289 7.88 -19.85 48.53
C LYS E 289 8.85 -18.69 48.31
N PRO E 290 8.48 -17.47 48.71
CA PRO E 290 9.40 -16.39 48.35
C PRO E 290 10.78 -16.50 49.05
N TRP E 291 10.85 -17.20 50.17
CA TRP E 291 12.14 -17.35 50.85
C TRP E 291 12.98 -18.38 50.11
N PHE E 292 12.32 -19.30 49.44
CA PHE E 292 13.02 -20.32 48.67
C PHE E 292 13.49 -19.77 47.34
N ASP E 293 12.80 -18.74 46.86
CA ASP E 293 13.14 -18.04 45.63
C ASP E 293 14.51 -17.37 45.67
N THR E 294 15.09 -17.34 46.86
CA THR E 294 16.42 -16.83 47.09
C THR E 294 17.47 -17.76 46.53
N LEU E 295 17.08 -19.00 46.27
CA LEU E 295 18.03 -20.00 45.85
C LEU E 295 17.98 -20.23 44.35
N LYS E 296 17.32 -19.34 43.62
CA LYS E 296 17.17 -19.55 42.19
C LYS E 296 18.51 -19.67 41.44
N ASP E 297 19.52 -18.97 41.92
CA ASP E 297 20.82 -19.01 41.29
C ASP E 297 21.48 -20.35 41.53
N LYS E 298 21.03 -21.02 42.58
CA LYS E 298 21.68 -22.22 43.05
C LYS E 298 20.99 -23.44 42.45
N ILE E 299 19.99 -23.21 41.61
CA ILE E 299 19.09 -24.28 41.16
C ILE E 299 18.95 -24.38 39.64
N LEU E 300 18.91 -25.62 39.12
CA LEU E 300 18.67 -25.84 37.69
C LEU E 300 17.24 -25.52 37.33
N ILE E 301 16.29 -26.20 37.98
CA ILE E 301 14.87 -25.94 37.78
C ILE E 301 14.11 -26.32 39.04
N ASN E 302 13.05 -25.59 39.37
CA ASN E 302 12.22 -25.91 40.53
C ASN E 302 10.91 -26.57 40.17
N LYS E 303 10.82 -27.87 40.38
CA LYS E 303 9.60 -28.59 40.05
C LYS E 303 8.81 -29.01 41.29
N ALA E 304 8.92 -28.26 42.36
CA ALA E 304 8.15 -28.55 43.58
C ALA E 304 6.74 -27.98 43.50
N ILE E 305 5.76 -28.76 43.97
CA ILE E 305 4.38 -28.31 44.12
C ILE E 305 4.30 -27.29 45.24
N ILE E 306 3.52 -26.23 45.04
CA ILE E 306 3.30 -25.28 46.13
C ILE E 306 2.05 -25.68 46.86
N VAL E 307 2.17 -25.79 48.19
CA VAL E 307 1.05 -26.23 48.99
C VAL E 307 0.52 -25.10 49.87
N ASP E 308 -0.64 -24.57 49.52
CA ASP E 308 -1.23 -23.46 50.27
C ASP E 308 -1.93 -24.00 51.49
N ASP E 309 -2.20 -25.30 51.45
CA ASP E 309 -3.02 -25.93 52.47
C ASP E 309 -2.26 -25.98 53.78
N GLU E 310 -2.96 -25.66 54.87
CA GLU E 310 -2.36 -25.72 56.19
C GLU E 310 -2.66 -27.10 56.73
N PHE E 311 -1.66 -27.96 56.69
CA PHE E 311 -1.88 -29.32 57.14
C PHE E 311 -1.60 -29.46 58.63
N ILE E 312 -2.43 -30.30 59.26
CA ILE E 312 -2.29 -30.64 60.66
C ILE E 312 -1.46 -31.93 60.75
N ASP E 313 -0.71 -32.18 59.68
CA ASP E 313 0.20 -33.31 59.60
C ASP E 313 1.16 -33.36 60.79
N MET E 314 0.81 -34.14 61.80
CA MET E 314 1.61 -34.28 63.00
C MET E 314 1.63 -35.73 63.49
N PRO E 315 2.56 -36.55 62.97
CA PRO E 315 2.66 -37.96 63.36
C PRO E 315 3.58 -38.18 64.56
N SER F 3 36.66 -36.76 -20.70
CA SER F 3 37.57 -35.63 -20.76
C SER F 3 38.54 -35.65 -19.59
N HIS F 4 39.23 -34.54 -19.36
CA HIS F 4 40.12 -34.41 -18.21
C HIS F 4 39.41 -33.96 -16.93
N MET F 5 38.35 -33.16 -17.05
CA MET F 5 37.62 -32.70 -15.88
C MET F 5 36.13 -32.46 -16.17
N MET F 6 35.27 -32.77 -15.19
CA MET F 6 33.83 -32.59 -15.29
C MET F 6 33.24 -32.46 -13.89
N PHE F 7 32.07 -31.84 -13.76
CA PHE F 7 31.39 -31.81 -12.45
C PHE F 7 29.86 -31.67 -12.52
N VAL F 8 29.19 -32.02 -11.43
CA VAL F 8 27.74 -32.16 -11.37
C VAL F 8 27.05 -31.12 -10.48
N HIS F 9 25.93 -30.56 -10.97
CA HIS F 9 25.12 -29.64 -10.17
C HIS F 9 23.70 -30.20 -9.89
N ILE F 10 23.43 -30.55 -8.64
CA ILE F 10 22.12 -31.09 -8.25
C ILE F 10 21.55 -30.37 -7.02
N ALA F 11 20.22 -30.40 -6.88
CA ALA F 11 19.58 -29.83 -5.69
C ALA F 11 18.12 -30.25 -5.56
N ASP F 12 17.54 -29.88 -4.42
CA ASP F 12 16.12 -30.04 -4.08
C ASP F 12 15.54 -31.40 -4.37
N ASN F 13 16.06 -32.41 -3.69
CA ASN F 13 15.51 -33.75 -3.78
C ASN F 13 14.31 -33.85 -2.85
N HIS F 14 14.35 -33.08 -1.76
CA HIS F 14 13.28 -33.08 -0.77
C HIS F 14 12.98 -34.49 -0.24
N LEU F 15 14.03 -35.17 0.18
CA LEU F 15 13.94 -36.57 0.64
C LEU F 15 12.99 -36.71 1.80
N GLY F 16 12.02 -37.62 1.67
CA GLY F 16 11.09 -37.87 2.75
C GLY F 16 9.78 -37.11 2.64
N TYR F 17 9.57 -36.41 1.52
CA TYR F 17 8.29 -35.80 1.27
C TYR F 17 7.27 -36.90 0.99
N ARG F 18 6.09 -36.78 1.59
CA ARG F 18 5.07 -37.82 1.50
C ARG F 18 3.72 -37.19 1.13
N GLN F 19 3.57 -36.81 -0.14
CA GLN F 19 2.38 -36.09 -0.56
C GLN F 19 1.14 -36.95 -0.45
N TYR F 20 0.06 -36.36 0.06
CA TYR F 20 -1.21 -37.05 0.29
C TYR F 20 -1.05 -38.29 1.18
N ASN F 21 0.02 -38.30 1.97
CA ASN F 21 0.33 -39.39 2.89
C ASN F 21 0.44 -40.76 2.21
N LEU F 22 0.86 -40.77 0.95
CA LEU F 22 0.99 -42.02 0.19
C LEU F 22 2.38 -42.64 0.33
N ASP F 23 2.41 -43.93 0.65
CA ASP F 23 3.66 -44.69 0.66
C ASP F 23 4.35 -44.58 -0.69
N ASP F 24 3.57 -44.76 -1.75
CA ASP F 24 4.12 -44.73 -3.10
C ASP F 24 4.75 -43.39 -3.48
N ARG F 25 4.21 -42.29 -2.95
CA ARG F 25 4.74 -40.97 -3.31
C ARG F 25 6.13 -40.77 -2.71
N GLU F 26 6.25 -41.08 -1.43
CA GLU F 26 7.54 -41.02 -0.72
C GLU F 26 8.56 -41.97 -1.36
N LYS F 27 8.09 -43.15 -1.75
CA LYS F 27 8.92 -44.13 -2.46
C LYS F 27 9.37 -43.56 -3.81
N ASP F 28 8.44 -42.92 -4.52
CA ASP F 28 8.75 -42.29 -5.82
C ASP F 28 9.91 -41.33 -5.70
N ILE F 29 9.85 -40.44 -4.70
CA ILE F 29 10.92 -39.49 -4.43
C ILE F 29 12.24 -40.22 -4.20
N TYR F 30 12.18 -41.23 -3.34
CA TYR F 30 13.35 -42.06 -3.04
C TYR F 30 13.93 -42.67 -4.31
N ASP F 31 13.07 -43.37 -5.03
CA ASP F 31 13.47 -44.11 -6.22
C ASP F 31 14.13 -43.18 -7.23
N SER F 32 13.49 -42.05 -7.49
CA SER F 32 14.00 -41.05 -8.43
C SER F 32 15.34 -40.44 -7.98
N PHE F 33 15.49 -40.24 -6.67
CA PHE F 33 16.75 -39.80 -6.09
C PHE F 33 17.84 -40.81 -6.39
N LYS F 34 17.58 -42.06 -6.01
CA LYS F 34 18.50 -43.17 -6.22
C LYS F 34 18.76 -43.36 -7.71
N LEU F 35 17.77 -42.99 -8.51
CA LEU F 35 17.87 -43.05 -9.97
C LEU F 35 18.92 -42.02 -10.43
N CYS F 36 18.83 -40.82 -9.85
CA CYS F 36 19.80 -39.75 -10.11
C CYS F 36 21.19 -40.15 -9.66
N ILE F 37 21.25 -40.80 -8.50
CA ILE F 37 22.53 -41.24 -7.94
C ILE F 37 23.17 -42.27 -8.86
N LYS F 38 22.35 -43.17 -9.40
CA LYS F 38 22.83 -44.18 -10.32
C LYS F 38 23.53 -43.55 -11.51
N LYS F 39 22.86 -42.58 -12.14
CA LYS F 39 23.45 -41.91 -13.30
C LYS F 39 24.73 -41.15 -12.99
N ILE F 40 24.81 -40.57 -11.79
CA ILE F 40 26.02 -39.88 -11.35
C ILE F 40 27.18 -40.85 -11.25
N LEU F 41 26.89 -42.08 -10.83
CA LEU F 41 27.91 -43.11 -10.76
C LEU F 41 28.34 -43.58 -12.15
N GLU F 42 27.40 -43.57 -13.09
CA GLU F 42 27.69 -43.92 -14.48
C GLU F 42 28.53 -42.84 -15.16
N ILE F 43 28.37 -41.60 -14.71
CA ILE F 43 29.10 -40.46 -15.29
C ILE F 43 30.54 -40.37 -14.81
N LYS F 44 30.76 -40.66 -13.52
CA LYS F 44 32.08 -40.52 -12.89
C LYS F 44 32.74 -39.15 -13.09
N PRO F 45 32.12 -38.08 -12.55
CA PRO F 45 32.71 -36.73 -12.59
C PRO F 45 33.77 -36.51 -11.50
N ASP F 46 34.46 -35.38 -11.55
CA ASP F 46 35.49 -35.07 -10.57
C ASP F 46 34.89 -34.47 -9.28
N VAL F 47 33.86 -33.64 -9.44
CA VAL F 47 33.21 -32.98 -8.30
C VAL F 47 31.69 -33.11 -8.39
N VAL F 48 31.02 -33.18 -7.25
CA VAL F 48 29.56 -33.14 -7.20
C VAL F 48 29.06 -32.00 -6.30
N LEU F 49 28.35 -31.04 -6.90
CA LEU F 49 27.75 -29.92 -6.17
C LEU F 49 26.27 -30.11 -5.84
N HIS F 50 25.91 -30.00 -4.56
CA HIS F 50 24.51 -30.08 -4.13
C HIS F 50 24.07 -28.77 -3.46
N SER F 51 23.06 -28.12 -4.04
CA SER F 51 22.63 -26.80 -3.56
C SER F 51 21.45 -26.76 -2.57
N GLY F 52 21.30 -27.78 -1.74
CA GLY F 52 20.32 -27.77 -0.67
C GLY F 52 18.93 -28.37 -0.89
N ASP F 53 18.13 -28.36 0.18
CA ASP F 53 16.82 -29.03 0.22
C ASP F 53 16.91 -30.51 -0.14
N LEU F 54 17.98 -31.15 0.31
CA LEU F 54 18.14 -32.58 0.13
C LEU F 54 17.04 -33.32 0.89
N PHE F 55 16.88 -32.98 2.18
CA PHE F 55 15.82 -33.50 3.03
C PHE F 55 14.65 -32.52 3.07
N ASN F 56 13.44 -33.01 3.31
CA ASN F 56 12.31 -32.10 3.38
C ASN F 56 12.15 -31.41 4.73
N ASP F 57 12.68 -32.03 5.79
CA ASP F 57 12.59 -31.50 7.16
C ASP F 57 13.92 -31.55 7.92
N LEU F 58 13.95 -30.92 9.08
CA LEU F 58 15.14 -30.91 9.93
C LEU F 58 15.26 -32.24 10.63
N ARG F 59 14.12 -32.88 10.88
CA ARG F 59 14.07 -34.21 11.47
C ARG F 59 13.34 -35.16 10.53
N PRO F 60 14.02 -35.60 9.47
CA PRO F 60 13.37 -36.42 8.46
C PRO F 60 13.23 -37.85 8.97
N PRO F 61 12.33 -38.63 8.36
CA PRO F 61 12.20 -40.06 8.69
C PRO F 61 13.53 -40.81 8.54
N VAL F 62 13.67 -41.90 9.28
CA VAL F 62 14.93 -42.64 9.35
C VAL F 62 15.33 -43.23 8.00
N LYS F 63 14.34 -43.69 7.23
CA LYS F 63 14.59 -44.27 5.91
C LYS F 63 15.26 -43.27 4.97
N ALA F 64 14.80 -42.02 5.01
CA ALA F 64 15.36 -40.95 4.19
C ALA F 64 16.82 -40.72 4.56
N LEU F 65 17.09 -40.72 5.87
CA LEU F 65 18.43 -40.58 6.39
C LEU F 65 19.31 -41.74 5.95
N ARG F 66 18.74 -42.94 5.97
CA ARG F 66 19.43 -44.17 5.53
C ARG F 66 19.83 -44.10 4.04
N ILE F 67 18.88 -43.71 3.20
CA ILE F 67 19.10 -43.64 1.76
C ILE F 67 20.23 -42.68 1.44
N ALA F 68 20.13 -41.48 2.00
CA ALA F 68 21.07 -40.40 1.76
C ALA F 68 22.49 -40.77 2.15
N MET F 69 22.65 -41.28 3.37
CA MET F 69 23.97 -41.63 3.87
C MET F 69 24.57 -42.74 3.03
N GLN F 70 23.72 -43.70 2.68
CA GLN F 70 24.11 -44.83 1.86
C GLN F 70 24.63 -44.31 0.53
N ALA F 71 23.91 -43.36 -0.04
CA ALA F 71 24.25 -42.76 -1.33
C ALA F 71 25.61 -42.07 -1.31
N PHE F 72 25.79 -41.15 -0.38
CA PHE F 72 27.02 -40.37 -0.32
C PHE F 72 28.21 -41.21 0.13
N LYS F 73 27.93 -42.27 0.87
CA LYS F 73 28.94 -43.25 1.20
C LYS F 73 29.44 -43.81 -0.12
N LYS F 74 28.51 -44.25 -0.94
CA LYS F 74 28.80 -44.80 -2.26
C LYS F 74 29.53 -43.79 -3.16
N LEU F 75 29.23 -42.50 -2.98
CA LEU F 75 29.89 -41.45 -3.76
C LEU F 75 31.28 -41.07 -3.23
N HIS F 76 31.44 -41.04 -1.91
CA HIS F 76 32.72 -40.67 -1.32
C HIS F 76 33.78 -41.75 -1.49
N GLU F 77 33.32 -43.00 -1.58
CA GLU F 77 34.20 -44.16 -1.71
C GLU F 77 34.86 -44.23 -3.08
N ASN F 78 34.36 -43.44 -4.04
CA ASN F 78 34.99 -43.35 -5.36
C ASN F 78 35.98 -42.20 -5.45
N ASN F 79 36.46 -41.73 -4.29
CA ASN F 79 37.37 -40.59 -4.23
C ASN F 79 36.86 -39.41 -5.05
N ILE F 80 35.55 -39.21 -5.01
CA ILE F 80 34.87 -38.06 -5.61
C ILE F 80 34.51 -37.04 -4.53
N LYS F 81 35.04 -35.81 -4.64
CA LYS F 81 34.70 -34.81 -3.63
C LYS F 81 33.32 -34.18 -3.87
N VAL F 82 32.59 -33.98 -2.78
CA VAL F 82 31.23 -33.47 -2.81
C VAL F 82 31.08 -32.23 -1.92
N TYR F 83 30.48 -31.17 -2.47
CA TYR F 83 30.17 -29.96 -1.70
C TYR F 83 28.66 -29.75 -1.54
N ILE F 84 28.25 -29.31 -0.36
CA ILE F 84 26.85 -29.00 -0.14
C ILE F 84 26.68 -27.70 0.68
N VAL F 85 25.59 -26.98 0.41
CA VAL F 85 25.18 -25.85 1.24
C VAL F 85 23.76 -26.10 1.75
N ALA F 86 23.48 -25.63 2.95
CA ALA F 86 22.19 -25.91 3.59
C ALA F 86 21.02 -25.15 2.96
N GLY F 87 19.94 -25.87 2.65
CA GLY F 87 18.73 -25.26 2.13
C GLY F 87 17.84 -24.71 3.23
N ASN F 88 16.70 -24.12 2.85
CA ASN F 88 15.74 -23.59 3.81
C ASN F 88 15.28 -24.65 4.78
N HIS F 89 15.00 -25.83 4.23
CA HIS F 89 14.43 -26.95 4.98
C HIS F 89 15.41 -27.64 5.92
N GLU F 90 16.70 -27.52 5.62
CA GLU F 90 17.70 -28.21 6.41
C GLU F 90 18.26 -27.30 7.51
N MET F 91 17.68 -26.11 7.66
CA MET F 91 18.18 -25.11 8.60
C MET F 91 17.55 -25.11 9.99
N PRO F 92 18.41 -25.24 11.03
CA PRO F 92 18.10 -25.26 12.46
C PRO F 92 17.27 -24.08 12.95
N ARG F 93 16.52 -24.31 14.03
CA ARG F 93 15.64 -23.31 14.63
C ARG F 93 16.16 -22.89 16.01
N ARG F 94 16.37 -23.86 16.89
CA ARG F 94 16.93 -23.60 18.20
C ARG F 94 18.42 -23.46 18.06
N LEU F 95 19.04 -22.69 18.94
CA LEU F 95 20.50 -22.73 18.99
C LEU F 95 20.85 -24.08 19.62
N GLY F 96 21.76 -24.79 18.97
CA GLY F 96 22.22 -26.08 19.42
C GLY F 96 21.57 -27.22 18.64
N GLU F 97 20.46 -26.91 17.99
CA GLU F 97 19.82 -27.85 17.08
C GLU F 97 20.74 -28.04 15.89
N GLU F 98 20.86 -29.28 15.43
CA GLU F 98 21.76 -29.57 14.31
C GLU F 98 21.02 -29.87 13.03
N SER F 99 21.65 -29.55 11.91
CA SER F 99 21.09 -29.88 10.61
C SER F 99 21.41 -31.33 10.30
N PRO F 100 20.48 -32.04 9.64
CA PRO F 100 20.76 -33.43 9.31
C PRO F 100 21.96 -33.58 8.38
N LEU F 101 22.32 -32.53 7.65
CA LEU F 101 23.51 -32.55 6.81
C LEU F 101 24.76 -32.89 7.63
N ALA F 102 24.75 -32.53 8.91
CA ALA F 102 25.90 -32.75 9.78
C ALA F 102 26.30 -34.22 9.82
N LEU F 103 25.31 -35.09 9.63
CA LEU F 103 25.52 -36.53 9.61
C LEU F 103 26.31 -37.00 8.39
N LEU F 104 26.52 -36.10 7.43
CA LEU F 104 27.20 -36.45 6.20
C LEU F 104 28.63 -35.92 6.13
N LYS F 105 29.11 -35.37 7.25
CA LYS F 105 30.45 -34.78 7.36
C LYS F 105 31.61 -35.67 6.85
N ASP F 106 31.41 -36.98 6.88
CA ASP F 106 32.48 -37.93 6.55
C ASP F 106 32.60 -38.17 5.06
N TYR F 107 31.63 -37.71 4.30
CA TYR F 107 31.64 -37.88 2.85
C TYR F 107 31.62 -36.55 2.14
N VAL F 108 31.30 -35.51 2.91
CA VAL F 108 30.88 -34.24 2.33
C VAL F 108 31.46 -33.03 3.03
N LYS F 109 31.80 -32.01 2.24
CA LYS F 109 32.18 -30.70 2.78
C LYS F 109 31.00 -29.72 2.75
N ILE F 110 30.52 -29.31 3.92
CA ILE F 110 29.46 -28.31 4.00
C ILE F 110 30.04 -26.90 3.92
N LEU F 111 29.56 -26.13 2.96
CA LEU F 111 30.15 -24.83 2.65
C LEU F 111 29.54 -23.65 3.40
N ASP F 112 30.38 -22.90 4.09
CA ASP F 112 30.01 -21.60 4.64
C ASP F 112 31.21 -20.64 4.58
N GLY F 113 31.88 -20.63 3.43
CA GLY F 113 33.07 -19.82 3.24
C GLY F 113 33.82 -20.27 2.00
N LYS F 114 35.14 -20.11 1.99
CA LYS F 114 35.95 -20.48 0.83
C LYS F 114 36.62 -21.84 0.99
N ASP F 115 37.04 -22.39 -0.14
CA ASP F 115 37.87 -23.59 -0.17
C ASP F 115 38.42 -23.74 -1.58
N VAL F 116 39.71 -24.01 -1.69
CA VAL F 116 40.34 -24.18 -2.99
C VAL F 116 40.60 -25.66 -3.23
N ILE F 117 39.99 -26.21 -4.27
CA ILE F 117 40.14 -27.62 -4.60
C ILE F 117 41.05 -27.83 -5.81
N ASN F 118 42.03 -28.72 -5.65
CA ASN F 118 42.92 -29.08 -6.75
C ASN F 118 42.42 -30.35 -7.44
N VAL F 119 41.95 -30.21 -8.67
CA VAL F 119 41.46 -31.35 -9.45
C VAL F 119 42.48 -31.74 -10.52
N ASN F 120 42.12 -32.70 -11.36
CA ASN F 120 42.99 -33.13 -12.47
C ASN F 120 42.72 -32.37 -13.78
N GLY F 121 43.66 -31.50 -14.14
CA GLY F 121 44.84 -31.25 -13.34
C GLY F 121 44.91 -29.79 -12.94
N GLU F 122 43.75 -29.20 -12.71
CA GLU F 122 43.65 -27.75 -12.49
C GLU F 122 43.40 -27.39 -11.03
N GLU F 123 43.49 -26.09 -10.74
CA GLU F 123 43.25 -25.57 -9.40
C GLU F 123 42.07 -24.60 -9.44
N ILE F 124 41.01 -24.92 -8.70
CA ILE F 124 39.74 -24.21 -8.84
C ILE F 124 39.11 -23.81 -7.49
N PHE F 125 38.54 -22.62 -7.47
CA PHE F 125 38.06 -21.96 -6.25
C PHE F 125 36.56 -22.18 -6.01
N ILE F 126 36.20 -22.67 -4.83
CA ILE F 126 34.79 -22.86 -4.45
C ILE F 126 34.44 -22.09 -3.19
N CYS F 127 33.31 -21.37 -3.23
CA CYS F 127 32.77 -20.74 -2.05
C CYS F 127 31.25 -20.86 -2.09
N GLY F 128 30.62 -20.80 -0.92
CA GLY F 128 29.19 -20.86 -0.84
C GLY F 128 28.70 -20.60 0.58
N THR F 129 27.40 -20.49 0.74
CA THR F 129 26.82 -20.38 2.07
C THR F 129 25.39 -20.87 2.09
N TYR F 130 24.93 -21.20 3.28
CA TYR F 130 23.60 -21.73 3.50
C TYR F 130 22.50 -20.75 3.15
N TYR F 131 21.26 -21.25 3.21
CA TYR F 131 20.10 -20.44 2.97
C TYR F 131 19.93 -19.40 4.07
N HIS F 132 19.93 -18.13 3.67
CA HIS F 132 19.60 -17.05 4.59
C HIS F 132 18.18 -16.58 4.33
N LYS F 133 17.56 -15.96 5.34
CA LYS F 133 16.21 -15.46 5.19
C LYS F 133 16.28 -14.13 4.45
N LYS F 134 15.13 -13.68 3.93
CA LYS F 134 15.01 -12.34 3.37
C LYS F 134 15.53 -11.32 4.36
N SER F 135 15.06 -11.42 5.60
CA SER F 135 15.41 -10.50 6.67
C SER F 135 16.91 -10.31 6.83
N LYS F 136 17.67 -11.35 6.54
CA LYS F 136 19.10 -11.33 6.77
C LYS F 136 19.89 -11.12 5.47
N ARG F 137 19.27 -10.46 4.50
CA ARG F 137 19.92 -10.18 3.23
C ARG F 137 21.18 -9.36 3.37
N GLU F 138 21.13 -8.38 4.26
CA GLU F 138 22.26 -7.52 4.52
C GLU F 138 23.52 -8.31 4.81
N GLU F 139 23.42 -9.18 5.81
CA GLU F 139 24.48 -10.11 6.19
C GLU F 139 25.02 -10.80 4.96
N MET F 140 24.10 -11.27 4.12
CA MET F 140 24.48 -12.06 2.96
C MET F 140 25.34 -11.27 1.99
N LEU F 141 24.97 -10.00 1.80
CA LEU F 141 25.70 -9.17 0.86
C LEU F 141 27.14 -9.05 1.32
N ASP F 142 27.33 -8.78 2.61
CA ASP F 142 28.65 -8.71 3.23
C ASP F 142 29.39 -10.03 3.03
N LYS F 143 28.69 -11.13 3.23
CA LYS F 143 29.22 -12.47 3.04
C LYS F 143 29.73 -12.63 1.61
N LEU F 144 28.90 -12.18 0.67
CA LEU F 144 29.19 -12.22 -0.76
C LEU F 144 30.35 -11.31 -1.15
N LYS F 145 30.40 -10.13 -0.54
CA LYS F 145 31.48 -9.17 -0.78
C LYS F 145 32.81 -9.74 -0.38
N ASN F 146 32.83 -10.47 0.72
CA ASN F 146 34.06 -11.12 1.18
C ASN F 146 34.51 -12.24 0.27
N PHE F 147 33.56 -12.83 -0.47
CA PHE F 147 33.89 -13.90 -1.41
C PHE F 147 34.58 -13.33 -2.62
N GLU F 148 34.02 -12.23 -3.12
CA GLU F 148 34.57 -11.54 -4.29
C GLU F 148 36.01 -11.10 -4.04
N SER F 149 36.24 -10.58 -2.83
CA SER F 149 37.59 -10.21 -2.37
C SER F 149 38.59 -11.36 -2.50
N GLU F 150 38.21 -12.52 -1.98
CA GLU F 150 39.07 -13.69 -1.95
C GLU F 150 39.11 -14.41 -3.30
N ALA F 151 38.29 -13.95 -4.24
CA ALA F 151 38.22 -14.56 -5.56
C ALA F 151 38.73 -13.63 -6.65
N LYS F 152 38.99 -12.38 -6.30
CA LYS F 152 39.48 -11.38 -7.26
C LYS F 152 40.71 -11.87 -8.01
N ASN F 153 41.68 -12.40 -7.27
CA ASN F 153 42.93 -12.87 -7.86
C ASN F 153 42.87 -14.34 -8.29
N TYR F 154 41.67 -14.90 -8.29
CA TYR F 154 41.47 -16.27 -8.74
C TYR F 154 40.74 -16.27 -10.08
N LYS F 155 41.11 -17.19 -10.96
CA LYS F 155 40.56 -17.19 -12.32
C LYS F 155 39.27 -18.01 -12.48
N LYS F 156 39.24 -19.20 -11.91
CA LYS F 156 38.03 -20.04 -11.97
C LYS F 156 37.35 -20.10 -10.61
N LYS F 157 36.20 -19.45 -10.51
CA LYS F 157 35.51 -19.27 -9.23
C LYS F 157 34.04 -19.68 -9.28
N ILE F 158 33.64 -20.60 -8.40
CA ILE F 158 32.25 -21.06 -8.37
C ILE F 158 31.54 -20.70 -7.06
N LEU F 159 30.32 -20.19 -7.19
CA LEU F 159 29.52 -19.79 -6.03
C LEU F 159 28.31 -20.71 -5.83
N MET F 160 28.15 -21.22 -4.61
CA MET F 160 27.04 -22.10 -4.26
C MET F 160 26.06 -21.40 -3.32
N LEU F 161 24.80 -21.34 -3.73
CA LEU F 161 23.77 -20.67 -2.94
C LEU F 161 22.41 -21.35 -3.04
N HIS F 162 21.61 -21.19 -2.00
CA HIS F 162 20.26 -21.74 -2.02
C HIS F 162 19.29 -20.59 -1.80
N GLN F 163 19.05 -19.78 -2.82
CA GLN F 163 18.14 -18.64 -2.68
C GLN F 163 17.27 -18.44 -3.91
N GLY F 164 16.27 -17.57 -3.77
CA GLY F 164 15.51 -17.13 -4.92
C GLY F 164 16.06 -15.78 -5.32
N ILE F 165 16.38 -15.63 -6.59
CA ILE F 165 16.91 -14.36 -7.08
C ILE F 165 15.84 -13.62 -7.88
N ASN F 166 15.75 -12.30 -7.67
CA ASN F 166 14.60 -11.50 -8.09
C ASN F 166 14.02 -11.67 -9.50
N PRO F 167 14.89 -11.73 -10.53
CA PRO F 167 14.30 -11.99 -11.85
C PRO F 167 13.73 -13.39 -11.97
N TYR F 168 14.46 -14.38 -11.49
CA TYR F 168 14.05 -15.77 -11.69
C TYR F 168 12.85 -16.16 -10.84
N ILE F 169 12.48 -15.32 -9.89
CA ILE F 169 11.32 -15.64 -9.06
C ILE F 169 10.70 -14.42 -8.35
N PRO F 170 9.65 -13.85 -8.98
CA PRO F 170 8.85 -12.71 -8.53
C PRO F 170 8.62 -12.70 -7.03
N LEU F 171 7.90 -13.69 -6.52
CA LEU F 171 7.62 -13.78 -5.09
C LEU F 171 7.74 -15.20 -4.57
N ASP F 172 8.63 -15.40 -3.60
CA ASP F 172 9.49 -14.33 -3.11
C ASP F 172 10.92 -14.61 -3.58
N TYR F 173 11.85 -13.76 -3.18
CA TYR F 173 13.26 -13.96 -3.50
C TYR F 173 14.01 -13.34 -2.34
N GLU F 174 15.22 -13.78 -2.09
CA GLU F 174 16.01 -13.17 -1.03
C GLU F 174 17.03 -12.18 -1.58
N LEU F 175 17.51 -12.47 -2.79
CA LEU F 175 18.51 -11.61 -3.41
C LEU F 175 18.08 -11.10 -4.78
N GLU F 176 18.58 -9.92 -5.14
CA GLU F 176 18.37 -9.36 -6.47
C GLU F 176 19.46 -9.87 -7.37
N HIS F 177 19.23 -9.94 -8.68
CA HIS F 177 20.26 -10.52 -9.54
C HIS F 177 21.56 -9.73 -9.50
N PHE F 178 21.48 -8.43 -9.24
CA PHE F 178 22.68 -7.61 -9.18
C PHE F 178 23.38 -7.71 -7.83
N ASP F 179 22.94 -8.67 -7.00
CA ASP F 179 23.55 -8.88 -5.69
C ASP F 179 24.79 -9.77 -5.78
N LEU F 180 24.81 -10.68 -6.74
CA LEU F 180 25.89 -11.65 -6.74
C LEU F 180 27.04 -11.29 -7.69
N PRO F 181 28.27 -11.33 -7.16
CA PRO F 181 29.50 -11.00 -7.89
C PRO F 181 29.74 -11.92 -9.08
N LYS F 182 30.68 -11.53 -9.94
CA LYS F 182 31.05 -12.34 -11.10
C LYS F 182 31.73 -13.62 -10.64
N PHE F 183 31.12 -14.75 -10.94
CA PHE F 183 31.71 -16.06 -10.69
C PHE F 183 31.54 -16.86 -11.96
N SER F 184 32.35 -17.90 -12.10
CA SER F 184 32.32 -18.74 -13.28
C SER F 184 31.00 -19.49 -13.42
N TYR F 185 30.53 -20.05 -12.31
CA TYR F 185 29.30 -20.83 -12.33
C TYR F 185 28.46 -20.48 -11.11
N TYR F 186 27.17 -20.23 -11.32
CA TYR F 186 26.26 -20.01 -10.20
C TYR F 186 25.46 -21.26 -9.87
N ALA F 187 25.96 -22.04 -8.91
CA ALA F 187 25.28 -23.25 -8.47
C ALA F 187 24.16 -22.90 -7.48
N LEU F 188 22.94 -22.82 -8.00
CA LEU F 188 21.81 -22.35 -7.20
C LEU F 188 20.77 -23.42 -6.88
N GLY F 189 19.97 -23.15 -5.86
CA GLY F 189 18.91 -24.05 -5.46
C GLY F 189 17.69 -23.28 -4.96
N HIS F 190 16.68 -24.03 -4.50
CA HIS F 190 15.40 -23.52 -3.98
C HIS F 190 14.36 -23.23 -5.06
N ILE F 191 14.77 -23.28 -6.32
CA ILE F 191 13.84 -23.11 -7.43
C ILE F 191 13.71 -24.43 -8.15
N HIS F 192 12.50 -24.99 -8.11
CA HIS F 192 12.26 -26.36 -8.53
C HIS F 192 12.16 -26.52 -10.04
N LYS F 193 12.17 -25.42 -10.77
CA LYS F 193 12.18 -25.49 -12.23
C LYS F 193 13.59 -25.34 -12.79
N ARG F 194 13.83 -25.96 -13.95
CA ARG F 194 15.17 -25.91 -14.54
C ARG F 194 15.47 -24.55 -15.16
N ILE F 195 16.52 -23.91 -14.70
CA ILE F 195 16.95 -22.63 -15.26
C ILE F 195 18.46 -22.65 -15.55
N LEU F 196 18.81 -22.49 -16.82
CA LEU F 196 20.20 -22.43 -17.24
C LEU F 196 20.37 -21.33 -18.26
N GLU F 197 21.24 -20.39 -17.95
CA GLU F 197 21.52 -19.27 -18.84
C GLU F 197 22.75 -18.45 -18.40
N ARG F 198 23.33 -17.73 -19.35
CA ARG F 198 24.47 -16.87 -19.08
C ARG F 198 24.08 -15.71 -18.17
N PHE F 199 25.03 -15.23 -17.40
CA PHE F 199 24.77 -14.19 -16.42
C PHE F 199 26.10 -13.59 -16.02
N ASN F 200 26.15 -12.26 -15.95
CA ASN F 200 27.39 -11.53 -15.74
C ASN F 200 28.46 -12.08 -16.69
N ASP F 201 29.68 -12.28 -16.20
CA ASP F 201 30.71 -12.87 -17.04
C ASP F 201 30.85 -14.35 -16.74
N GLY F 202 29.73 -15.07 -16.87
CA GLY F 202 29.66 -16.47 -16.54
C GLY F 202 28.28 -17.07 -16.82
N ILE F 203 27.92 -18.10 -16.08
CA ILE F 203 26.67 -18.81 -16.32
C ILE F 203 25.94 -19.30 -15.05
N LEU F 204 24.68 -18.90 -14.92
CA LEU F 204 23.89 -19.20 -13.74
C LEU F 204 22.98 -20.41 -14.00
N ALA F 205 22.84 -21.26 -12.99
CA ALA F 205 22.02 -22.47 -13.16
C ALA F 205 21.25 -22.87 -11.91
N TYR F 206 19.98 -23.21 -12.13
CA TYR F 206 19.18 -23.91 -11.15
C TYR F 206 18.99 -25.33 -11.64
N SER F 207 19.46 -26.30 -10.86
CA SER F 207 19.40 -27.71 -11.24
C SER F 207 17.96 -28.21 -11.31
N GLY F 208 17.08 -27.58 -10.54
CA GLY F 208 15.68 -27.96 -10.49
C GLY F 208 15.45 -29.19 -9.63
N SER F 209 14.22 -29.37 -9.15
CA SER F 209 13.88 -30.51 -8.31
C SER F 209 14.00 -31.83 -9.06
N THR F 210 14.23 -32.91 -8.32
CA THR F 210 14.39 -34.23 -8.92
C THR F 210 13.05 -34.99 -8.90
N GLU F 211 12.01 -34.32 -8.45
CA GLU F 211 10.65 -34.88 -8.50
C GLU F 211 9.61 -33.78 -8.33
N ILE F 212 8.38 -34.08 -8.72
CA ILE F 212 7.28 -33.12 -8.67
C ILE F 212 6.71 -32.93 -7.26
N ILE F 213 7.11 -31.84 -6.61
CA ILE F 213 6.72 -31.55 -5.23
C ILE F 213 5.33 -30.90 -5.14
N TYR F 214 5.13 -29.83 -5.90
CA TYR F 214 3.85 -29.15 -5.95
C TYR F 214 3.09 -29.44 -7.24
N ARG F 215 1.78 -29.22 -7.21
CA ARG F 215 0.91 -29.55 -8.34
C ARG F 215 1.27 -28.73 -9.58
N ASN F 216 2.11 -27.72 -9.40
CA ASN F 216 2.54 -26.84 -10.48
C ASN F 216 3.61 -27.47 -11.39
N GLU F 217 4.56 -28.19 -10.78
CA GLU F 217 5.74 -28.67 -11.49
C GLU F 217 5.51 -29.72 -12.58
N TYR F 218 4.26 -30.12 -12.80
CA TYR F 218 3.96 -31.21 -13.73
C TYR F 218 4.50 -30.98 -15.15
N GLU F 219 4.22 -29.82 -15.71
CA GLU F 219 4.55 -29.51 -17.10
C GLU F 219 5.99 -29.07 -17.33
N ASP F 220 6.64 -28.53 -16.30
CA ASP F 220 8.03 -28.07 -16.44
C ASP F 220 8.96 -29.27 -16.56
N TYR F 221 8.50 -30.42 -16.07
CA TYR F 221 9.22 -31.67 -16.28
C TYR F 221 9.18 -32.02 -17.76
N LYS F 222 8.04 -31.78 -18.40
CA LYS F 222 7.90 -32.04 -19.84
C LYS F 222 8.72 -31.08 -20.69
N LYS F 223 8.82 -29.82 -20.28
CA LYS F 223 9.43 -28.78 -21.12
C LYS F 223 10.96 -28.68 -20.97
N GLU F 224 11.46 -28.88 -19.75
CA GLU F 224 12.88 -28.77 -19.49
C GLU F 224 13.49 -30.11 -19.10
N GLY F 225 12.68 -30.97 -18.49
CA GLY F 225 13.14 -32.25 -18.00
C GLY F 225 13.76 -32.07 -16.63
N LYS F 226 13.51 -33.01 -15.73
CA LYS F 226 14.06 -32.93 -14.39
C LYS F 226 15.25 -33.87 -14.27
N GLY F 227 16.22 -33.49 -13.43
CA GLY F 227 17.42 -34.26 -13.24
C GLY F 227 18.47 -33.37 -12.61
N PHE F 228 19.61 -33.24 -13.28
CA PHE F 228 20.66 -32.34 -12.84
C PHE F 228 21.51 -31.88 -14.04
N TYR F 229 22.40 -30.91 -13.80
CA TYR F 229 23.26 -30.40 -14.87
C TYR F 229 24.64 -31.05 -14.79
N LEU F 230 25.28 -31.23 -15.94
CA LEU F 230 26.63 -31.77 -15.98
C LEU F 230 27.56 -30.88 -16.79
N VAL F 231 28.31 -30.05 -16.08
CA VAL F 231 29.28 -29.15 -16.70
C VAL F 231 30.66 -29.81 -16.67
N ASP F 232 31.46 -29.60 -17.71
CA ASP F 232 32.81 -30.16 -17.72
C ASP F 232 33.89 -29.18 -17.24
N PHE F 233 33.90 -27.98 -17.81
CA PHE F 233 34.86 -26.93 -17.45
C PHE F 233 36.32 -27.38 -17.57
N SER F 234 36.63 -28.13 -18.62
CA SER F 234 37.99 -28.59 -18.85
C SER F 234 38.84 -27.48 -19.43
N GLY F 235 38.31 -26.86 -20.48
CA GLY F 235 39.00 -25.79 -21.18
C GLY F 235 39.03 -24.47 -20.43
N ASN F 236 39.60 -23.47 -21.08
CA ASN F 236 39.76 -22.13 -20.53
C ASN F 236 38.47 -21.29 -20.51
N ASP F 237 37.58 -21.58 -21.45
CA ASP F 237 36.31 -20.84 -21.56
C ASP F 237 35.12 -21.64 -21.06
N LEU F 238 34.10 -20.92 -20.61
CA LEU F 238 32.83 -21.55 -20.24
C LEU F 238 31.59 -20.94 -20.88
N ASP F 239 30.69 -21.81 -21.32
CA ASP F 239 29.46 -21.39 -21.97
C ASP F 239 28.51 -22.59 -21.99
N ILE F 240 27.29 -22.37 -22.46
CA ILE F 240 26.30 -23.43 -22.58
C ILE F 240 26.86 -24.62 -23.35
N SER F 241 27.67 -24.32 -24.37
CA SER F 241 28.30 -25.34 -25.21
C SER F 241 29.00 -26.46 -24.41
N ASP F 242 29.45 -26.13 -23.22
CA ASP F 242 30.11 -27.12 -22.35
C ASP F 242 29.25 -27.60 -21.18
N ILE F 243 27.92 -27.58 -21.35
CA ILE F 243 27.01 -28.06 -20.31
C ILE F 243 25.97 -29.06 -20.81
N GLU F 244 26.10 -30.32 -20.38
CA GLU F 244 25.12 -31.35 -20.72
C GLU F 244 24.14 -31.55 -19.56
N LYS F 245 22.85 -31.62 -19.85
CA LYS F 245 21.86 -31.86 -18.80
C LYS F 245 21.24 -33.25 -18.82
N ILE F 246 21.46 -34.01 -17.75
CA ILE F 246 20.89 -35.34 -17.64
C ILE F 246 19.49 -35.27 -17.08
N ASP F 247 18.51 -35.73 -17.85
CA ASP F 247 17.13 -35.75 -17.38
C ASP F 247 16.81 -37.09 -16.74
N ILE F 248 15.75 -37.12 -15.94
CA ILE F 248 15.39 -38.32 -15.21
C ILE F 248 13.90 -38.60 -15.30
N GLU F 249 13.58 -39.84 -15.64
CA GLU F 249 12.21 -40.29 -15.76
C GLU F 249 11.54 -40.25 -14.40
N CYS F 250 10.37 -39.64 -14.33
CA CYS F 250 9.59 -39.61 -13.11
C CYS F 250 8.08 -39.64 -13.31
N ARG F 251 7.35 -39.75 -12.21
CA ARG F 251 5.90 -39.98 -12.18
C ARG F 251 5.07 -39.08 -13.09
N GLU F 252 4.19 -39.71 -13.87
CA GLU F 252 3.32 -38.99 -14.79
C GLU F 252 2.08 -38.45 -14.09
N PHE F 253 1.67 -37.25 -14.49
CA PHE F 253 0.51 -36.59 -13.90
C PHE F 253 -0.52 -36.31 -14.98
N VAL F 254 -1.78 -36.68 -14.72
CA VAL F 254 -2.85 -36.38 -15.67
C VAL F 254 -3.83 -35.31 -15.17
N GLU F 255 -4.05 -34.31 -16.01
CA GLU F 255 -4.99 -33.23 -15.75
C GLU F 255 -6.32 -33.53 -16.46
N VAL F 256 -7.45 -33.39 -15.76
CA VAL F 256 -8.74 -33.67 -16.38
C VAL F 256 -9.76 -32.53 -16.30
N ASN F 257 -10.61 -32.44 -17.32
CA ASN F 257 -11.74 -31.52 -17.34
C ASN F 257 -12.96 -32.11 -18.03
N ILE F 258 -13.62 -33.05 -17.38
CA ILE F 258 -14.75 -33.75 -18.01
C ILE F 258 -15.99 -32.86 -17.99
N LYS F 259 -16.38 -32.40 -19.17
CA LYS F 259 -17.51 -31.49 -19.30
C LYS F 259 -18.55 -32.03 -20.28
N ASP F 260 -18.10 -32.92 -21.15
CA ASP F 260 -18.99 -33.58 -22.10
C ASP F 260 -18.48 -35.00 -22.33
N LYS F 261 -19.05 -35.70 -23.31
CA LYS F 261 -18.57 -37.03 -23.65
C LYS F 261 -17.18 -36.94 -24.28
N LYS F 262 -16.96 -35.87 -25.06
CA LYS F 262 -15.68 -35.63 -25.73
C LYS F 262 -14.50 -35.48 -24.75
N SER F 263 -14.61 -34.52 -23.84
CA SER F 263 -13.55 -34.26 -22.86
C SER F 263 -13.31 -35.49 -21.98
N PHE F 264 -14.37 -36.27 -21.79
CA PHE F 264 -14.27 -37.54 -21.07
C PHE F 264 -13.41 -38.50 -21.89
N ASN F 265 -13.65 -38.53 -23.20
CA ASN F 265 -12.89 -39.39 -24.10
C ASN F 265 -11.43 -38.95 -24.17
N GLU F 266 -11.22 -37.64 -24.12
CA GLU F 266 -9.88 -37.08 -24.05
C GLU F 266 -9.20 -37.49 -22.75
N ALA F 267 -9.99 -37.57 -21.68
CA ALA F 267 -9.49 -38.03 -20.38
C ALA F 267 -9.04 -39.47 -20.47
N VAL F 268 -9.89 -40.35 -21.01
CA VAL F 268 -9.57 -41.77 -21.13
C VAL F 268 -8.34 -41.98 -22.02
N ASN F 269 -8.21 -41.17 -23.07
CA ASN F 269 -7.06 -41.25 -23.96
C ASN F 269 -5.74 -40.97 -23.25
N LYS F 270 -5.67 -39.82 -22.59
CA LYS F 270 -4.49 -39.42 -21.84
C LYS F 270 -4.16 -40.35 -20.66
N ILE F 271 -5.19 -40.82 -19.96
CA ILE F 271 -4.98 -41.68 -18.78
C ILE F 271 -4.47 -43.06 -19.15
N GLU F 272 -5.05 -43.66 -20.18
CA GLU F 272 -4.61 -44.98 -20.66
C GLU F 272 -3.18 -44.86 -21.23
N ARG F 273 -2.83 -43.66 -21.67
CA ARG F 273 -1.52 -43.36 -22.23
C ARG F 273 -0.43 -43.37 -21.16
N CYS F 274 -0.82 -43.41 -19.89
CA CYS F 274 0.19 -43.39 -18.84
C CYS F 274 0.91 -44.75 -18.79
N LYS F 275 2.24 -44.70 -18.77
CA LYS F 275 3.08 -45.89 -18.71
C LYS F 275 3.16 -46.39 -17.27
N ASN F 276 3.10 -45.45 -16.33
CA ASN F 276 3.19 -45.74 -14.90
C ASN F 276 1.90 -45.33 -14.21
N LYS F 277 1.46 -46.16 -13.24
CA LYS F 277 0.21 -45.96 -12.50
C LYS F 277 -0.02 -44.49 -12.19
N PRO F 278 -1.01 -43.89 -12.85
CA PRO F 278 -1.10 -42.42 -12.89
C PRO F 278 -1.74 -41.77 -11.67
N VAL F 279 -1.36 -40.52 -11.44
CA VAL F 279 -2.02 -39.66 -10.48
C VAL F 279 -3.05 -38.81 -11.21
N VAL F 280 -4.33 -39.00 -10.88
CA VAL F 280 -5.36 -38.22 -11.56
C VAL F 280 -5.83 -37.04 -10.71
N PHE F 281 -5.92 -35.88 -11.36
CA PHE F 281 -6.36 -34.65 -10.72
C PHE F 281 -7.04 -33.71 -11.72
N GLY F 282 -7.71 -32.69 -11.20
CA GLY F 282 -8.42 -31.75 -12.05
C GLY F 282 -9.90 -31.63 -11.68
N LYS F 283 -10.75 -31.56 -12.69
CA LYS F 283 -12.19 -31.37 -12.48
C LYS F 283 -13.01 -32.48 -13.14
N ILE F 284 -14.05 -32.94 -12.44
CA ILE F 284 -14.95 -33.96 -12.97
C ILE F 284 -16.41 -33.55 -12.82
N LYS F 285 -17.16 -33.64 -13.93
CA LYS F 285 -18.60 -33.35 -13.92
C LYS F 285 -19.34 -34.35 -13.04
N ARG F 286 -20.36 -33.85 -12.33
CA ARG F 286 -21.19 -34.66 -11.43
C ARG F 286 -21.63 -35.98 -12.07
N GLU F 287 -22.00 -35.89 -13.34
CA GLU F 287 -22.55 -37.00 -14.11
C GLU F 287 -21.56 -38.12 -14.49
N PHE F 288 -20.27 -37.80 -14.52
CA PHE F 288 -19.25 -38.73 -15.02
C PHE F 288 -18.42 -39.45 -13.95
N LYS F 289 -18.73 -39.24 -12.68
CA LYS F 289 -17.96 -39.82 -11.57
C LYS F 289 -17.79 -41.35 -11.60
N PRO F 290 -18.89 -42.12 -11.69
CA PRO F 290 -18.76 -43.59 -11.58
C PRO F 290 -18.02 -44.34 -12.70
N TRP F 291 -17.80 -43.75 -13.87
CA TRP F 291 -17.31 -44.53 -15.01
C TRP F 291 -15.84 -44.97 -14.91
N PHE F 292 -14.96 -44.16 -14.33
CA PHE F 292 -13.58 -44.61 -14.25
C PHE F 292 -13.41 -45.61 -13.13
N ASP F 293 -14.36 -45.63 -12.20
CA ASP F 293 -14.32 -46.60 -11.10
C ASP F 293 -14.31 -48.04 -11.61
N THR F 294 -14.57 -48.24 -12.91
CA THR F 294 -14.44 -49.54 -13.52
C THR F 294 -12.95 -49.82 -13.75
N LEU F 295 -12.17 -48.76 -13.83
CA LEU F 295 -10.72 -48.84 -14.05
C LEU F 295 -9.93 -48.20 -12.89
N LYS F 296 -10.61 -47.91 -11.79
CA LYS F 296 -9.99 -47.28 -10.61
C LYS F 296 -8.89 -48.15 -9.98
N ASP F 297 -8.96 -49.46 -10.21
CA ASP F 297 -7.94 -50.39 -9.75
C ASP F 297 -6.63 -50.20 -10.53
N LYS F 298 -6.74 -49.56 -11.70
CA LYS F 298 -5.61 -49.40 -12.60
C LYS F 298 -4.95 -48.04 -12.35
N ILE F 299 -5.42 -47.34 -11.32
CA ILE F 299 -4.98 -45.97 -11.05
C ILE F 299 -4.55 -45.82 -9.59
N LEU F 300 -3.59 -44.93 -9.35
CA LEU F 300 -3.05 -44.71 -8.02
C LEU F 300 -4.03 -44.03 -7.05
N ILE F 301 -4.40 -42.79 -7.33
CA ILE F 301 -5.35 -42.09 -6.47
C ILE F 301 -6.08 -40.95 -7.18
N ASN F 302 -7.36 -40.79 -6.87
CA ASN F 302 -8.14 -39.69 -7.44
C ASN F 302 -8.45 -38.63 -6.41
N LYS F 303 -7.63 -37.59 -6.37
CA LYS F 303 -7.85 -36.47 -5.46
C LYS F 303 -8.13 -35.19 -6.24
N ALA F 304 -8.84 -35.33 -7.35
CA ALA F 304 -9.18 -34.18 -8.18
C ALA F 304 -10.16 -33.27 -7.45
N ILE F 305 -9.99 -31.97 -7.66
CA ILE F 305 -10.84 -30.92 -7.08
C ILE F 305 -12.30 -31.35 -6.88
N ILE F 306 -12.84 -31.05 -5.70
CA ILE F 306 -14.21 -31.40 -5.37
C ILE F 306 -15.16 -30.27 -5.72
N VAL F 307 -16.15 -30.56 -6.56
CA VAL F 307 -17.06 -29.54 -7.05
C VAL F 307 -18.45 -29.69 -6.46
#